data_3V2B
# 
_entry.id   3V2B 
# 
_audit_conform.dict_name       mmcif_pdbx.dic 
_audit_conform.dict_version    5.392 
_audit_conform.dict_location   http://mmcif.pdb.org/dictionaries/ascii/mmcif_pdbx.dic 
# 
loop_
_database_2.database_id 
_database_2.database_code 
_database_2.pdbx_database_accession 
_database_2.pdbx_DOI 
PDB   3V2B         pdb_00003v2b 10.2210/pdb3v2b/pdb 
RCSB  RCSB069505   ?            ?                   
WWPDB D_1000069505 ?            ?                   
# 
loop_
_pdbx_audit_revision_history.ordinal 
_pdbx_audit_revision_history.data_content_type 
_pdbx_audit_revision_history.major_revision 
_pdbx_audit_revision_history.minor_revision 
_pdbx_audit_revision_history.revision_date 
1 'Structure model' 1 0 2011-12-21 
2 'Structure model' 1 1 2013-03-20 
3 'Structure model' 1 2 2023-09-13 
4 'Structure model' 1 3 2024-05-29 
# 
_pdbx_audit_revision_details.ordinal             1 
_pdbx_audit_revision_details.revision_ordinal    1 
_pdbx_audit_revision_details.data_content_type   'Structure model' 
_pdbx_audit_revision_details.provider            repository 
_pdbx_audit_revision_details.type                'Initial release' 
_pdbx_audit_revision_details.description         ? 
_pdbx_audit_revision_details.details             ? 
# 
loop_
_pdbx_audit_revision_group.ordinal 
_pdbx_audit_revision_group.revision_ordinal 
_pdbx_audit_revision_group.data_content_type 
_pdbx_audit_revision_group.group 
1 2 'Structure model' 'Database references'    
2 3 'Structure model' 'Data collection'        
3 3 'Structure model' 'Database references'    
4 3 'Structure model' 'Derived calculations'   
5 3 'Structure model' 'Refinement description' 
6 3 'Structure model' 'Structure summary'      
7 4 'Structure model' 'Derived calculations'   
# 
loop_
_pdbx_audit_revision_category.ordinal 
_pdbx_audit_revision_category.revision_ordinal 
_pdbx_audit_revision_category.data_content_type 
_pdbx_audit_revision_category.category 
1  3 'Structure model' chem_comp                     
2  3 'Structure model' chem_comp_atom                
3  3 'Structure model' chem_comp_bond                
4  3 'Structure model' database_2                    
5  3 'Structure model' pdbx_initial_refinement_model 
6  3 'Structure model' struct_ref_seq_dif            
7  3 'Structure model' struct_site                   
8  4 'Structure model' pdbx_struct_assembly          
9  4 'Structure model' pdbx_struct_assembly_gen      
10 4 'Structure model' pdbx_struct_assembly_prop     
# 
loop_
_pdbx_audit_revision_item.ordinal 
_pdbx_audit_revision_item.revision_ordinal 
_pdbx_audit_revision_item.data_content_type 
_pdbx_audit_revision_item.item 
1 3 'Structure model' '_chem_comp.pdbx_synonyms'            
2 3 'Structure model' '_database_2.pdbx_DOI'                
3 3 'Structure model' '_database_2.pdbx_database_accession' 
4 3 'Structure model' '_struct_ref_seq_dif.details'         
5 3 'Structure model' '_struct_site.pdbx_auth_asym_id'      
6 3 'Structure model' '_struct_site.pdbx_auth_comp_id'      
7 3 'Structure model' '_struct_site.pdbx_auth_seq_id'       
8 4 'Structure model' '_pdbx_struct_assembly_prop.biol_id'  
# 
_pdbx_database_PDB_obs_spr.id               SPRSDE 
_pdbx_database_PDB_obs_spr.date             2013-02-06 
_pdbx_database_PDB_obs_spr.pdb_id           3V2B 
_pdbx_database_PDB_obs_spr.replace_pdb_id   3KH6 
_pdbx_database_PDB_obs_spr.details          ? 
# 
_pdbx_database_status.status_code                     REL 
_pdbx_database_status.entry_id                        3V2B 
_pdbx_database_status.recvd_initial_deposition_date   2011-12-12 
_pdbx_database_status.deposit_site                    RCSB 
_pdbx_database_status.process_site                    RCSB 
_pdbx_database_status.status_code_sf                  REL 
_pdbx_database_status.status_code_mr                  ? 
_pdbx_database_status.SG_entry                        Y 
_pdbx_database_status.status_code_cs                  ? 
_pdbx_database_status.methods_development_category    ? 
_pdbx_database_status.pdb_format_compatible           Y 
_pdbx_database_status.status_code_nmr_data            ? 
# 
loop_
_audit_author.name 
_audit_author.pdbx_ordinal 
'Karlberg, T.'                         1  
'Moche, M.'                            2  
'Arrowsmith, C.H.'                     3  
'Berglund, H.'                         4  
'Bountra, C.'                          5  
'Collins, R.'                          6  
'Edwards, A.M.'                        7  
'Flodin, S.'                           8  
'Flores, A.'                           9  
'Graslund, S.'                         10 
'Hammarstrom, M.'                      11 
'Johansson, I.'                        12 
'Kallas, A.'                           13 
'Kotenyova, T.'                        14 
'Kotzcsh, A.'                          15 
'Kraulis, P.'                          16 
'Nielsen, T.K.'                        17 
'Nordlund, P.'                         18 
'Nyman, T.'                            19 
'Persson, C.'                          20 
'Roos, A.K.'                           21 
'Schutz, P.'                           22 
'Siponen, M.I.'                        23 
'Thorsell, A.G.'                       24 
'Tresaugues, L.'                       25 
'Van den berg, S.'                     26 
'Weigelt, J.'                          27 
'Welin, M.'                            28 
'Wisniewska, M.'                       29 
'Schuler, H.'                          30 
'Structural Genomics Consortium (SGC)' 31 
# 
_citation.id                        primary 
_citation.title                     'Recognition of Mono-ADP-Ribosylated ARTD10 Substrates by ARTD8 Macrodomains.' 
_citation.journal_abbrev            Structure 
_citation.journal_volume            21 
_citation.page_first                462 
_citation.page_last                 475 
_citation.year                      2013 
_citation.journal_id_ASTM           STRUE6 
_citation.country                   UK 
_citation.journal_id_ISSN           0969-2126 
_citation.journal_id_CSD            2005 
_citation.book_publisher            ? 
_citation.pdbx_database_id_PubMed   23473667 
_citation.pdbx_database_id_DOI      10.1016/j.str.2012.12.019 
# 
loop_
_citation_author.citation_id 
_citation_author.name 
_citation_author.ordinal 
_citation_author.identifier_ORCID 
primary 'Forst, A.H.'    1  ? 
primary 'Karlberg, T.'   2  ? 
primary 'Herzog, N.'     3  ? 
primary 'Thorsell, A.G.' 4  ? 
primary 'Gross, A.'      5  ? 
primary 'Feijs, K.L.'    6  ? 
primary 'Verheugd, P.'   7  ? 
primary 'Kursula, P.'    8  ? 
primary 'Nijmeijer, B.'  9  ? 
primary 'Kremmer, E.'    10 ? 
primary 'Kleine, H.'     11 ? 
primary 'Ladurner, A.G.' 12 ? 
primary 'Schuler, H.'    13 ? 
primary 'Luscher, B.'    14 ? 
# 
loop_
_entity.id 
_entity.type 
_entity.src_method 
_entity.pdbx_description 
_entity.formula_weight 
_entity.pdbx_number_of_molecules 
_entity.pdbx_ec 
_entity.pdbx_mutation 
_entity.pdbx_fragment 
_entity.details 
1 polymer     man 'Poly [ADP-ribose] polymerase 15' 21590.600 1  2.4.2.30 ? 'MACRO DOMAIN 2' ? 
2 non-polymer syn 
;[(2R,3S,4R,5R)-5-(6-AMINOPURIN-9-YL)-3,4-DIHYDROXY-OXOLAN-2-YL]METHYL [HYDROXY-[[(2R,3S,4R,5S)-3,4,5-TRIHYDROXYOXOLAN-2-YL]METHOXY]PHOSPHORYL] HYDROGEN PHOSPHATE
;
559.316   1  ?        ? ?                ? 
3 water       nat water 18.015    96 ?        ? ?                ? 
# 
_entity_name_com.entity_id   1 
_entity_name_com.name        'PARP-15, B-aggressive lymphoma protein 3' 
# 
_entity_poly.entity_id                      1 
_entity_poly.type                           'polypeptide(L)' 
_entity_poly.nstd_linkage                   no 
_entity_poly.nstd_monomer                   no 
_entity_poly.pdbx_seq_one_letter_code       
;MHHHHHHSSGVDLGTENLYFQSMTAYEMKIGAITFQVATGDIATEQVDVIVNSTARTFNRKSGVSRAILEGAGQAVESEC
AVLAAQPHRDFIITPGGCLKCKIIIHVPGGKDVRKTVTSVLEECEQRKYTSVSLPAIGTGNAGKNPITVADNIIDAIVDF
SSQHSTPSLKTVKVVIFQPELLNIFYDSMKKRDLSASLN
;
_entity_poly.pdbx_seq_one_letter_code_can   
;MHHHHHHSSGVDLGTENLYFQSMTAYEMKIGAITFQVATGDIATEQVDVIVNSTARTFNRKSGVSRAILEGAGQAVESEC
AVLAAQPHRDFIITPGGCLKCKIIIHVPGGKDVRKTVTSVLEECEQRKYTSVSLPAIGTGNAGKNPITVADNIIDAIVDF
SSQHSTPSLKTVKVVIFQPELLNIFYDSMKKRDLSASLN
;
_entity_poly.pdbx_strand_id                 A 
_entity_poly.pdbx_target_identifier         ? 
# 
loop_
_pdbx_entity_nonpoly.entity_id 
_pdbx_entity_nonpoly.name 
_pdbx_entity_nonpoly.comp_id 
2 
;[(2R,3S,4R,5R)-5-(6-AMINOPURIN-9-YL)-3,4-DIHYDROXY-OXOLAN-2-YL]METHYL [HYDROXY-[[(2R,3S,4R,5S)-3,4,5-TRIHYDROXYOXOLAN-2-YL]METHOXY]PHOSPHORYL] HYDROGEN PHOSPHATE
;
AR6 
3 water HOH 
# 
loop_
_entity_poly_seq.entity_id 
_entity_poly_seq.num 
_entity_poly_seq.mon_id 
_entity_poly_seq.hetero 
1 1   MET n 
1 2   HIS n 
1 3   HIS n 
1 4   HIS n 
1 5   HIS n 
1 6   HIS n 
1 7   HIS n 
1 8   SER n 
1 9   SER n 
1 10  GLY n 
1 11  VAL n 
1 12  ASP n 
1 13  LEU n 
1 14  GLY n 
1 15  THR n 
1 16  GLU n 
1 17  ASN n 
1 18  LEU n 
1 19  TYR n 
1 20  PHE n 
1 21  GLN n 
1 22  SER n 
1 23  MET n 
1 24  THR n 
1 25  ALA n 
1 26  TYR n 
1 27  GLU n 
1 28  MET n 
1 29  LYS n 
1 30  ILE n 
1 31  GLY n 
1 32  ALA n 
1 33  ILE n 
1 34  THR n 
1 35  PHE n 
1 36  GLN n 
1 37  VAL n 
1 38  ALA n 
1 39  THR n 
1 40  GLY n 
1 41  ASP n 
1 42  ILE n 
1 43  ALA n 
1 44  THR n 
1 45  GLU n 
1 46  GLN n 
1 47  VAL n 
1 48  ASP n 
1 49  VAL n 
1 50  ILE n 
1 51  VAL n 
1 52  ASN n 
1 53  SER n 
1 54  THR n 
1 55  ALA n 
1 56  ARG n 
1 57  THR n 
1 58  PHE n 
1 59  ASN n 
1 60  ARG n 
1 61  LYS n 
1 62  SER n 
1 63  GLY n 
1 64  VAL n 
1 65  SER n 
1 66  ARG n 
1 67  ALA n 
1 68  ILE n 
1 69  LEU n 
1 70  GLU n 
1 71  GLY n 
1 72  ALA n 
1 73  GLY n 
1 74  GLN n 
1 75  ALA n 
1 76  VAL n 
1 77  GLU n 
1 78  SER n 
1 79  GLU n 
1 80  CYS n 
1 81  ALA n 
1 82  VAL n 
1 83  LEU n 
1 84  ALA n 
1 85  ALA n 
1 86  GLN n 
1 87  PRO n 
1 88  HIS n 
1 89  ARG n 
1 90  ASP n 
1 91  PHE n 
1 92  ILE n 
1 93  ILE n 
1 94  THR n 
1 95  PRO n 
1 96  GLY n 
1 97  GLY n 
1 98  CYS n 
1 99  LEU n 
1 100 LYS n 
1 101 CYS n 
1 102 LYS n 
1 103 ILE n 
1 104 ILE n 
1 105 ILE n 
1 106 HIS n 
1 107 VAL n 
1 108 PRO n 
1 109 GLY n 
1 110 GLY n 
1 111 LYS n 
1 112 ASP n 
1 113 VAL n 
1 114 ARG n 
1 115 LYS n 
1 116 THR n 
1 117 VAL n 
1 118 THR n 
1 119 SER n 
1 120 VAL n 
1 121 LEU n 
1 122 GLU n 
1 123 GLU n 
1 124 CYS n 
1 125 GLU n 
1 126 GLN n 
1 127 ARG n 
1 128 LYS n 
1 129 TYR n 
1 130 THR n 
1 131 SER n 
1 132 VAL n 
1 133 SER n 
1 134 LEU n 
1 135 PRO n 
1 136 ALA n 
1 137 ILE n 
1 138 GLY n 
1 139 THR n 
1 140 GLY n 
1 141 ASN n 
1 142 ALA n 
1 143 GLY n 
1 144 LYS n 
1 145 ASN n 
1 146 PRO n 
1 147 ILE n 
1 148 THR n 
1 149 VAL n 
1 150 ALA n 
1 151 ASP n 
1 152 ASN n 
1 153 ILE n 
1 154 ILE n 
1 155 ASP n 
1 156 ALA n 
1 157 ILE n 
1 158 VAL n 
1 159 ASP n 
1 160 PHE n 
1 161 SER n 
1 162 SER n 
1 163 GLN n 
1 164 HIS n 
1 165 SER n 
1 166 THR n 
1 167 PRO n 
1 168 SER n 
1 169 LEU n 
1 170 LYS n 
1 171 THR n 
1 172 VAL n 
1 173 LYS n 
1 174 VAL n 
1 175 VAL n 
1 176 ILE n 
1 177 PHE n 
1 178 GLN n 
1 179 PRO n 
1 180 GLU n 
1 181 LEU n 
1 182 LEU n 
1 183 ASN n 
1 184 ILE n 
1 185 PHE n 
1 186 TYR n 
1 187 ASP n 
1 188 SER n 
1 189 MET n 
1 190 LYS n 
1 191 LYS n 
1 192 ARG n 
1 193 ASP n 
1 194 LEU n 
1 195 SER n 
1 196 ALA n 
1 197 SER n 
1 198 LEU n 
1 199 ASN n 
# 
_entity_src_gen.entity_id                          1 
_entity_src_gen.pdbx_src_id                        1 
_entity_src_gen.pdbx_alt_source_flag               sample 
_entity_src_gen.pdbx_seq_type                      ? 
_entity_src_gen.pdbx_beg_seq_num                   ? 
_entity_src_gen.pdbx_end_seq_num                   ? 
_entity_src_gen.gene_src_common_name               human 
_entity_src_gen.gene_src_genus                     ? 
_entity_src_gen.pdbx_gene_src_gene                 'BAL3, PARP15' 
_entity_src_gen.gene_src_species                   ? 
_entity_src_gen.gene_src_strain                    ? 
_entity_src_gen.gene_src_tissue                    ? 
_entity_src_gen.gene_src_tissue_fraction           ? 
_entity_src_gen.gene_src_details                   ? 
_entity_src_gen.pdbx_gene_src_fragment             ? 
_entity_src_gen.pdbx_gene_src_scientific_name      'Homo sapiens' 
_entity_src_gen.pdbx_gene_src_ncbi_taxonomy_id     9606 
_entity_src_gen.pdbx_gene_src_variant              ? 
_entity_src_gen.pdbx_gene_src_cell_line            ? 
_entity_src_gen.pdbx_gene_src_atcc                 ? 
_entity_src_gen.pdbx_gene_src_organ                ? 
_entity_src_gen.pdbx_gene_src_organelle            ? 
_entity_src_gen.pdbx_gene_src_cell                 ? 
_entity_src_gen.pdbx_gene_src_cellular_location    ? 
_entity_src_gen.host_org_common_name               ? 
_entity_src_gen.pdbx_host_org_scientific_name      'Escherichia coli' 
_entity_src_gen.pdbx_host_org_ncbi_taxonomy_id     469008 
_entity_src_gen.host_org_genus                     ? 
_entity_src_gen.pdbx_host_org_gene                 ? 
_entity_src_gen.pdbx_host_org_organ                ? 
_entity_src_gen.host_org_species                   ? 
_entity_src_gen.pdbx_host_org_tissue               ? 
_entity_src_gen.pdbx_host_org_tissue_fraction      ? 
_entity_src_gen.pdbx_host_org_strain               'BL21(DE3) R3 PRARE' 
_entity_src_gen.pdbx_host_org_variant              ? 
_entity_src_gen.pdbx_host_org_cell_line            ? 
_entity_src_gen.pdbx_host_org_atcc                 ? 
_entity_src_gen.pdbx_host_org_culture_collection   ? 
_entity_src_gen.pdbx_host_org_cell                 ? 
_entity_src_gen.pdbx_host_org_organelle            ? 
_entity_src_gen.pdbx_host_org_cellular_location    ? 
_entity_src_gen.pdbx_host_org_vector_type          PLASMID 
_entity_src_gen.pdbx_host_org_vector               ? 
_entity_src_gen.host_org_details                   ? 
_entity_src_gen.expression_system_id               ? 
_entity_src_gen.plasmid_name                       PNIC-BSA4 
_entity_src_gen.plasmid_details                    ? 
_entity_src_gen.pdbx_description                   ? 
# 
loop_
_chem_comp.id 
_chem_comp.type 
_chem_comp.mon_nstd_flag 
_chem_comp.name 
_chem_comp.pdbx_synonyms 
_chem_comp.formula 
_chem_comp.formula_weight 
ALA 'L-peptide linking' y ALANINE ?                           'C3 H7 N O2'        89.093  
AR6 non-polymer         . 
;[(2R,3S,4R,5R)-5-(6-AMINOPURIN-9-YL)-3,4-DIHYDROXY-OXOLAN-2-YL]METHYL [HYDROXY-[[(2R,3S,4R,5S)-3,4,5-TRIHYDROXYOXOLAN-2-YL]METHOXY]PHOSPHORYL] HYDROGEN PHOSPHATE
;
Adenosine-5-Diphosphoribose 'C15 H23 N5 O14 P2' 559.316 
ARG 'L-peptide linking' y ARGININE ?                           'C6 H15 N4 O2 1'    175.209 
ASN 'L-peptide linking' y ASPARAGINE ?                           'C4 H8 N2 O3'       132.118 
ASP 'L-peptide linking' y 'ASPARTIC ACID' ?                           'C4 H7 N O4'        133.103 
CYS 'L-peptide linking' y CYSTEINE ?                           'C3 H7 N O2 S'      121.158 
GLN 'L-peptide linking' y GLUTAMINE ?                           'C5 H10 N2 O3'      146.144 
GLU 'L-peptide linking' y 'GLUTAMIC ACID' ?                           'C5 H9 N O4'        147.129 
GLY 'peptide linking'   y GLYCINE ?                           'C2 H5 N O2'        75.067  
HIS 'L-peptide linking' y HISTIDINE ?                           'C6 H10 N3 O2 1'    156.162 
HOH non-polymer         . WATER ?                           'H2 O'              18.015  
ILE 'L-peptide linking' y ISOLEUCINE ?                           'C6 H13 N O2'       131.173 
LEU 'L-peptide linking' y LEUCINE ?                           'C6 H13 N O2'       131.173 
LYS 'L-peptide linking' y LYSINE ?                           'C6 H15 N2 O2 1'    147.195 
MET 'L-peptide linking' y METHIONINE ?                           'C5 H11 N O2 S'     149.211 
PHE 'L-peptide linking' y PHENYLALANINE ?                           'C9 H11 N O2'       165.189 
PRO 'L-peptide linking' y PROLINE ?                           'C5 H9 N O2'        115.130 
SER 'L-peptide linking' y SERINE ?                           'C3 H7 N O3'        105.093 
THR 'L-peptide linking' y THREONINE ?                           'C4 H9 N O3'        119.119 
TYR 'L-peptide linking' y TYROSINE ?                           'C9 H11 N O3'       181.189 
VAL 'L-peptide linking' y VALINE ?                           'C5 H11 N O2'       117.146 
# 
loop_
_pdbx_poly_seq_scheme.asym_id 
_pdbx_poly_seq_scheme.entity_id 
_pdbx_poly_seq_scheme.seq_id 
_pdbx_poly_seq_scheme.mon_id 
_pdbx_poly_seq_scheme.ndb_seq_num 
_pdbx_poly_seq_scheme.pdb_seq_num 
_pdbx_poly_seq_scheme.auth_seq_num 
_pdbx_poly_seq_scheme.pdb_mon_id 
_pdbx_poly_seq_scheme.auth_mon_id 
_pdbx_poly_seq_scheme.pdb_strand_id 
_pdbx_poly_seq_scheme.pdb_ins_code 
_pdbx_poly_seq_scheme.hetero 
A 1 1   MET 1   250 ?   ?   ?   A . n 
A 1 2   HIS 2   251 ?   ?   ?   A . n 
A 1 3   HIS 3   252 ?   ?   ?   A . n 
A 1 4   HIS 4   253 ?   ?   ?   A . n 
A 1 5   HIS 5   254 ?   ?   ?   A . n 
A 1 6   HIS 6   255 ?   ?   ?   A . n 
A 1 7   HIS 7   256 ?   ?   ?   A . n 
A 1 8   SER 8   257 ?   ?   ?   A . n 
A 1 9   SER 9   258 ?   ?   ?   A . n 
A 1 10  GLY 10  259 ?   ?   ?   A . n 
A 1 11  VAL 11  260 ?   ?   ?   A . n 
A 1 12  ASP 12  261 ?   ?   ?   A . n 
A 1 13  LEU 13  262 ?   ?   ?   A . n 
A 1 14  GLY 14  263 ?   ?   ?   A . n 
A 1 15  THR 15  264 ?   ?   ?   A . n 
A 1 16  GLU 16  265 ?   ?   ?   A . n 
A 1 17  ASN 17  266 ?   ?   ?   A . n 
A 1 18  LEU 18  267 ?   ?   ?   A . n 
A 1 19  TYR 19  268 268 TYR TYR A . n 
A 1 20  PHE 20  269 269 PHE PHE A . n 
A 1 21  GLN 21  270 270 GLN GLN A . n 
A 1 22  SER 22  271 271 SER SER A . n 
A 1 23  MET 23  272 272 MET MET A . n 
A 1 24  THR 24  273 273 THR THR A . n 
A 1 25  ALA 25  274 274 ALA ALA A . n 
A 1 26  TYR 26  275 275 TYR TYR A . n 
A 1 27  GLU 27  276 276 GLU GLU A . n 
A 1 28  MET 28  277 277 MET MET A . n 
A 1 29  LYS 29  278 278 LYS LYS A . n 
A 1 30  ILE 30  279 279 ILE ILE A . n 
A 1 31  GLY 31  280 280 GLY GLY A . n 
A 1 32  ALA 32  281 281 ALA ALA A . n 
A 1 33  ILE 33  282 282 ILE ILE A . n 
A 1 34  THR 34  283 283 THR THR A . n 
A 1 35  PHE 35  284 284 PHE PHE A . n 
A 1 36  GLN 36  285 285 GLN GLN A . n 
A 1 37  VAL 37  286 286 VAL VAL A . n 
A 1 38  ALA 38  287 287 ALA ALA A . n 
A 1 39  THR 39  288 288 THR THR A . n 
A 1 40  GLY 40  289 289 GLY GLY A . n 
A 1 41  ASP 41  290 290 ASP ASP A . n 
A 1 42  ILE 42  291 291 ILE ILE A . n 
A 1 43  ALA 43  292 292 ALA ALA A . n 
A 1 44  THR 44  293 293 THR THR A . n 
A 1 45  GLU 45  294 294 GLU GLU A . n 
A 1 46  GLN 46  295 295 GLN GLN A . n 
A 1 47  VAL 47  296 296 VAL VAL A . n 
A 1 48  ASP 48  297 297 ASP ASP A . n 
A 1 49  VAL 49  298 298 VAL VAL A . n 
A 1 50  ILE 50  299 299 ILE ILE A . n 
A 1 51  VAL 51  300 300 VAL VAL A . n 
A 1 52  ASN 52  301 301 ASN ASN A . n 
A 1 53  SER 53  302 302 SER SER A . n 
A 1 54  THR 54  303 303 THR THR A . n 
A 1 55  ALA 55  304 304 ALA ALA A . n 
A 1 56  ARG 56  305 305 ARG ARG A . n 
A 1 57  THR 57  306 306 THR THR A . n 
A 1 58  PHE 58  307 307 PHE PHE A . n 
A 1 59  ASN 59  308 308 ASN ASN A . n 
A 1 60  ARG 60  309 309 ARG ARG A . n 
A 1 61  LYS 61  310 310 LYS LYS A . n 
A 1 62  SER 62  311 311 SER SER A . n 
A 1 63  GLY 63  312 312 GLY GLY A . n 
A 1 64  VAL 64  313 313 VAL VAL A . n 
A 1 65  SER 65  314 314 SER SER A . n 
A 1 66  ARG 66  315 315 ARG ARG A . n 
A 1 67  ALA 67  316 316 ALA ALA A . n 
A 1 68  ILE 68  317 317 ILE ILE A . n 
A 1 69  LEU 69  318 318 LEU LEU A . n 
A 1 70  GLU 70  319 319 GLU GLU A . n 
A 1 71  GLY 71  320 320 GLY GLY A . n 
A 1 72  ALA 72  321 321 ALA ALA A . n 
A 1 73  GLY 73  322 322 GLY GLY A . n 
A 1 74  GLN 74  323 323 GLN GLN A . n 
A 1 75  ALA 75  324 324 ALA ALA A . n 
A 1 76  VAL 76  325 325 VAL VAL A . n 
A 1 77  GLU 77  326 326 GLU GLU A . n 
A 1 78  SER 78  327 327 SER SER A . n 
A 1 79  GLU 79  328 328 GLU GLU A . n 
A 1 80  CYS 80  329 329 CYS CYS A . n 
A 1 81  ALA 81  330 330 ALA ALA A . n 
A 1 82  VAL 82  331 331 VAL VAL A . n 
A 1 83  LEU 83  332 332 LEU LEU A . n 
A 1 84  ALA 84  333 333 ALA ALA A . n 
A 1 85  ALA 85  334 334 ALA ALA A . n 
A 1 86  GLN 86  335 335 GLN GLN A . n 
A 1 87  PRO 87  336 336 PRO PRO A . n 
A 1 88  HIS 88  337 337 HIS HIS A . n 
A 1 89  ARG 89  338 338 ARG ARG A . n 
A 1 90  ASP 90  339 339 ASP ASP A . n 
A 1 91  PHE 91  340 340 PHE PHE A . n 
A 1 92  ILE 92  341 341 ILE ILE A . n 
A 1 93  ILE 93  342 342 ILE ILE A . n 
A 1 94  THR 94  343 343 THR THR A . n 
A 1 95  PRO 95  344 344 PRO PRO A . n 
A 1 96  GLY 96  345 345 GLY GLY A . n 
A 1 97  GLY 97  346 346 GLY GLY A . n 
A 1 98  CYS 98  347 347 CYS CYS A . n 
A 1 99  LEU 99  348 348 LEU LEU A . n 
A 1 100 LYS 100 349 349 LYS LYS A . n 
A 1 101 CYS 101 350 350 CYS CYS A . n 
A 1 102 LYS 102 351 351 LYS LYS A . n 
A 1 103 ILE 103 352 352 ILE ILE A . n 
A 1 104 ILE 104 353 353 ILE ILE A . n 
A 1 105 ILE 105 354 354 ILE ILE A . n 
A 1 106 HIS 106 355 355 HIS HIS A . n 
A 1 107 VAL 107 356 356 VAL VAL A . n 
A 1 108 PRO 108 357 357 PRO PRO A . n 
A 1 109 GLY 109 358 358 GLY GLY A . n 
A 1 110 GLY 110 359 359 GLY GLY A . n 
A 1 111 LYS 111 360 360 LYS LYS A . n 
A 1 112 ASP 112 361 361 ASP ASP A . n 
A 1 113 VAL 113 362 362 VAL VAL A . n 
A 1 114 ARG 114 363 363 ARG ARG A . n 
A 1 115 LYS 115 364 364 LYS LYS A . n 
A 1 116 THR 116 365 365 THR THR A . n 
A 1 117 VAL 117 366 366 VAL VAL A . n 
A 1 118 THR 118 367 367 THR THR A . n 
A 1 119 SER 119 368 368 SER SER A . n 
A 1 120 VAL 120 369 369 VAL VAL A . n 
A 1 121 LEU 121 370 370 LEU LEU A . n 
A 1 122 GLU 122 371 371 GLU GLU A . n 
A 1 123 GLU 123 372 372 GLU GLU A . n 
A 1 124 CYS 124 373 373 CYS CYS A . n 
A 1 125 GLU 125 374 374 GLU GLU A . n 
A 1 126 GLN 126 375 375 GLN GLN A . n 
A 1 127 ARG 127 376 376 ARG ARG A . n 
A 1 128 LYS 128 377 377 LYS LYS A . n 
A 1 129 TYR 129 378 378 TYR TYR A . n 
A 1 130 THR 130 379 379 THR THR A . n 
A 1 131 SER 131 380 380 SER SER A . n 
A 1 132 VAL 132 381 381 VAL VAL A . n 
A 1 133 SER 133 382 382 SER SER A . n 
A 1 134 LEU 134 383 383 LEU LEU A . n 
A 1 135 PRO 135 384 384 PRO PRO A . n 
A 1 136 ALA 136 385 385 ALA ALA A . n 
A 1 137 ILE 137 386 386 ILE ILE A . n 
A 1 138 GLY 138 387 387 GLY GLY A . n 
A 1 139 THR 139 388 388 THR THR A . n 
A 1 140 GLY 140 389 389 GLY GLY A . n 
A 1 141 ASN 141 390 390 ASN ASN A . n 
A 1 142 ALA 142 391 391 ALA ALA A . n 
A 1 143 GLY 143 392 392 GLY GLY A . n 
A 1 144 LYS 144 393 393 LYS LYS A . n 
A 1 145 ASN 145 394 394 ASN ASN A . n 
A 1 146 PRO 146 395 395 PRO PRO A . n 
A 1 147 ILE 147 396 396 ILE ILE A . n 
A 1 148 THR 148 397 397 THR THR A . n 
A 1 149 VAL 149 398 398 VAL VAL A . n 
A 1 150 ALA 150 399 399 ALA ALA A . n 
A 1 151 ASP 151 400 400 ASP ASP A . n 
A 1 152 ASN 152 401 401 ASN ASN A . n 
A 1 153 ILE 153 402 402 ILE ILE A . n 
A 1 154 ILE 154 403 403 ILE ILE A . n 
A 1 155 ASP 155 404 404 ASP ASP A . n 
A 1 156 ALA 156 405 405 ALA ALA A . n 
A 1 157 ILE 157 406 406 ILE ILE A . n 
A 1 158 VAL 158 407 407 VAL VAL A . n 
A 1 159 ASP 159 408 408 ASP ASP A . n 
A 1 160 PHE 160 409 409 PHE PHE A . n 
A 1 161 SER 161 410 410 SER SER A . n 
A 1 162 SER 162 411 411 SER SER A . n 
A 1 163 GLN 163 412 412 GLN GLN A . n 
A 1 164 HIS 164 413 413 HIS HIS A . n 
A 1 165 SER 165 414 414 SER SER A . n 
A 1 166 THR 166 415 415 THR THR A . n 
A 1 167 PRO 167 416 416 PRO PRO A . n 
A 1 168 SER 168 417 417 SER SER A . n 
A 1 169 LEU 169 418 418 LEU LEU A . n 
A 1 170 LYS 170 419 419 LYS LYS A . n 
A 1 171 THR 171 420 420 THR THR A . n 
A 1 172 VAL 172 421 421 VAL VAL A . n 
A 1 173 LYS 173 422 422 LYS LYS A . n 
A 1 174 VAL 174 423 423 VAL VAL A . n 
A 1 175 VAL 175 424 424 VAL VAL A . n 
A 1 176 ILE 176 425 425 ILE ILE A . n 
A 1 177 PHE 177 426 426 PHE PHE A . n 
A 1 178 GLN 178 427 427 GLN GLN A . n 
A 1 179 PRO 179 428 428 PRO PRO A . n 
A 1 180 GLU 180 429 429 GLU GLU A . n 
A 1 181 LEU 181 430 430 LEU LEU A . n 
A 1 182 LEU 182 431 431 LEU LEU A . n 
A 1 183 ASN 183 432 432 ASN ASN A . n 
A 1 184 ILE 184 433 433 ILE ILE A . n 
A 1 185 PHE 185 434 434 PHE PHE A . n 
A 1 186 TYR 186 435 435 TYR TYR A . n 
A 1 187 ASP 187 436 436 ASP ASP A . n 
A 1 188 SER 188 437 437 SER SER A . n 
A 1 189 MET 189 438 438 MET MET A . n 
A 1 190 LYS 190 439 439 LYS LYS A . n 
A 1 191 LYS 191 440 440 LYS LYS A . n 
A 1 192 ARG 192 441 441 ARG ARG A . n 
A 1 193 ASP 193 442 442 ASP ASP A . n 
A 1 194 LEU 194 443 443 LEU LEU A . n 
A 1 195 SER 195 444 ?   ?   ?   A . n 
A 1 196 ALA 196 445 ?   ?   ?   A . n 
A 1 197 SER 197 446 ?   ?   ?   A . n 
A 1 198 LEU 198 447 ?   ?   ?   A . n 
A 1 199 ASN 199 448 ?   ?   ?   A . n 
# 
loop_
_pdbx_nonpoly_scheme.asym_id 
_pdbx_nonpoly_scheme.entity_id 
_pdbx_nonpoly_scheme.mon_id 
_pdbx_nonpoly_scheme.ndb_seq_num 
_pdbx_nonpoly_scheme.pdb_seq_num 
_pdbx_nonpoly_scheme.auth_seq_num 
_pdbx_nonpoly_scheme.pdb_mon_id 
_pdbx_nonpoly_scheme.auth_mon_id 
_pdbx_nonpoly_scheme.pdb_strand_id 
_pdbx_nonpoly_scheme.pdb_ins_code 
B 2 AR6 1  800 800 AR6 AR6 A . 
C 3 HOH 1  1   1   HOH HOH A . 
C 3 HOH 2  2   2   HOH HOH A . 
C 3 HOH 3  3   3   HOH HOH A . 
C 3 HOH 4  4   4   HOH HOH A . 
C 3 HOH 5  5   5   HOH HOH A . 
C 3 HOH 6  6   6   HOH HOH A . 
C 3 HOH 7  7   7   HOH HOH A . 
C 3 HOH 8  8   8   HOH HOH A . 
C 3 HOH 9  9   9   HOH HOH A . 
C 3 HOH 10 10  10  HOH HOH A . 
C 3 HOH 11 11  11  HOH HOH A . 
C 3 HOH 12 12  12  HOH HOH A . 
C 3 HOH 13 13  13  HOH HOH A . 
C 3 HOH 14 14  14  HOH HOH A . 
C 3 HOH 15 15  15  HOH HOH A . 
C 3 HOH 16 16  16  HOH HOH A . 
C 3 HOH 17 17  17  HOH HOH A . 
C 3 HOH 18 18  18  HOH HOH A . 
C 3 HOH 19 19  19  HOH HOH A . 
C 3 HOH 20 20  20  HOH HOH A . 
C 3 HOH 21 21  21  HOH HOH A . 
C 3 HOH 22 22  22  HOH HOH A . 
C 3 HOH 23 23  23  HOH HOH A . 
C 3 HOH 24 24  24  HOH HOH A . 
C 3 HOH 25 25  25  HOH HOH A . 
C 3 HOH 26 26  26  HOH HOH A . 
C 3 HOH 27 27  27  HOH HOH A . 
C 3 HOH 28 28  28  HOH HOH A . 
C 3 HOH 29 29  29  HOH HOH A . 
C 3 HOH 30 30  30  HOH HOH A . 
C 3 HOH 31 31  31  HOH HOH A . 
C 3 HOH 32 32  32  HOH HOH A . 
C 3 HOH 33 33  33  HOH HOH A . 
C 3 HOH 34 34  34  HOH HOH A . 
C 3 HOH 35 35  35  HOH HOH A . 
C 3 HOH 36 36  36  HOH HOH A . 
C 3 HOH 37 37  37  HOH HOH A . 
C 3 HOH 38 38  38  HOH HOH A . 
C 3 HOH 39 39  39  HOH HOH A . 
C 3 HOH 40 40  40  HOH HOH A . 
C 3 HOH 41 41  41  HOH HOH A . 
C 3 HOH 42 42  42  HOH HOH A . 
C 3 HOH 43 43  43  HOH HOH A . 
C 3 HOH 44 44  44  HOH HOH A . 
C 3 HOH 45 45  45  HOH HOH A . 
C 3 HOH 46 46  46  HOH HOH A . 
C 3 HOH 47 47  47  HOH HOH A . 
C 3 HOH 48 48  48  HOH HOH A . 
C 3 HOH 49 49  49  HOH HOH A . 
C 3 HOH 50 50  50  HOH HOH A . 
C 3 HOH 51 51  51  HOH HOH A . 
C 3 HOH 52 52  52  HOH HOH A . 
C 3 HOH 53 53  53  HOH HOH A . 
C 3 HOH 54 54  54  HOH HOH A . 
C 3 HOH 55 55  55  HOH HOH A . 
C 3 HOH 56 56  56  HOH HOH A . 
C 3 HOH 57 57  57  HOH HOH A . 
C 3 HOH 58 58  58  HOH HOH A . 
C 3 HOH 59 59  59  HOH HOH A . 
C 3 HOH 60 60  60  HOH HOH A . 
C 3 HOH 61 61  61  HOH HOH A . 
C 3 HOH 62 62  62  HOH HOH A . 
C 3 HOH 63 63  63  HOH HOH A . 
C 3 HOH 64 64  64  HOH HOH A . 
C 3 HOH 65 65  65  HOH HOH A . 
C 3 HOH 66 66  66  HOH HOH A . 
C 3 HOH 67 67  67  HOH HOH A . 
C 3 HOH 68 68  68  HOH HOH A . 
C 3 HOH 69 69  69  HOH HOH A . 
C 3 HOH 70 70  70  HOH HOH A . 
C 3 HOH 71 71  71  HOH HOH A . 
C 3 HOH 72 72  72  HOH HOH A . 
C 3 HOH 73 73  73  HOH HOH A . 
C 3 HOH 74 74  74  HOH HOH A . 
C 3 HOH 75 75  75  HOH HOH A . 
C 3 HOH 76 76  76  HOH HOH A . 
C 3 HOH 77 77  77  HOH HOH A . 
C 3 HOH 78 78  78  HOH HOH A . 
C 3 HOH 79 79  79  HOH HOH A . 
C 3 HOH 80 80  80  HOH HOH A . 
C 3 HOH 81 81  81  HOH HOH A . 
C 3 HOH 82 82  82  HOH HOH A . 
C 3 HOH 83 83  83  HOH HOH A . 
C 3 HOH 84 84  84  HOH HOH A . 
C 3 HOH 85 85  85  HOH HOH A . 
C 3 HOH 86 86  86  HOH HOH A . 
C 3 HOH 87 87  87  HOH HOH A . 
C 3 HOH 88 88  88  HOH HOH A . 
C 3 HOH 89 89  89  HOH HOH A . 
C 3 HOH 90 90  90  HOH HOH A . 
C 3 HOH 91 91  91  HOH HOH A . 
C 3 HOH 92 92  92  HOH HOH A . 
C 3 HOH 93 93  93  HOH HOH A . 
C 3 HOH 94 94  94  HOH HOH A . 
C 3 HOH 95 95  95  HOH HOH A . 
C 3 HOH 96 96  96  HOH HOH A . 
# 
loop_
_software.name 
_software.classification 
_software.version 
_software.citation_id 
_software.pdbx_ordinal 
MxCuBE 'data collection' .        ? 1 
BALBES phasing           .        ? 2 
REFMAC refinement        5.5.0102 ? 3 
XDS    'data reduction'  .        ? 4 
XSCALE 'data scaling'    .        ? 5 
# 
_cell.entry_id           3V2B 
_cell.length_a           68.102 
_cell.length_b           91.187 
_cell.length_c           62.851 
_cell.angle_alpha        90.00 
_cell.angle_beta         90.00 
_cell.angle_gamma        90.00 
_cell.Z_PDB              8 
_cell.pdbx_unique_axis   ? 
_cell.length_a_esd       ? 
_cell.length_b_esd       ? 
_cell.length_c_esd       ? 
_cell.angle_alpha_esd    ? 
_cell.angle_beta_esd     ? 
_cell.angle_gamma_esd    ? 
# 
_symmetry.entry_id                         3V2B 
_symmetry.space_group_name_H-M             'C 2 2 21' 
_symmetry.pdbx_full_space_group_name_H-M   ? 
_symmetry.cell_setting                     ? 
_symmetry.Int_Tables_number                20 
_symmetry.space_group_name_Hall            ? 
# 
_exptl.entry_id          3V2B 
_exptl.method            'X-RAY DIFFRACTION' 
_exptl.crystals_number   1 
# 
_exptl_crystal.id                    1 
_exptl_crystal.density_meas          ? 
_exptl_crystal.density_Matthews      2.26 
_exptl_crystal.density_percent_sol   45.57 
_exptl_crystal.description           ? 
_exptl_crystal.F_000                 ? 
_exptl_crystal.preparation           ? 
# 
_exptl_crystal_grow.crystal_id      1 
_exptl_crystal_grow.method          'VAPOR DIFFUSION, SITTING DROP' 
_exptl_crystal_grow.temp            277 
_exptl_crystal_grow.temp_details    ? 
_exptl_crystal_grow.pH              5 
_exptl_crystal_grow.pdbx_details    
'20% PEG6000, 0.1M NA-ACETATE, 0.2M NaCl, pH 5, VAPOR DIFFUSION, SITTING DROP, temperature 277K' 
_exptl_crystal_grow.pdbx_pH_range   ? 
# 
_diffrn.id                     1 
_diffrn.ambient_temp           100 
_diffrn.ambient_temp_details   ? 
_diffrn.crystal_id             1 
# 
_diffrn_detector.diffrn_id              1 
_diffrn_detector.detector               CCD 
_diffrn_detector.type                   'MAR CCD 165 mm' 
_diffrn_detector.pdbx_collection_date   2009-06-02 
_diffrn_detector.details                MIRRORS 
# 
_diffrn_radiation.diffrn_id                        1 
_diffrn_radiation.wavelength_id                    1 
_diffrn_radiation.pdbx_monochromatic_or_laue_m_l   M 
_diffrn_radiation.monochromator                    MIRRORS 
_diffrn_radiation.pdbx_diffrn_protocol             'SINGLE WAVELENGTH' 
_diffrn_radiation.pdbx_scattering_type             x-ray 
# 
_diffrn_radiation_wavelength.id           1 
_diffrn_radiation_wavelength.wavelength   0.91841 
_diffrn_radiation_wavelength.wt           1.0 
# 
_diffrn_source.diffrn_id                   1 
_diffrn_source.source                      SYNCHROTRON 
_diffrn_source.type                        'BESSY BEAMLINE 14.2' 
_diffrn_source.pdbx_synchrotron_site       BESSY 
_diffrn_source.pdbx_synchrotron_beamline   14.2 
_diffrn_source.pdbx_wavelength             ? 
_diffrn_source.pdbx_wavelength_list        0.91841 
# 
_reflns.entry_id                     3V2B 
_reflns.observed_criterion_sigma_I   0 
_reflns.observed_criterion_sigma_F   0 
_reflns.d_resolution_low             35.0 
_reflns.d_resolution_high            2.2 
_reflns.number_obs                   10255 
_reflns.number_all                   10255 
_reflns.percent_possible_obs         100 
_reflns.pdbx_Rmerge_I_obs            0.1270 
_reflns.pdbx_Rsym_value              0.1200 
_reflns.pdbx_netI_over_sigmaI        13.9 
_reflns.B_iso_Wilson_estimate        ? 
_reflns.pdbx_redundancy              7.2 
_reflns.R_free_details               ? 
_reflns.limit_h_max                  ? 
_reflns.limit_h_min                  ? 
_reflns.limit_k_max                  ? 
_reflns.limit_k_min                  ? 
_reflns.limit_l_max                  ? 
_reflns.limit_l_min                  ? 
_reflns.observed_criterion_F_max     ? 
_reflns.observed_criterion_F_min     ? 
_reflns.pdbx_chi_squared             ? 
_reflns.pdbx_scaling_rejects         ? 
_reflns.pdbx_ordinal                 1 
_reflns.pdbx_diffrn_id               1 
# 
_reflns_shell.d_res_high             2.20 
_reflns_shell.d_res_low              2.26 
_reflns_shell.percent_possible_all   100 
_reflns_shell.Rmerge_I_obs           0.5530 
_reflns_shell.pdbx_Rsym_value        0.4170 
_reflns_shell.meanI_over_sigI_obs    4.4 
_reflns_shell.pdbx_redundancy        7.2 
_reflns_shell.percent_possible_obs   ? 
_reflns_shell.number_unique_all      ? 
_reflns_shell.number_measured_all    ? 
_reflns_shell.number_measured_obs    ? 
_reflns_shell.number_unique_obs      ? 
_reflns_shell.pdbx_chi_squared       ? 
_reflns_shell.pdbx_ordinal           1 
_reflns_shell.pdbx_diffrn_id         1 
# 
_refine.entry_id                                 3V2B 
_refine.ls_number_reflns_obs                     9742 
_refine.ls_number_reflns_all                     9742 
_refine.pdbx_ls_sigma_I                          0 
_refine.pdbx_ls_sigma_F                          0 
_refine.pdbx_data_cutoff_high_absF               ? 
_refine.pdbx_data_cutoff_low_absF                ? 
_refine.pdbx_data_cutoff_high_rms_absF           ? 
_refine.ls_d_res_low                             34.05 
_refine.ls_d_res_high                            2.20 
_refine.ls_percent_reflns_obs                    100.00 
_refine.ls_R_factor_obs                          0.17648 
_refine.ls_R_factor_all                          0.17648 
_refine.ls_R_factor_R_work                       0.17327 
_refine.ls_R_factor_R_free                       0.23823 
_refine.ls_R_factor_R_free_error                 ? 
_refine.ls_R_factor_R_free_error_details         ? 
_refine.ls_percent_reflns_R_free                 5.0 
_refine.ls_number_reflns_R_free                  513 
_refine.ls_number_parameters                     ? 
_refine.ls_number_restraints                     ? 
_refine.occupancy_min                            ? 
_refine.occupancy_max                            ? 
_refine.correlation_coeff_Fo_to_Fc               0.953 
_refine.correlation_coeff_Fo_to_Fc_free          0.903 
_refine.B_iso_mean                               19.384 
_refine.aniso_B[1][1]                            2.02 
_refine.aniso_B[2][2]                            -0.66 
_refine.aniso_B[3][3]                            -1.37 
_refine.aniso_B[1][2]                            0.00 
_refine.aniso_B[1][3]                            0.00 
_refine.aniso_B[2][3]                            0.00 
_refine.solvent_model_details                    MASK 
_refine.solvent_model_param_ksol                 ? 
_refine.solvent_model_param_bsol                 ? 
_refine.pdbx_solvent_vdw_probe_radii             1.20 
_refine.pdbx_solvent_ion_probe_radii             0.80 
_refine.pdbx_solvent_shrinkage_radii             0.80 
_refine.pdbx_ls_cross_valid_method               THROUGHOUT 
_refine.details                                  'HYDROGENS HAVE BEEN ADDED IN THE RIDING POSITIONS' 
_refine.pdbx_starting_model                      'PDB ENTRY 1SPV' 
_refine.pdbx_method_to_determine_struct          'MOLECULAR REPLACEMENT' 
_refine.pdbx_isotropic_thermal_model             ? 
_refine.pdbx_stereochemistry_target_values       'MAXIMUM LIKELIHOOD' 
_refine.pdbx_stereochem_target_val_spec_case     ? 
_refine.pdbx_R_Free_selection_details            RANDOM 
_refine.pdbx_overall_ESU_R                       0.243 
_refine.pdbx_overall_ESU_R_Free                  0.208 
_refine.overall_SU_ML                            0.136 
_refine.pdbx_overall_phase_error                 ? 
_refine.overall_SU_B                             5.287 
_refine.overall_SU_R_Cruickshank_DPI             ? 
_refine.ls_redundancy_reflns_obs                 ? 
_refine.B_iso_min                                ? 
_refine.B_iso_max                                ? 
_refine.overall_SU_R_free                        ? 
_refine.ls_wR_factor_R_free                      ? 
_refine.ls_wR_factor_R_work                      ? 
_refine.overall_FOM_free_R_set                   ? 
_refine.overall_FOM_work_R_set                   ? 
_refine.pdbx_diffrn_id                           1 
_refine.pdbx_refine_id                           'X-RAY DIFFRACTION' 
_refine.pdbx_TLS_residual_ADP_flag               ? 
_refine.pdbx_overall_SU_R_free_Cruickshank_DPI   ? 
_refine.pdbx_overall_SU_R_Blow_DPI               ? 
_refine.pdbx_overall_SU_R_free_Blow_DPI          ? 
# 
_refine_hist.pdbx_refine_id                   'X-RAY DIFFRACTION' 
_refine_hist.cycle_id                         LAST 
_refine_hist.pdbx_number_atoms_protein        1336 
_refine_hist.pdbx_number_atoms_nucleic_acid   0 
_refine_hist.pdbx_number_atoms_ligand         36 
_refine_hist.number_atoms_solvent             96 
_refine_hist.number_atoms_total               1468 
_refine_hist.d_res_high                       2.20 
_refine_hist.d_res_low                        34.05 
# 
loop_
_refine_ls_restr.type 
_refine_ls_restr.dev_ideal 
_refine_ls_restr.dev_ideal_target 
_refine_ls_restr.weight 
_refine_ls_restr.number 
_refine_ls_restr.pdbx_restraint_function 
_refine_ls_restr.pdbx_refine_id 
r_bond_refined_d             0.018  0.022  ? 1420 ? 'X-RAY DIFFRACTION' 
r_bond_other_d               0.002  0.020  ? 940  ? 'X-RAY DIFFRACTION' 
r_angle_refined_deg          1.586  1.995  ? 1936 ? 'X-RAY DIFFRACTION' 
r_angle_other_deg            0.934  3.002  ? 2301 ? 'X-RAY DIFFRACTION' 
r_dihedral_angle_1_deg       5.754  5.000  ? 183  ? 'X-RAY DIFFRACTION' 
r_dihedral_angle_2_deg       33.357 24.909 ? 55   ? 'X-RAY DIFFRACTION' 
r_dihedral_angle_3_deg       15.000 15.000 ? 247  ? 'X-RAY DIFFRACTION' 
r_dihedral_angle_4_deg       18.914 15.000 ? 7    ? 'X-RAY DIFFRACTION' 
r_chiral_restr               0.097  0.200  ? 235  ? 'X-RAY DIFFRACTION' 
r_gen_planes_refined         0.006  0.021  ? 1548 ? 'X-RAY DIFFRACTION' 
r_gen_planes_other           0.001  0.020  ? 258  ? 'X-RAY DIFFRACTION' 
r_nbd_refined                ?      ?      ? ?    ? 'X-RAY DIFFRACTION' 
r_nbd_other                  ?      ?      ? ?    ? 'X-RAY DIFFRACTION' 
r_nbtor_refined              ?      ?      ? ?    ? 'X-RAY DIFFRACTION' 
r_nbtor_other                ?      ?      ? ?    ? 'X-RAY DIFFRACTION' 
r_xyhbond_nbd_refined        ?      ?      ? ?    ? 'X-RAY DIFFRACTION' 
r_xyhbond_nbd_other          ?      ?      ? ?    ? 'X-RAY DIFFRACTION' 
r_metal_ion_refined          ?      ?      ? ?    ? 'X-RAY DIFFRACTION' 
r_metal_ion_other            ?      ?      ? ?    ? 'X-RAY DIFFRACTION' 
r_symmetry_vdw_refined       ?      ?      ? ?    ? 'X-RAY DIFFRACTION' 
r_symmetry_vdw_other         ?      ?      ? ?    ? 'X-RAY DIFFRACTION' 
r_symmetry_hbond_refined     ?      ?      ? ?    ? 'X-RAY DIFFRACTION' 
r_symmetry_hbond_other       ?      ?      ? ?    ? 'X-RAY DIFFRACTION' 
r_symmetry_metal_ion_refined ?      ?      ? ?    ? 'X-RAY DIFFRACTION' 
r_symmetry_metal_ion_other   ?      ?      ? ?    ? 'X-RAY DIFFRACTION' 
r_mcbond_it                  0.880  1.500  ? 889  ? 'X-RAY DIFFRACTION' 
r_mcbond_other               0.197  1.500  ? 361  ? 'X-RAY DIFFRACTION' 
r_mcangle_it                 1.630  2.000  ? 1452 ? 'X-RAY DIFFRACTION' 
r_scbond_it                  2.538  3.000  ? 531  ? 'X-RAY DIFFRACTION' 
r_scangle_it                 4.230  4.500  ? 481  ? 'X-RAY DIFFRACTION' 
r_rigid_bond_restr           ?      ?      ? ?    ? 'X-RAY DIFFRACTION' 
r_sphericity_free            ?      ?      ? ?    ? 'X-RAY DIFFRACTION' 
r_sphericity_bonded          ?      ?      ? ?    ? 'X-RAY DIFFRACTION' 
# 
_refine_ls_shell.pdbx_total_number_of_bins_used   20 
_refine_ls_shell.d_res_high                       2.200 
_refine_ls_shell.d_res_low                        2.257 
_refine_ls_shell.number_reflns_R_work             700 
_refine_ls_shell.R_factor_R_work                  0.181 
_refine_ls_shell.percent_reflns_obs               100.00 
_refine_ls_shell.R_factor_R_free                  0.300 
_refine_ls_shell.R_factor_R_free_error            ? 
_refine_ls_shell.percent_reflns_R_free            ? 
_refine_ls_shell.number_reflns_R_free             37 
_refine_ls_shell.number_reflns_all                ? 
_refine_ls_shell.R_factor_all                     ? 
_refine_ls_shell.number_reflns_obs                ? 
_refine_ls_shell.redundancy_reflns_obs            ? 
_refine_ls_shell.pdbx_refine_id                   'X-RAY DIFFRACTION' 
# 
_struct.entry_id                  3V2B 
_struct.title                     
'Human poly(adp-ribose) polymerase 15 (ARTD7, BAL3), macro domain 2 in complex with adenosine-5-diphosphoribose' 
_struct.pdbx_model_details        ? 
_struct.pdbx_CASP_flag            ? 
_struct.pdbx_model_type_details   ? 
# 
_struct_keywords.entry_id        3V2B 
_struct_keywords.pdbx_keywords   TRANSFERASE 
_struct_keywords.text            
;Structural Genomics, Structural Genomics Consortium, SGC, POLY (ADP-RIBOSE) POLYMERASE, ADP-RIBOSE, BAL3, B-AGGRESSIVE LYMPHOMA PROTEIN 3, GLYCOSYLTRANSFERASE, NUCLEUS, TRANSCRIPTION, TRANSCRIPTION REGULATION, TRANSFERASE, ADP-RIBOSYLATION
;
# 
loop_
_struct_asym.id 
_struct_asym.pdbx_blank_PDB_chainid_flag 
_struct_asym.pdbx_modified 
_struct_asym.entity_id 
_struct_asym.details 
A N N 1 ? 
B N N 2 ? 
C N N 3 ? 
# 
_struct_ref.id                         1 
_struct_ref.db_name                    UNP 
_struct_ref.db_code                    PAR15_HUMAN 
_struct_ref.pdbx_db_accession          Q460N3 
_struct_ref.entity_id                  1 
_struct_ref.pdbx_seq_one_letter_code   
;TAYEMKIGAITFQVATGDIATEQVDVIVNSTARTFNRKSGVSRAILEGAGQAVESECAVLAAQPHRDFIITPGGCLKCKI
IIHVPGGKDVRKTVTSVLEECEQRKYTSVSLPAIGTGNAGKNPITVADNIIDAIVDFSSQHSTPSLKTVKVVIFQPELLN
IFYDSMKKRDLSASLN
;
_struct_ref.pdbx_align_begin           273 
_struct_ref.pdbx_db_isoform            ? 
# 
_struct_ref_seq.align_id                      1 
_struct_ref_seq.ref_id                        1 
_struct_ref_seq.pdbx_PDB_id_code              3V2B 
_struct_ref_seq.pdbx_strand_id                A 
_struct_ref_seq.seq_align_beg                 24 
_struct_ref_seq.pdbx_seq_align_beg_ins_code   ? 
_struct_ref_seq.seq_align_end                 199 
_struct_ref_seq.pdbx_seq_align_end_ins_code   ? 
_struct_ref_seq.pdbx_db_accession             Q460N3 
_struct_ref_seq.db_align_beg                  273 
_struct_ref_seq.pdbx_db_align_beg_ins_code    ? 
_struct_ref_seq.db_align_end                  448 
_struct_ref_seq.pdbx_db_align_end_ins_code    ? 
_struct_ref_seq.pdbx_auth_seq_align_beg       273 
_struct_ref_seq.pdbx_auth_seq_align_end       448 
# 
loop_
_struct_ref_seq_dif.align_id 
_struct_ref_seq_dif.pdbx_pdb_id_code 
_struct_ref_seq_dif.mon_id 
_struct_ref_seq_dif.pdbx_pdb_strand_id 
_struct_ref_seq_dif.seq_num 
_struct_ref_seq_dif.pdbx_pdb_ins_code 
_struct_ref_seq_dif.pdbx_seq_db_name 
_struct_ref_seq_dif.pdbx_seq_db_accession_code 
_struct_ref_seq_dif.db_mon_id 
_struct_ref_seq_dif.pdbx_seq_db_seq_num 
_struct_ref_seq_dif.details 
_struct_ref_seq_dif.pdbx_auth_seq_num 
_struct_ref_seq_dif.pdbx_ordinal 
1 3V2B MET A 1  ? UNP Q460N3 ? ? 'expression tag' 250 1  
1 3V2B HIS A 2  ? UNP Q460N3 ? ? 'expression tag' 251 2  
1 3V2B HIS A 3  ? UNP Q460N3 ? ? 'expression tag' 252 3  
1 3V2B HIS A 4  ? UNP Q460N3 ? ? 'expression tag' 253 4  
1 3V2B HIS A 5  ? UNP Q460N3 ? ? 'expression tag' 254 5  
1 3V2B HIS A 6  ? UNP Q460N3 ? ? 'expression tag' 255 6  
1 3V2B HIS A 7  ? UNP Q460N3 ? ? 'expression tag' 256 7  
1 3V2B SER A 8  ? UNP Q460N3 ? ? 'expression tag' 257 8  
1 3V2B SER A 9  ? UNP Q460N3 ? ? 'expression tag' 258 9  
1 3V2B GLY A 10 ? UNP Q460N3 ? ? 'expression tag' 259 10 
1 3V2B VAL A 11 ? UNP Q460N3 ? ? 'expression tag' 260 11 
1 3V2B ASP A 12 ? UNP Q460N3 ? ? 'expression tag' 261 12 
1 3V2B LEU A 13 ? UNP Q460N3 ? ? 'expression tag' 262 13 
1 3V2B GLY A 14 ? UNP Q460N3 ? ? 'expression tag' 263 14 
1 3V2B THR A 15 ? UNP Q460N3 ? ? 'expression tag' 264 15 
1 3V2B GLU A 16 ? UNP Q460N3 ? ? 'expression tag' 265 16 
1 3V2B ASN A 17 ? UNP Q460N3 ? ? 'expression tag' 266 17 
1 3V2B LEU A 18 ? UNP Q460N3 ? ? 'expression tag' 267 18 
1 3V2B TYR A 19 ? UNP Q460N3 ? ? 'expression tag' 268 19 
1 3V2B PHE A 20 ? UNP Q460N3 ? ? 'expression tag' 269 20 
1 3V2B GLN A 21 ? UNP Q460N3 ? ? 'expression tag' 270 21 
1 3V2B SER A 22 ? UNP Q460N3 ? ? 'expression tag' 271 22 
1 3V2B MET A 23 ? UNP Q460N3 ? ? 'expression tag' 272 23 
# 
_pdbx_struct_assembly.id                   1 
_pdbx_struct_assembly.details              software_defined_assembly 
_pdbx_struct_assembly.method_details       PISA 
_pdbx_struct_assembly.oligomeric_details   dimeric 
_pdbx_struct_assembly.oligomeric_count     2 
# 
loop_
_pdbx_struct_assembly_prop.biol_id 
_pdbx_struct_assembly_prop.type 
_pdbx_struct_assembly_prop.value 
_pdbx_struct_assembly_prop.details 
1 'ABSA (A^2)' 2090  ? 
1 MORE         -12   ? 
1 'SSA (A^2)'  15380 ? 
# 
_pdbx_struct_assembly_gen.assembly_id       1 
_pdbx_struct_assembly_gen.oper_expression   1,2 
_pdbx_struct_assembly_gen.asym_id_list      A,B,C 
# 
loop_
_pdbx_struct_oper_list.id 
_pdbx_struct_oper_list.type 
_pdbx_struct_oper_list.name 
_pdbx_struct_oper_list.symmetry_operation 
_pdbx_struct_oper_list.matrix[1][1] 
_pdbx_struct_oper_list.matrix[1][2] 
_pdbx_struct_oper_list.matrix[1][3] 
_pdbx_struct_oper_list.vector[1] 
_pdbx_struct_oper_list.matrix[2][1] 
_pdbx_struct_oper_list.matrix[2][2] 
_pdbx_struct_oper_list.matrix[2][3] 
_pdbx_struct_oper_list.vector[2] 
_pdbx_struct_oper_list.matrix[3][1] 
_pdbx_struct_oper_list.matrix[3][2] 
_pdbx_struct_oper_list.matrix[3][3] 
_pdbx_struct_oper_list.vector[3] 
1 'identity operation'         1_555 x,y,z   1.0000000000 0.0000000000 0.0000000000 0.0000000000   0.0000000000 1.0000000000  0.0000000000 0.0000000000  0.0000000000 0.0000000000 1.0000000000  0.0000000000  
2 'crystal symmetry operation' 4_555 x,-y,-z 0.1112364268 0.9937634311 0.0077910379 -22.8852002107 0.9937634311 -0.1112910509 0.0069674179 25.6186581209 0.0077910379 0.0069674179 -0.9999453759 -3.5961173356 
# 
loop_
_struct_conf.conf_type_id 
_struct_conf.id 
_struct_conf.pdbx_PDB_helix_id 
_struct_conf.beg_label_comp_id 
_struct_conf.beg_label_asym_id 
_struct_conf.beg_label_seq_id 
_struct_conf.pdbx_beg_PDB_ins_code 
_struct_conf.end_label_comp_id 
_struct_conf.end_label_asym_id 
_struct_conf.end_label_seq_id 
_struct_conf.pdbx_end_PDB_ins_code 
_struct_conf.beg_auth_comp_id 
_struct_conf.beg_auth_asym_id 
_struct_conf.beg_auth_seq_id 
_struct_conf.end_auth_comp_id 
_struct_conf.end_auth_asym_id 
_struct_conf.end_auth_seq_id 
_struct_conf.pdbx_PDB_helix_class 
_struct_conf.details 
_struct_conf.pdbx_PDB_helix_length 
HELX_P HELX_P1 1 ASP A 41  ? GLU A 45  ? ASP A 290 GLU A 294 5 ? 5  
HELX_P HELX_P2 2 GLY A 63  ? GLY A 73  ? GLY A 312 GLY A 322 1 ? 11 
HELX_P HELX_P3 3 GLY A 73  ? ALA A 85  ? GLY A 322 ALA A 334 1 ? 13 
HELX_P HELX_P4 4 ASP A 112 ? ARG A 127 ? ASP A 361 ARG A 376 1 ? 16 
HELX_P HELX_P5 5 ASN A 145 ? HIS A 164 ? ASN A 394 HIS A 413 1 ? 20 
HELX_P HELX_P6 6 PRO A 179 ? LYS A 191 ? PRO A 428 LYS A 440 1 ? 13 
# 
_struct_conf_type.id          HELX_P 
_struct_conf_type.criteria    ? 
_struct_conf_type.reference   ? 
# 
_struct_sheet.id               A 
_struct_sheet.type             ? 
_struct_sheet.number_strands   7 
_struct_sheet.details          ? 
# 
loop_
_struct_sheet_order.sheet_id 
_struct_sheet_order.range_id_1 
_struct_sheet_order.range_id_2 
_struct_sheet_order.offset 
_struct_sheet_order.sense 
A 1 2 ? anti-parallel 
A 2 3 ? parallel      
A 3 4 ? parallel      
A 4 5 ? parallel      
A 5 6 ? parallel      
A 6 7 ? anti-parallel 
# 
loop_
_struct_sheet_range.sheet_id 
_struct_sheet_range.id 
_struct_sheet_range.beg_label_comp_id 
_struct_sheet_range.beg_label_asym_id 
_struct_sheet_range.beg_label_seq_id 
_struct_sheet_range.pdbx_beg_PDB_ins_code 
_struct_sheet_range.end_label_comp_id 
_struct_sheet_range.end_label_asym_id 
_struct_sheet_range.end_label_seq_id 
_struct_sheet_range.pdbx_end_PDB_ins_code 
_struct_sheet_range.beg_auth_comp_id 
_struct_sheet_range.beg_auth_asym_id 
_struct_sheet_range.beg_auth_seq_id 
_struct_sheet_range.end_auth_comp_id 
_struct_sheet_range.end_auth_asym_id 
_struct_sheet_range.end_auth_seq_id 
A 1 ALA A 25  ? ILE A 30  ? ALA A 274 ILE A 279 
A 2 ILE A 33  ? THR A 39  ? ILE A 282 THR A 288 
A 3 THR A 171 ? ILE A 176 ? THR A 420 ILE A 425 
A 4 SER A 131 ? LEU A 134 ? SER A 380 LEU A 383 
A 5 VAL A 49  ? THR A 54  ? VAL A 298 THR A 303 
A 6 ILE A 103 ? PRO A 108 ? ILE A 352 PRO A 357 
A 7 ILE A 92  ? PRO A 95  ? ILE A 341 PRO A 344 
# 
loop_
_pdbx_struct_sheet_hbond.sheet_id 
_pdbx_struct_sheet_hbond.range_id_1 
_pdbx_struct_sheet_hbond.range_id_2 
_pdbx_struct_sheet_hbond.range_1_label_atom_id 
_pdbx_struct_sheet_hbond.range_1_label_comp_id 
_pdbx_struct_sheet_hbond.range_1_label_asym_id 
_pdbx_struct_sheet_hbond.range_1_label_seq_id 
_pdbx_struct_sheet_hbond.range_1_PDB_ins_code 
_pdbx_struct_sheet_hbond.range_1_auth_atom_id 
_pdbx_struct_sheet_hbond.range_1_auth_comp_id 
_pdbx_struct_sheet_hbond.range_1_auth_asym_id 
_pdbx_struct_sheet_hbond.range_1_auth_seq_id 
_pdbx_struct_sheet_hbond.range_2_label_atom_id 
_pdbx_struct_sheet_hbond.range_2_label_comp_id 
_pdbx_struct_sheet_hbond.range_2_label_asym_id 
_pdbx_struct_sheet_hbond.range_2_label_seq_id 
_pdbx_struct_sheet_hbond.range_2_PDB_ins_code 
_pdbx_struct_sheet_hbond.range_2_auth_atom_id 
_pdbx_struct_sheet_hbond.range_2_auth_comp_id 
_pdbx_struct_sheet_hbond.range_2_auth_asym_id 
_pdbx_struct_sheet_hbond.range_2_auth_seq_id 
A 1 2 N ILE A 30  ? N ILE A 279 O ILE A 33  ? O ILE A 282 
A 2 3 N GLN A 36  ? N GLN A 285 O VAL A 172 ? O VAL A 421 
A 3 4 O LYS A 173 ? O LYS A 422 N VAL A 132 ? N VAL A 381 
A 4 5 O SER A 133 ? O SER A 382 N VAL A 51  ? N VAL A 300 
A 5 6 N ASN A 52  ? N ASN A 301 O VAL A 107 ? O VAL A 356 
A 6 7 O HIS A 106 ? O HIS A 355 N ILE A 92  ? N ILE A 341 
# 
_struct_site.id                   AC1 
_struct_site.pdbx_evidence_code   Software 
_struct_site.pdbx_auth_asym_id    A 
_struct_site.pdbx_auth_comp_id    AR6 
_struct_site.pdbx_auth_seq_id     800 
_struct_site.pdbx_auth_ins_code   ? 
_struct_site.pdbx_num_residues    28 
_struct_site.details              'BINDING SITE FOR RESIDUE AR6 A 800' 
# 
loop_
_struct_site_gen.id 
_struct_site_gen.site_id 
_struct_site_gen.pdbx_num_res 
_struct_site_gen.label_comp_id 
_struct_site_gen.label_asym_id 
_struct_site_gen.label_seq_id 
_struct_site_gen.pdbx_auth_ins_code 
_struct_site_gen.auth_comp_id 
_struct_site_gen.auth_asym_id 
_struct_site_gen.auth_seq_id 
_struct_site_gen.label_atom_id 
_struct_site_gen.label_alt_id 
_struct_site_gen.symmetry 
_struct_site_gen.details 
1  AC1 28 HOH C .   ? HOH A 1   . ? 1_555 ? 
2  AC1 28 HOH C .   ? HOH A 2   . ? 1_555 ? 
3  AC1 28 HOH C .   ? HOH A 8   . ? 1_555 ? 
4  AC1 28 HOH C .   ? HOH A 29  . ? 1_555 ? 
5  AC1 28 HOH C .   ? HOH A 45  . ? 1_555 ? 
6  AC1 28 HOH C .   ? HOH A 69  . ? 1_555 ? 
7  AC1 28 HOH C .   ? HOH A 70  . ? 1_555 ? 
8  AC1 28 HOH C .   ? HOH A 73  . ? 1_555 ? 
9  AC1 28 HOH C .   ? HOH A 81  . ? 1_555 ? 
10 AC1 28 ASP A 41  ? ASP A 290 . ? 1_555 ? 
11 AC1 28 ILE A 42  ? ILE A 291 . ? 1_555 ? 
12 AC1 28 SER A 53  ? SER A 302 . ? 1_555 ? 
13 AC1 28 THR A 54  ? THR A 303 . ? 1_555 ? 
14 AC1 28 ARG A 60  ? ARG A 309 . ? 1_555 ? 
15 AC1 28 SER A 62  ? SER A 311 . ? 1_555 ? 
16 AC1 28 GLY A 63  ? GLY A 312 . ? 1_555 ? 
17 AC1 28 VAL A 64  ? VAL A 313 . ? 1_555 ? 
18 AC1 28 ALA A 67  ? ALA A 316 . ? 1_555 ? 
19 AC1 28 GLY A 109 ? GLY A 358 . ? 1_555 ? 
20 AC1 28 GLY A 110 ? GLY A 359 . ? 1_555 ? 
21 AC1 28 ALA A 136 ? ALA A 385 . ? 1_555 ? 
22 AC1 28 GLY A 138 ? GLY A 387 . ? 1_555 ? 
23 AC1 28 THR A 139 ? THR A 388 . ? 1_555 ? 
24 AC1 28 GLY A 140 ? GLY A 389 . ? 1_555 ? 
25 AC1 28 ASN A 141 ? ASN A 390 . ? 1_555 ? 
26 AC1 28 ALA A 142 ? ALA A 391 . ? 1_555 ? 
27 AC1 28 PHE A 177 ? PHE A 426 . ? 1_555 ? 
28 AC1 28 GLN A 178 ? GLN A 427 . ? 1_555 ? 
# 
loop_
_pdbx_validate_close_contact.id 
_pdbx_validate_close_contact.PDB_model_num 
_pdbx_validate_close_contact.auth_atom_id_1 
_pdbx_validate_close_contact.auth_asym_id_1 
_pdbx_validate_close_contact.auth_comp_id_1 
_pdbx_validate_close_contact.auth_seq_id_1 
_pdbx_validate_close_contact.PDB_ins_code_1 
_pdbx_validate_close_contact.label_alt_id_1 
_pdbx_validate_close_contact.auth_atom_id_2 
_pdbx_validate_close_contact.auth_asym_id_2 
_pdbx_validate_close_contact.auth_comp_id_2 
_pdbx_validate_close_contact.auth_seq_id_2 
_pdbx_validate_close_contact.PDB_ins_code_2 
_pdbx_validate_close_contact.label_alt_id_2 
_pdbx_validate_close_contact.dist 
1 1 OG1 A THR 306 ? ? OD1 A ASN 308 ? ? 2.03 
2 1 O   A HOH 6   ? ? O   A HOH 92  ? ? 2.15 
3 1 O1D A AR6 800 ? ? O   A HOH 73  ? ? 2.19 
# 
_pdbx_validate_torsion.id              1 
_pdbx_validate_torsion.PDB_model_num   1 
_pdbx_validate_torsion.auth_comp_id    ARG 
_pdbx_validate_torsion.auth_asym_id    A 
_pdbx_validate_torsion.auth_seq_id     338 
_pdbx_validate_torsion.PDB_ins_code    ? 
_pdbx_validate_torsion.label_alt_id    ? 
_pdbx_validate_torsion.phi             -63.30 
_pdbx_validate_torsion.psi             -176.43 
# 
_pdbx_SG_project.id                    1 
_pdbx_SG_project.project_name          ? 
_pdbx_SG_project.full_name_of_center   'Structural Genomics Consortium' 
_pdbx_SG_project.initial_of_center     SGC 
# 
loop_
_pdbx_unobs_or_zero_occ_residues.id 
_pdbx_unobs_or_zero_occ_residues.PDB_model_num 
_pdbx_unobs_or_zero_occ_residues.polymer_flag 
_pdbx_unobs_or_zero_occ_residues.occupancy_flag 
_pdbx_unobs_or_zero_occ_residues.auth_asym_id 
_pdbx_unobs_or_zero_occ_residues.auth_comp_id 
_pdbx_unobs_or_zero_occ_residues.auth_seq_id 
_pdbx_unobs_or_zero_occ_residues.PDB_ins_code 
_pdbx_unobs_or_zero_occ_residues.label_asym_id 
_pdbx_unobs_or_zero_occ_residues.label_comp_id 
_pdbx_unobs_or_zero_occ_residues.label_seq_id 
1  1 Y 1 A MET 250 ? A MET 1   
2  1 Y 1 A HIS 251 ? A HIS 2   
3  1 Y 1 A HIS 252 ? A HIS 3   
4  1 Y 1 A HIS 253 ? A HIS 4   
5  1 Y 1 A HIS 254 ? A HIS 5   
6  1 Y 1 A HIS 255 ? A HIS 6   
7  1 Y 1 A HIS 256 ? A HIS 7   
8  1 Y 1 A SER 257 ? A SER 8   
9  1 Y 1 A SER 258 ? A SER 9   
10 1 Y 1 A GLY 259 ? A GLY 10  
11 1 Y 1 A VAL 260 ? A VAL 11  
12 1 Y 1 A ASP 261 ? A ASP 12  
13 1 Y 1 A LEU 262 ? A LEU 13  
14 1 Y 1 A GLY 263 ? A GLY 14  
15 1 Y 1 A THR 264 ? A THR 15  
16 1 Y 1 A GLU 265 ? A GLU 16  
17 1 Y 1 A ASN 266 ? A ASN 17  
18 1 Y 1 A LEU 267 ? A LEU 18  
19 1 Y 1 A SER 444 ? A SER 195 
20 1 Y 1 A ALA 445 ? A ALA 196 
21 1 Y 1 A SER 446 ? A SER 197 
22 1 Y 1 A LEU 447 ? A LEU 198 
23 1 Y 1 A ASN 448 ? A ASN 199 
# 
loop_
_chem_comp_atom.comp_id 
_chem_comp_atom.atom_id 
_chem_comp_atom.type_symbol 
_chem_comp_atom.pdbx_aromatic_flag 
_chem_comp_atom.pdbx_stereo_config 
_chem_comp_atom.pdbx_ordinal 
ALA N      N N N 1   
ALA CA     C N S 2   
ALA C      C N N 3   
ALA O      O N N 4   
ALA CB     C N N 5   
ALA OXT    O N N 6   
ALA H      H N N 7   
ALA H2     H N N 8   
ALA HA     H N N 9   
ALA HB1    H N N 10  
ALA HB2    H N N 11  
ALA HB3    H N N 12  
ALA HXT    H N N 13  
AR6 N1     N Y N 14  
AR6 C2     C Y N 15  
AR6 N3     N Y N 16  
AR6 C4     C Y N 17  
AR6 C5     C Y N 18  
AR6 C6     C Y N 19  
AR6 N6     N N N 20  
AR6 N7     N Y N 21  
AR6 C8     C Y N 22  
AR6 N9     N Y N 23  
AR6 PA     P N N 24  
AR6 PB     P N N 25  
AR6 "C1'"  C N R 26  
AR6 O1A    O N N 27  
AR6 O1B    O N N 28  
AR6 C1D    C N S 29  
AR6 O1D    O N N 30  
AR6 "C2'"  C N R 31  
AR6 "O2'"  O N N 32  
AR6 O2A    O N N 33  
AR6 O2B    O N N 34  
AR6 C2D    C N R 35  
AR6 O2D    O N N 36  
AR6 "C3'"  C N S 37  
AR6 "O3'"  O N N 38  
AR6 O3A    O N N 39  
AR6 C3D    C N S 40  
AR6 O3D    O N N 41  
AR6 "C4'"  C N R 42  
AR6 "O4'"  O N N 43  
AR6 C4D    C N R 44  
AR6 O4D    O N N 45  
AR6 "C5'"  C N N 46  
AR6 "O5'"  O N N 47  
AR6 C5D    C N N 48  
AR6 O5D    O N N 49  
AR6 H2     H N N 50  
AR6 HN6    H N N 51  
AR6 HN6A   H N N 52  
AR6 H8     H N N 53  
AR6 "H1'"  H N N 54  
AR6 H1D    H N N 55  
AR6 "H2'"  H N N 56  
AR6 "HO2'" H N N 57  
AR6 H2D    H N N 58  
AR6 HO2D   H N N 59  
AR6 "H3'"  H N N 60  
AR6 "HO3'" H N N 61  
AR6 H3D    H N N 62  
AR6 HO3D   H N N 63  
AR6 "H4'"  H N N 64  
AR6 H4D    H N N 65  
AR6 "H5'"  H N N 66  
AR6 "H5'A" H N N 67  
AR6 H5D    H N N 68  
AR6 H5DA   H N N 69  
AR6 H1A    H N N 70  
AR6 H1B    H N N 71  
AR6 HD1    H N N 72  
ARG N      N N N 73  
ARG CA     C N S 74  
ARG C      C N N 75  
ARG O      O N N 76  
ARG CB     C N N 77  
ARG CG     C N N 78  
ARG CD     C N N 79  
ARG NE     N N N 80  
ARG CZ     C N N 81  
ARG NH1    N N N 82  
ARG NH2    N N N 83  
ARG OXT    O N N 84  
ARG H      H N N 85  
ARG H2     H N N 86  
ARG HA     H N N 87  
ARG HB2    H N N 88  
ARG HB3    H N N 89  
ARG HG2    H N N 90  
ARG HG3    H N N 91  
ARG HD2    H N N 92  
ARG HD3    H N N 93  
ARG HE     H N N 94  
ARG HH11   H N N 95  
ARG HH12   H N N 96  
ARG HH21   H N N 97  
ARG HH22   H N N 98  
ARG HXT    H N N 99  
ASN N      N N N 100 
ASN CA     C N S 101 
ASN C      C N N 102 
ASN O      O N N 103 
ASN CB     C N N 104 
ASN CG     C N N 105 
ASN OD1    O N N 106 
ASN ND2    N N N 107 
ASN OXT    O N N 108 
ASN H      H N N 109 
ASN H2     H N N 110 
ASN HA     H N N 111 
ASN HB2    H N N 112 
ASN HB3    H N N 113 
ASN HD21   H N N 114 
ASN HD22   H N N 115 
ASN HXT    H N N 116 
ASP N      N N N 117 
ASP CA     C N S 118 
ASP C      C N N 119 
ASP O      O N N 120 
ASP CB     C N N 121 
ASP CG     C N N 122 
ASP OD1    O N N 123 
ASP OD2    O N N 124 
ASP OXT    O N N 125 
ASP H      H N N 126 
ASP H2     H N N 127 
ASP HA     H N N 128 
ASP HB2    H N N 129 
ASP HB3    H N N 130 
ASP HD2    H N N 131 
ASP HXT    H N N 132 
CYS N      N N N 133 
CYS CA     C N R 134 
CYS C      C N N 135 
CYS O      O N N 136 
CYS CB     C N N 137 
CYS SG     S N N 138 
CYS OXT    O N N 139 
CYS H      H N N 140 
CYS H2     H N N 141 
CYS HA     H N N 142 
CYS HB2    H N N 143 
CYS HB3    H N N 144 
CYS HG     H N N 145 
CYS HXT    H N N 146 
GLN N      N N N 147 
GLN CA     C N S 148 
GLN C      C N N 149 
GLN O      O N N 150 
GLN CB     C N N 151 
GLN CG     C N N 152 
GLN CD     C N N 153 
GLN OE1    O N N 154 
GLN NE2    N N N 155 
GLN OXT    O N N 156 
GLN H      H N N 157 
GLN H2     H N N 158 
GLN HA     H N N 159 
GLN HB2    H N N 160 
GLN HB3    H N N 161 
GLN HG2    H N N 162 
GLN HG3    H N N 163 
GLN HE21   H N N 164 
GLN HE22   H N N 165 
GLN HXT    H N N 166 
GLU N      N N N 167 
GLU CA     C N S 168 
GLU C      C N N 169 
GLU O      O N N 170 
GLU CB     C N N 171 
GLU CG     C N N 172 
GLU CD     C N N 173 
GLU OE1    O N N 174 
GLU OE2    O N N 175 
GLU OXT    O N N 176 
GLU H      H N N 177 
GLU H2     H N N 178 
GLU HA     H N N 179 
GLU HB2    H N N 180 
GLU HB3    H N N 181 
GLU HG2    H N N 182 
GLU HG3    H N N 183 
GLU HE2    H N N 184 
GLU HXT    H N N 185 
GLY N      N N N 186 
GLY CA     C N N 187 
GLY C      C N N 188 
GLY O      O N N 189 
GLY OXT    O N N 190 
GLY H      H N N 191 
GLY H2     H N N 192 
GLY HA2    H N N 193 
GLY HA3    H N N 194 
GLY HXT    H N N 195 
HIS N      N N N 196 
HIS CA     C N S 197 
HIS C      C N N 198 
HIS O      O N N 199 
HIS CB     C N N 200 
HIS CG     C Y N 201 
HIS ND1    N Y N 202 
HIS CD2    C Y N 203 
HIS CE1    C Y N 204 
HIS NE2    N Y N 205 
HIS OXT    O N N 206 
HIS H      H N N 207 
HIS H2     H N N 208 
HIS HA     H N N 209 
HIS HB2    H N N 210 
HIS HB3    H N N 211 
HIS HD1    H N N 212 
HIS HD2    H N N 213 
HIS HE1    H N N 214 
HIS HE2    H N N 215 
HIS HXT    H N N 216 
HOH O      O N N 217 
HOH H1     H N N 218 
HOH H2     H N N 219 
ILE N      N N N 220 
ILE CA     C N S 221 
ILE C      C N N 222 
ILE O      O N N 223 
ILE CB     C N S 224 
ILE CG1    C N N 225 
ILE CG2    C N N 226 
ILE CD1    C N N 227 
ILE OXT    O N N 228 
ILE H      H N N 229 
ILE H2     H N N 230 
ILE HA     H N N 231 
ILE HB     H N N 232 
ILE HG12   H N N 233 
ILE HG13   H N N 234 
ILE HG21   H N N 235 
ILE HG22   H N N 236 
ILE HG23   H N N 237 
ILE HD11   H N N 238 
ILE HD12   H N N 239 
ILE HD13   H N N 240 
ILE HXT    H N N 241 
LEU N      N N N 242 
LEU CA     C N S 243 
LEU C      C N N 244 
LEU O      O N N 245 
LEU CB     C N N 246 
LEU CG     C N N 247 
LEU CD1    C N N 248 
LEU CD2    C N N 249 
LEU OXT    O N N 250 
LEU H      H N N 251 
LEU H2     H N N 252 
LEU HA     H N N 253 
LEU HB2    H N N 254 
LEU HB3    H N N 255 
LEU HG     H N N 256 
LEU HD11   H N N 257 
LEU HD12   H N N 258 
LEU HD13   H N N 259 
LEU HD21   H N N 260 
LEU HD22   H N N 261 
LEU HD23   H N N 262 
LEU HXT    H N N 263 
LYS N      N N N 264 
LYS CA     C N S 265 
LYS C      C N N 266 
LYS O      O N N 267 
LYS CB     C N N 268 
LYS CG     C N N 269 
LYS CD     C N N 270 
LYS CE     C N N 271 
LYS NZ     N N N 272 
LYS OXT    O N N 273 
LYS H      H N N 274 
LYS H2     H N N 275 
LYS HA     H N N 276 
LYS HB2    H N N 277 
LYS HB3    H N N 278 
LYS HG2    H N N 279 
LYS HG3    H N N 280 
LYS HD2    H N N 281 
LYS HD3    H N N 282 
LYS HE2    H N N 283 
LYS HE3    H N N 284 
LYS HZ1    H N N 285 
LYS HZ2    H N N 286 
LYS HZ3    H N N 287 
LYS HXT    H N N 288 
MET N      N N N 289 
MET CA     C N S 290 
MET C      C N N 291 
MET O      O N N 292 
MET CB     C N N 293 
MET CG     C N N 294 
MET SD     S N N 295 
MET CE     C N N 296 
MET OXT    O N N 297 
MET H      H N N 298 
MET H2     H N N 299 
MET HA     H N N 300 
MET HB2    H N N 301 
MET HB3    H N N 302 
MET HG2    H N N 303 
MET HG3    H N N 304 
MET HE1    H N N 305 
MET HE2    H N N 306 
MET HE3    H N N 307 
MET HXT    H N N 308 
PHE N      N N N 309 
PHE CA     C N S 310 
PHE C      C N N 311 
PHE O      O N N 312 
PHE CB     C N N 313 
PHE CG     C Y N 314 
PHE CD1    C Y N 315 
PHE CD2    C Y N 316 
PHE CE1    C Y N 317 
PHE CE2    C Y N 318 
PHE CZ     C Y N 319 
PHE OXT    O N N 320 
PHE H      H N N 321 
PHE H2     H N N 322 
PHE HA     H N N 323 
PHE HB2    H N N 324 
PHE HB3    H N N 325 
PHE HD1    H N N 326 
PHE HD2    H N N 327 
PHE HE1    H N N 328 
PHE HE2    H N N 329 
PHE HZ     H N N 330 
PHE HXT    H N N 331 
PRO N      N N N 332 
PRO CA     C N S 333 
PRO C      C N N 334 
PRO O      O N N 335 
PRO CB     C N N 336 
PRO CG     C N N 337 
PRO CD     C N N 338 
PRO OXT    O N N 339 
PRO H      H N N 340 
PRO HA     H N N 341 
PRO HB2    H N N 342 
PRO HB3    H N N 343 
PRO HG2    H N N 344 
PRO HG3    H N N 345 
PRO HD2    H N N 346 
PRO HD3    H N N 347 
PRO HXT    H N N 348 
SER N      N N N 349 
SER CA     C N S 350 
SER C      C N N 351 
SER O      O N N 352 
SER CB     C N N 353 
SER OG     O N N 354 
SER OXT    O N N 355 
SER H      H N N 356 
SER H2     H N N 357 
SER HA     H N N 358 
SER HB2    H N N 359 
SER HB3    H N N 360 
SER HG     H N N 361 
SER HXT    H N N 362 
THR N      N N N 363 
THR CA     C N S 364 
THR C      C N N 365 
THR O      O N N 366 
THR CB     C N R 367 
THR OG1    O N N 368 
THR CG2    C N N 369 
THR OXT    O N N 370 
THR H      H N N 371 
THR H2     H N N 372 
THR HA     H N N 373 
THR HB     H N N 374 
THR HG1    H N N 375 
THR HG21   H N N 376 
THR HG22   H N N 377 
THR HG23   H N N 378 
THR HXT    H N N 379 
TYR N      N N N 380 
TYR CA     C N S 381 
TYR C      C N N 382 
TYR O      O N N 383 
TYR CB     C N N 384 
TYR CG     C Y N 385 
TYR CD1    C Y N 386 
TYR CD2    C Y N 387 
TYR CE1    C Y N 388 
TYR CE2    C Y N 389 
TYR CZ     C Y N 390 
TYR OH     O N N 391 
TYR OXT    O N N 392 
TYR H      H N N 393 
TYR H2     H N N 394 
TYR HA     H N N 395 
TYR HB2    H N N 396 
TYR HB3    H N N 397 
TYR HD1    H N N 398 
TYR HD2    H N N 399 
TYR HE1    H N N 400 
TYR HE2    H N N 401 
TYR HH     H N N 402 
TYR HXT    H N N 403 
VAL N      N N N 404 
VAL CA     C N S 405 
VAL C      C N N 406 
VAL O      O N N 407 
VAL CB     C N N 408 
VAL CG1    C N N 409 
VAL CG2    C N N 410 
VAL OXT    O N N 411 
VAL H      H N N 412 
VAL H2     H N N 413 
VAL HA     H N N 414 
VAL HB     H N N 415 
VAL HG11   H N N 416 
VAL HG12   H N N 417 
VAL HG13   H N N 418 
VAL HG21   H N N 419 
VAL HG22   H N N 420 
VAL HG23   H N N 421 
VAL HXT    H N N 422 
# 
loop_
_chem_comp_bond.comp_id 
_chem_comp_bond.atom_id_1 
_chem_comp_bond.atom_id_2 
_chem_comp_bond.value_order 
_chem_comp_bond.pdbx_aromatic_flag 
_chem_comp_bond.pdbx_stereo_config 
_chem_comp_bond.pdbx_ordinal 
ALA N     CA     sing N N 1   
ALA N     H      sing N N 2   
ALA N     H2     sing N N 3   
ALA CA    C      sing N N 4   
ALA CA    CB     sing N N 5   
ALA CA    HA     sing N N 6   
ALA C     O      doub N N 7   
ALA C     OXT    sing N N 8   
ALA CB    HB1    sing N N 9   
ALA CB    HB2    sing N N 10  
ALA CB    HB3    sing N N 11  
ALA OXT   HXT    sing N N 12  
AR6 N1    C2     doub Y N 13  
AR6 N1    C6     sing Y N 14  
AR6 C2    N3     sing Y N 15  
AR6 N3    C4     doub Y N 16  
AR6 C4    C5     sing Y N 17  
AR6 C4    N9     sing Y N 18  
AR6 C5    C6     doub Y N 19  
AR6 C5    N7     sing Y N 20  
AR6 C6    N6     sing N N 21  
AR6 N7    C8     doub Y N 22  
AR6 C8    N9     sing Y N 23  
AR6 N9    "C1'"  sing N N 24  
AR6 PA    O1A    sing N N 25  
AR6 PA    O2A    doub N N 26  
AR6 PA    O3A    sing N N 27  
AR6 PA    "O5'"  sing N N 28  
AR6 PB    O1B    sing N N 29  
AR6 PB    O2B    doub N N 30  
AR6 PB    O3A    sing N N 31  
AR6 PB    O5D    sing N N 32  
AR6 "C1'" "C2'"  sing N N 33  
AR6 "C1'" "O4'"  sing N N 34  
AR6 C1D   O1D    sing N N 35  
AR6 C1D   C2D    sing N N 36  
AR6 C1D   O4D    sing N N 37  
AR6 "C2'" "O2'"  sing N N 38  
AR6 "C2'" "C3'"  sing N N 39  
AR6 C2D   O2D    sing N N 40  
AR6 C2D   C3D    sing N N 41  
AR6 "C3'" "O3'"  sing N N 42  
AR6 "C3'" "C4'"  sing N N 43  
AR6 C3D   O3D    sing N N 44  
AR6 C3D   C4D    sing N N 45  
AR6 "C4'" "O4'"  sing N N 46  
AR6 "C4'" "C5'"  sing N N 47  
AR6 C4D   O4D    sing N N 48  
AR6 C4D   C5D    sing N N 49  
AR6 "C5'" "O5'"  sing N N 50  
AR6 C5D   O5D    sing N N 51  
AR6 C2    H2     sing N N 52  
AR6 N6    HN6    sing N N 53  
AR6 N6    HN6A   sing N N 54  
AR6 C8    H8     sing N N 55  
AR6 "C1'" "H1'"  sing N N 56  
AR6 C1D   H1D    sing N N 57  
AR6 "C2'" "H2'"  sing N N 58  
AR6 "O2'" "HO2'" sing N N 59  
AR6 C2D   H2D    sing N N 60  
AR6 O2D   HO2D   sing N N 61  
AR6 "C3'" "H3'"  sing N N 62  
AR6 "O3'" "HO3'" sing N N 63  
AR6 C3D   H3D    sing N N 64  
AR6 O3D   HO3D   sing N N 65  
AR6 "C4'" "H4'"  sing N N 66  
AR6 C4D   H4D    sing N N 67  
AR6 "C5'" "H5'"  sing N N 68  
AR6 "C5'" "H5'A" sing N N 69  
AR6 C5D   H5D    sing N N 70  
AR6 C5D   H5DA   sing N N 71  
AR6 O1A   H1A    sing N N 72  
AR6 O1B   H1B    sing N N 73  
AR6 O1D   HD1    sing N N 74  
ARG N     CA     sing N N 75  
ARG N     H      sing N N 76  
ARG N     H2     sing N N 77  
ARG CA    C      sing N N 78  
ARG CA    CB     sing N N 79  
ARG CA    HA     sing N N 80  
ARG C     O      doub N N 81  
ARG C     OXT    sing N N 82  
ARG CB    CG     sing N N 83  
ARG CB    HB2    sing N N 84  
ARG CB    HB3    sing N N 85  
ARG CG    CD     sing N N 86  
ARG CG    HG2    sing N N 87  
ARG CG    HG3    sing N N 88  
ARG CD    NE     sing N N 89  
ARG CD    HD2    sing N N 90  
ARG CD    HD3    sing N N 91  
ARG NE    CZ     sing N N 92  
ARG NE    HE     sing N N 93  
ARG CZ    NH1    sing N N 94  
ARG CZ    NH2    doub N N 95  
ARG NH1   HH11   sing N N 96  
ARG NH1   HH12   sing N N 97  
ARG NH2   HH21   sing N N 98  
ARG NH2   HH22   sing N N 99  
ARG OXT   HXT    sing N N 100 
ASN N     CA     sing N N 101 
ASN N     H      sing N N 102 
ASN N     H2     sing N N 103 
ASN CA    C      sing N N 104 
ASN CA    CB     sing N N 105 
ASN CA    HA     sing N N 106 
ASN C     O      doub N N 107 
ASN C     OXT    sing N N 108 
ASN CB    CG     sing N N 109 
ASN CB    HB2    sing N N 110 
ASN CB    HB3    sing N N 111 
ASN CG    OD1    doub N N 112 
ASN CG    ND2    sing N N 113 
ASN ND2   HD21   sing N N 114 
ASN ND2   HD22   sing N N 115 
ASN OXT   HXT    sing N N 116 
ASP N     CA     sing N N 117 
ASP N     H      sing N N 118 
ASP N     H2     sing N N 119 
ASP CA    C      sing N N 120 
ASP CA    CB     sing N N 121 
ASP CA    HA     sing N N 122 
ASP C     O      doub N N 123 
ASP C     OXT    sing N N 124 
ASP CB    CG     sing N N 125 
ASP CB    HB2    sing N N 126 
ASP CB    HB3    sing N N 127 
ASP CG    OD1    doub N N 128 
ASP CG    OD2    sing N N 129 
ASP OD2   HD2    sing N N 130 
ASP OXT   HXT    sing N N 131 
CYS N     CA     sing N N 132 
CYS N     H      sing N N 133 
CYS N     H2     sing N N 134 
CYS CA    C      sing N N 135 
CYS CA    CB     sing N N 136 
CYS CA    HA     sing N N 137 
CYS C     O      doub N N 138 
CYS C     OXT    sing N N 139 
CYS CB    SG     sing N N 140 
CYS CB    HB2    sing N N 141 
CYS CB    HB3    sing N N 142 
CYS SG    HG     sing N N 143 
CYS OXT   HXT    sing N N 144 
GLN N     CA     sing N N 145 
GLN N     H      sing N N 146 
GLN N     H2     sing N N 147 
GLN CA    C      sing N N 148 
GLN CA    CB     sing N N 149 
GLN CA    HA     sing N N 150 
GLN C     O      doub N N 151 
GLN C     OXT    sing N N 152 
GLN CB    CG     sing N N 153 
GLN CB    HB2    sing N N 154 
GLN CB    HB3    sing N N 155 
GLN CG    CD     sing N N 156 
GLN CG    HG2    sing N N 157 
GLN CG    HG3    sing N N 158 
GLN CD    OE1    doub N N 159 
GLN CD    NE2    sing N N 160 
GLN NE2   HE21   sing N N 161 
GLN NE2   HE22   sing N N 162 
GLN OXT   HXT    sing N N 163 
GLU N     CA     sing N N 164 
GLU N     H      sing N N 165 
GLU N     H2     sing N N 166 
GLU CA    C      sing N N 167 
GLU CA    CB     sing N N 168 
GLU CA    HA     sing N N 169 
GLU C     O      doub N N 170 
GLU C     OXT    sing N N 171 
GLU CB    CG     sing N N 172 
GLU CB    HB2    sing N N 173 
GLU CB    HB3    sing N N 174 
GLU CG    CD     sing N N 175 
GLU CG    HG2    sing N N 176 
GLU CG    HG3    sing N N 177 
GLU CD    OE1    doub N N 178 
GLU CD    OE2    sing N N 179 
GLU OE2   HE2    sing N N 180 
GLU OXT   HXT    sing N N 181 
GLY N     CA     sing N N 182 
GLY N     H      sing N N 183 
GLY N     H2     sing N N 184 
GLY CA    C      sing N N 185 
GLY CA    HA2    sing N N 186 
GLY CA    HA3    sing N N 187 
GLY C     O      doub N N 188 
GLY C     OXT    sing N N 189 
GLY OXT   HXT    sing N N 190 
HIS N     CA     sing N N 191 
HIS N     H      sing N N 192 
HIS N     H2     sing N N 193 
HIS CA    C      sing N N 194 
HIS CA    CB     sing N N 195 
HIS CA    HA     sing N N 196 
HIS C     O      doub N N 197 
HIS C     OXT    sing N N 198 
HIS CB    CG     sing N N 199 
HIS CB    HB2    sing N N 200 
HIS CB    HB3    sing N N 201 
HIS CG    ND1    sing Y N 202 
HIS CG    CD2    doub Y N 203 
HIS ND1   CE1    doub Y N 204 
HIS ND1   HD1    sing N N 205 
HIS CD2   NE2    sing Y N 206 
HIS CD2   HD2    sing N N 207 
HIS CE1   NE2    sing Y N 208 
HIS CE1   HE1    sing N N 209 
HIS NE2   HE2    sing N N 210 
HIS OXT   HXT    sing N N 211 
HOH O     H1     sing N N 212 
HOH O     H2     sing N N 213 
ILE N     CA     sing N N 214 
ILE N     H      sing N N 215 
ILE N     H2     sing N N 216 
ILE CA    C      sing N N 217 
ILE CA    CB     sing N N 218 
ILE CA    HA     sing N N 219 
ILE C     O      doub N N 220 
ILE C     OXT    sing N N 221 
ILE CB    CG1    sing N N 222 
ILE CB    CG2    sing N N 223 
ILE CB    HB     sing N N 224 
ILE CG1   CD1    sing N N 225 
ILE CG1   HG12   sing N N 226 
ILE CG1   HG13   sing N N 227 
ILE CG2   HG21   sing N N 228 
ILE CG2   HG22   sing N N 229 
ILE CG2   HG23   sing N N 230 
ILE CD1   HD11   sing N N 231 
ILE CD1   HD12   sing N N 232 
ILE CD1   HD13   sing N N 233 
ILE OXT   HXT    sing N N 234 
LEU N     CA     sing N N 235 
LEU N     H      sing N N 236 
LEU N     H2     sing N N 237 
LEU CA    C      sing N N 238 
LEU CA    CB     sing N N 239 
LEU CA    HA     sing N N 240 
LEU C     O      doub N N 241 
LEU C     OXT    sing N N 242 
LEU CB    CG     sing N N 243 
LEU CB    HB2    sing N N 244 
LEU CB    HB3    sing N N 245 
LEU CG    CD1    sing N N 246 
LEU CG    CD2    sing N N 247 
LEU CG    HG     sing N N 248 
LEU CD1   HD11   sing N N 249 
LEU CD1   HD12   sing N N 250 
LEU CD1   HD13   sing N N 251 
LEU CD2   HD21   sing N N 252 
LEU CD2   HD22   sing N N 253 
LEU CD2   HD23   sing N N 254 
LEU OXT   HXT    sing N N 255 
LYS N     CA     sing N N 256 
LYS N     H      sing N N 257 
LYS N     H2     sing N N 258 
LYS CA    C      sing N N 259 
LYS CA    CB     sing N N 260 
LYS CA    HA     sing N N 261 
LYS C     O      doub N N 262 
LYS C     OXT    sing N N 263 
LYS CB    CG     sing N N 264 
LYS CB    HB2    sing N N 265 
LYS CB    HB3    sing N N 266 
LYS CG    CD     sing N N 267 
LYS CG    HG2    sing N N 268 
LYS CG    HG3    sing N N 269 
LYS CD    CE     sing N N 270 
LYS CD    HD2    sing N N 271 
LYS CD    HD3    sing N N 272 
LYS CE    NZ     sing N N 273 
LYS CE    HE2    sing N N 274 
LYS CE    HE3    sing N N 275 
LYS NZ    HZ1    sing N N 276 
LYS NZ    HZ2    sing N N 277 
LYS NZ    HZ3    sing N N 278 
LYS OXT   HXT    sing N N 279 
MET N     CA     sing N N 280 
MET N     H      sing N N 281 
MET N     H2     sing N N 282 
MET CA    C      sing N N 283 
MET CA    CB     sing N N 284 
MET CA    HA     sing N N 285 
MET C     O      doub N N 286 
MET C     OXT    sing N N 287 
MET CB    CG     sing N N 288 
MET CB    HB2    sing N N 289 
MET CB    HB3    sing N N 290 
MET CG    SD     sing N N 291 
MET CG    HG2    sing N N 292 
MET CG    HG3    sing N N 293 
MET SD    CE     sing N N 294 
MET CE    HE1    sing N N 295 
MET CE    HE2    sing N N 296 
MET CE    HE3    sing N N 297 
MET OXT   HXT    sing N N 298 
PHE N     CA     sing N N 299 
PHE N     H      sing N N 300 
PHE N     H2     sing N N 301 
PHE CA    C      sing N N 302 
PHE CA    CB     sing N N 303 
PHE CA    HA     sing N N 304 
PHE C     O      doub N N 305 
PHE C     OXT    sing N N 306 
PHE CB    CG     sing N N 307 
PHE CB    HB2    sing N N 308 
PHE CB    HB3    sing N N 309 
PHE CG    CD1    doub Y N 310 
PHE CG    CD2    sing Y N 311 
PHE CD1   CE1    sing Y N 312 
PHE CD1   HD1    sing N N 313 
PHE CD2   CE2    doub Y N 314 
PHE CD2   HD2    sing N N 315 
PHE CE1   CZ     doub Y N 316 
PHE CE1   HE1    sing N N 317 
PHE CE2   CZ     sing Y N 318 
PHE CE2   HE2    sing N N 319 
PHE CZ    HZ     sing N N 320 
PHE OXT   HXT    sing N N 321 
PRO N     CA     sing N N 322 
PRO N     CD     sing N N 323 
PRO N     H      sing N N 324 
PRO CA    C      sing N N 325 
PRO CA    CB     sing N N 326 
PRO CA    HA     sing N N 327 
PRO C     O      doub N N 328 
PRO C     OXT    sing N N 329 
PRO CB    CG     sing N N 330 
PRO CB    HB2    sing N N 331 
PRO CB    HB3    sing N N 332 
PRO CG    CD     sing N N 333 
PRO CG    HG2    sing N N 334 
PRO CG    HG3    sing N N 335 
PRO CD    HD2    sing N N 336 
PRO CD    HD3    sing N N 337 
PRO OXT   HXT    sing N N 338 
SER N     CA     sing N N 339 
SER N     H      sing N N 340 
SER N     H2     sing N N 341 
SER CA    C      sing N N 342 
SER CA    CB     sing N N 343 
SER CA    HA     sing N N 344 
SER C     O      doub N N 345 
SER C     OXT    sing N N 346 
SER CB    OG     sing N N 347 
SER CB    HB2    sing N N 348 
SER CB    HB3    sing N N 349 
SER OG    HG     sing N N 350 
SER OXT   HXT    sing N N 351 
THR N     CA     sing N N 352 
THR N     H      sing N N 353 
THR N     H2     sing N N 354 
THR CA    C      sing N N 355 
THR CA    CB     sing N N 356 
THR CA    HA     sing N N 357 
THR C     O      doub N N 358 
THR C     OXT    sing N N 359 
THR CB    OG1    sing N N 360 
THR CB    CG2    sing N N 361 
THR CB    HB     sing N N 362 
THR OG1   HG1    sing N N 363 
THR CG2   HG21   sing N N 364 
THR CG2   HG22   sing N N 365 
THR CG2   HG23   sing N N 366 
THR OXT   HXT    sing N N 367 
TYR N     CA     sing N N 368 
TYR N     H      sing N N 369 
TYR N     H2     sing N N 370 
TYR CA    C      sing N N 371 
TYR CA    CB     sing N N 372 
TYR CA    HA     sing N N 373 
TYR C     O      doub N N 374 
TYR C     OXT    sing N N 375 
TYR CB    CG     sing N N 376 
TYR CB    HB2    sing N N 377 
TYR CB    HB3    sing N N 378 
TYR CG    CD1    doub Y N 379 
TYR CG    CD2    sing Y N 380 
TYR CD1   CE1    sing Y N 381 
TYR CD1   HD1    sing N N 382 
TYR CD2   CE2    doub Y N 383 
TYR CD2   HD2    sing N N 384 
TYR CE1   CZ     doub Y N 385 
TYR CE1   HE1    sing N N 386 
TYR CE2   CZ     sing Y N 387 
TYR CE2   HE2    sing N N 388 
TYR CZ    OH     sing N N 389 
TYR OH    HH     sing N N 390 
TYR OXT   HXT    sing N N 391 
VAL N     CA     sing N N 392 
VAL N     H      sing N N 393 
VAL N     H2     sing N N 394 
VAL CA    C      sing N N 395 
VAL CA    CB     sing N N 396 
VAL CA    HA     sing N N 397 
VAL C     O      doub N N 398 
VAL C     OXT    sing N N 399 
VAL CB    CG1    sing N N 400 
VAL CB    CG2    sing N N 401 
VAL CB    HB     sing N N 402 
VAL CG1   HG11   sing N N 403 
VAL CG1   HG12   sing N N 404 
VAL CG1   HG13   sing N N 405 
VAL CG2   HG21   sing N N 406 
VAL CG2   HG22   sing N N 407 
VAL CG2   HG23   sing N N 408 
VAL OXT   HXT    sing N N 409 
# 
_pdbx_initial_refinement_model.id               1 
_pdbx_initial_refinement_model.entity_id_list   ? 
_pdbx_initial_refinement_model.type             'experimental model' 
_pdbx_initial_refinement_model.source_name      PDB 
_pdbx_initial_refinement_model.accession_code   1SPV 
_pdbx_initial_refinement_model.details          'PDB ENTRY 1SPV' 
# 
_atom_sites.entry_id                    3V2B 
_atom_sites.fract_transf_matrix[1][1]   -0.01094542 
_atom_sites.fract_transf_matrix[1][2]   -0.00978834 
_atom_sites.fract_transf_matrix[1][3]   -0.00007674 
_atom_sites.fract_transf_matrix[2][1]   0.00565159 
_atom_sites.fract_transf_matrix[2][2]   -0.00637380 
_atom_sites.fract_transf_matrix[2][3]   0.00690561 
_atom_sites.fract_transf_matrix[3][1]   -0.00672740 
_atom_sites.fract_transf_matrix[3][2]   0.00742575 
_atom_sites.fract_transf_matrix[3][3]   0.01235962 
_atom_sites.fract_transf_vector[1]      0.216105 
_atom_sites.fract_transf_vector[2]      0.158730 
_atom_sites.fract_transf_vector[3]      -0.149874 
# 
loop_
_atom_type.symbol 
C 
N 
O 
P 
S 
# 
loop_
_atom_site.group_PDB 
_atom_site.id 
_atom_site.type_symbol 
_atom_site.label_atom_id 
_atom_site.label_alt_id 
_atom_site.label_comp_id 
_atom_site.label_asym_id 
_atom_site.label_entity_id 
_atom_site.label_seq_id 
_atom_site.pdbx_PDB_ins_code 
_atom_site.Cartn_x 
_atom_site.Cartn_y 
_atom_site.Cartn_z 
_atom_site.occupancy 
_atom_site.B_iso_or_equiv 
_atom_site.pdbx_formal_charge 
_atom_site.auth_seq_id 
_atom_site.auth_comp_id 
_atom_site.auth_asym_id 
_atom_site.auth_atom_id 
_atom_site.pdbx_PDB_model_num 
ATOM   1    N N     . TYR A 1 19  ? -12.936 20.908  19.170  1.00 44.20 ? 268 TYR A N     1 
ATOM   2    C CA    . TYR A 1 19  ? -12.840 21.599  17.839  1.00 43.84 ? 268 TYR A CA    1 
ATOM   3    C C     . TYR A 1 19  ? -11.406 21.621  17.202  1.00 42.49 ? 268 TYR A C     1 
ATOM   4    O O     . TYR A 1 19  ? -10.427 21.892  17.919  1.00 42.64 ? 268 TYR A O     1 
ATOM   5    C CB    . TYR A 1 19  ? -13.317 23.034  18.028  1.00 44.59 ? 268 TYR A CB    1 
ATOM   6    C CG    . TYR A 1 19  ? -13.440 23.748  16.718  1.00 45.53 ? 268 TYR A CG    1 
ATOM   7    C CD1   . TYR A 1 19  ? -12.443 24.610  16.278  1.00 47.23 ? 268 TYR A CD1   1 
ATOM   8    C CD2   . TYR A 1 19  ? -14.539 23.524  15.902  1.00 46.93 ? 268 TYR A CD2   1 
ATOM   9    C CE1   . TYR A 1 19  ? -12.550 25.272  15.050  1.00 48.44 ? 268 TYR A CE1   1 
ATOM   10   C CE2   . TYR A 1 19  ? -14.670 24.177  14.681  1.00 48.20 ? 268 TYR A CE2   1 
ATOM   11   C CZ    . TYR A 1 19  ? -13.666 25.052  14.251  1.00 49.35 ? 268 TYR A CZ    1 
ATOM   12   O OH    . TYR A 1 19  ? -13.794 25.690  13.028  1.00 48.80 ? 268 TYR A OH    1 
ATOM   13   N N     . PHE A 1 20  ? -11.299 21.397  15.870  1.00 40.35 ? 269 PHE A N     1 
ATOM   14   C CA    . PHE A 1 20  ? -9.994  21.318  15.155  1.00 38.41 ? 269 PHE A CA    1 
ATOM   15   C C     . PHE A 1 20  ? -10.138 21.584  13.637  1.00 36.48 ? 269 PHE A C     1 
ATOM   16   O O     . PHE A 1 20  ? -11.225 21.385  13.080  1.00 36.41 ? 269 PHE A O     1 
ATOM   17   C CB    . PHE A 1 20  ? -9.417  19.913  15.388  1.00 38.60 ? 269 PHE A CB    1 
ATOM   18   C CG    . PHE A 1 20  ? -7.967  19.725  14.938  1.00 41.97 ? 269 PHE A CG    1 
ATOM   19   C CD1   . PHE A 1 20  ? -7.614  18.648  14.107  1.00 44.84 ? 269 PHE A CD1   1 
ATOM   20   C CD2   . PHE A 1 20  ? -6.952  20.571  15.393  1.00 44.89 ? 269 PHE A CD2   1 
ATOM   21   C CE1   . PHE A 1 20  ? -6.293  18.437  13.701  1.00 45.67 ? 269 PHE A CE1   1 
ATOM   22   C CE2   . PHE A 1 20  ? -5.606  20.377  14.981  1.00 46.15 ? 269 PHE A CE2   1 
ATOM   23   C CZ    . PHE A 1 20  ? -5.280  19.315  14.133  1.00 46.64 ? 269 PHE A CZ    1 
ATOM   24   N N     . GLN A 1 21  ? -9.051  22.011  12.974  1.00 34.01 ? 270 GLN A N     1 
ATOM   25   C CA    . GLN A 1 21  ? -9.007  22.225  11.484  1.00 31.38 ? 270 GLN A CA    1 
ATOM   26   C C     . GLN A 1 21  ? -7.766  21.674  10.780  1.00 28.89 ? 270 GLN A C     1 
ATOM   27   O O     . GLN A 1 21  ? -6.658  22.153  11.044  1.00 27.70 ? 270 GLN A O     1 
ATOM   28   C CB    . GLN A 1 21  ? -9.053  23.715  11.165  1.00 31.35 ? 270 GLN A CB    1 
ATOM   29   C CG    . GLN A 1 21  ? -10.193 24.416  11.873  1.00 32.42 ? 270 GLN A CG    1 
ATOM   30   C CD    . GLN A 1 21  ? -10.278 25.907  11.595  1.00 29.70 ? 270 GLN A CD    1 
ATOM   31   O OE1   . GLN A 1 21  ? -9.355  26.522  11.055  1.00 27.31 ? 270 GLN A OE1   1 
ATOM   32   N NE2   . GLN A 1 21  ? -11.400 26.493  11.986  1.00 27.88 ? 270 GLN A NE2   1 
ATOM   33   N N     . SER A 1 22  ? -7.944  20.718  9.849   1.00 26.50 ? 271 SER A N     1 
ATOM   34   C CA    . SER A 1 22  ? -6.784  20.151  9.089   1.00 24.53 ? 271 SER A CA    1 
ATOM   35   C C     . SER A 1 22  ? -7.129  19.389  7.790   1.00 22.23 ? 271 SER A C     1 
ATOM   36   O O     . SER A 1 22  ? -8.194  18.787  7.630   1.00 21.06 ? 271 SER A O     1 
ATOM   37   C CB    . SER A 1 22  ? -5.926  19.229  9.979   1.00 24.69 ? 271 SER A CB    1 
ATOM   38   O OG    . SER A 1 22  ? -6.707  18.123  10.374  1.00 27.54 ? 271 SER A OG    1 
ATOM   39   N N     . MET A 1 23  ? -6.193  19.451  6.858   1.00 20.25 ? 272 MET A N     1 
ATOM   40   C CA    . MET A 1 23  ? -6.245  18.688  5.629   1.00 18.89 ? 272 MET A CA    1 
ATOM   41   C C     . MET A 1 23  ? -6.325  17.221  5.980   1.00 17.51 ? 272 MET A C     1 
ATOM   42   O O     . MET A 1 23  ? -5.703  16.785  6.924   1.00 15.76 ? 272 MET A O     1 
ATOM   43   C CB    . MET A 1 23  ? -5.008  18.956  4.765   1.00 18.75 ? 272 MET A CB    1 
ATOM   44   C CG    . MET A 1 23  ? -4.876  20.456  4.270   1.00 19.74 ? 272 MET A CG    1 
ATOM   45   S SD    . MET A 1 23  ? -6.252  21.019  3.218   1.00 25.17 ? 272 MET A SD    1 
ATOM   46   C CE    . MET A 1 23  ? -6.297  19.771  1.930   1.00 20.64 ? 272 MET A CE    1 
ATOM   47   N N     . THR A 1 24  ? -7.144  16.502  5.227   1.00 15.90 ? 273 THR A N     1 
ATOM   48   C CA    . THR A 1 24  ? -7.324  15.072  5.393   1.00 15.93 ? 273 THR A CA    1 
ATOM   49   C C     . THR A 1 24  ? -7.106  14.233  4.130   1.00 16.09 ? 273 THR A C     1 
ATOM   50   O O     . THR A 1 24  ? -6.863  13.048  4.278   1.00 16.64 ? 273 THR A O     1 
ATOM   51   C CB    . THR A 1 24  ? -8.722  14.771  5.917   1.00 15.96 ? 273 THR A CB    1 
ATOM   52   O OG1   . THR A 1 24  ? -9.676  15.492  5.142   1.00 17.56 ? 273 THR A OG1   1 
ATOM   53   C CG2   . THR A 1 24  ? -8.845  15.212  7.439   1.00 16.24 ? 273 THR A CG2   1 
ATOM   54   N N     . ALA A 1 25  ? -7.252  14.808  2.916   1.00 15.31 ? 274 ALA A N     1 
ATOM   55   C CA    . ALA A 1 25  ? -7.143  14.063  1.671   1.00 14.57 ? 274 ALA A CA    1 
ATOM   56   C C     . ALA A 1 25  ? -6.683  14.949  0.504   1.00 15.58 ? 274 ALA A C     1 
ATOM   57   O O     . ALA A 1 25  ? -7.012  16.137  0.422   1.00 14.02 ? 274 ALA A O     1 
ATOM   58   C CB    . ALA A 1 25  ? -8.484  13.385  1.317   1.00 14.12 ? 274 ALA A CB    1 
ATOM   59   N N     . TYR A 1 26  ? -5.907  14.336  -0.396  1.00 16.51 ? 275 TYR A N     1 
ATOM   60   C CA    . TYR A 1 26  ? -5.528  14.894  -1.698  1.00 16.07 ? 275 TYR A CA    1 
ATOM   61   C C     . TYR A 1 26  ? -5.804  13.810  -2.743  1.00 17.51 ? 275 TYR A C     1 
ATOM   62   O O     . TYR A 1 26  ? -5.593  12.607  -2.478  1.00 18.51 ? 275 TYR A O     1 
ATOM   63   C CB    . TYR A 1 26  ? -4.038  15.235  -1.727  1.00 17.05 ? 275 TYR A CB    1 
ATOM   64   C CG    . TYR A 1 26  ? -3.619  16.263  -0.697  1.00 15.56 ? 275 TYR A CG    1 
ATOM   65   C CD1   . TYR A 1 26  ? -3.599  17.604  -1.014  1.00 15.55 ? 275 TYR A CD1   1 
ATOM   66   C CD2   . TYR A 1 26  ? -3.333  15.896  0.601   1.00 15.80 ? 275 TYR A CD2   1 
ATOM   67   C CE1   . TYR A 1 26  ? -3.243  18.552  -0.091  1.00 16.95 ? 275 TYR A CE1   1 
ATOM   68   C CE2   . TYR A 1 26  ? -2.966  16.846  1.554   1.00 17.35 ? 275 TYR A CE2   1 
ATOM   69   C CZ    . TYR A 1 26  ? -2.920  18.181  1.186   1.00 17.44 ? 275 TYR A CZ    1 
ATOM   70   O OH    . TYR A 1 26  ? -2.577  19.150  2.093   1.00 19.06 ? 275 TYR A OH    1 
ATOM   71   N N     . GLU A 1 27  ? -6.266  14.223  -3.922  1.00 17.19 ? 276 GLU A N     1 
ATOM   72   C CA    . GLU A 1 27  ? -6.493  13.305  -5.023  1.00 18.26 ? 276 GLU A CA    1 
ATOM   73   C C     . GLU A 1 27  ? -5.987  13.884  -6.323  1.00 18.23 ? 276 GLU A C     1 
ATOM   74   O O     . GLU A 1 27  ? -6.095  15.103  -6.572  1.00 17.16 ? 276 GLU A O     1 
ATOM   75   C CB    . GLU A 1 27  ? -7.983  12.981  -5.141  1.00 18.53 ? 276 GLU A CB    1 
ATOM   76   C CG    . GLU A 1 27  ? -8.319  11.930  -6.144  1.00 22.71 ? 276 GLU A CG    1 
ATOM   77   C CD    . GLU A 1 27  ? -9.830  11.718  -6.278  1.00 27.38 ? 276 GLU A CD    1 
ATOM   78   O OE1   . GLU A 1 27  ? -10.430 11.022  -5.429  1.00 28.21 ? 276 GLU A OE1   1 
ATOM   79   O OE2   . GLU A 1 27  ? -10.417 12.287  -7.233  1.00 34.33 ? 276 GLU A OE2   1 
ATOM   80   N N     . MET A 1 28  ? -5.430  13.008  -7.157  1.00 18.00 ? 277 MET A N     1 
ATOM   81   C CA    . MET A 1 28  ? -5.082  13.375  -8.517  1.00 18.01 ? 277 MET A CA    1 
ATOM   82   C C     . MET A 1 28  ? -5.411  12.242  -9.507  1.00 17.94 ? 277 MET A C     1 
ATOM   83   O O     . MET A 1 28  ? -5.604  11.097  -9.108  1.00 16.66 ? 277 MET A O     1 
ATOM   84   C CB    . MET A 1 28  ? -3.624  13.772  -8.584  1.00 18.00 ? 277 MET A CB    1 
ATOM   85   C CG    . MET A 1 28  ? -2.670  12.644  -8.555  1.00 21.41 ? 277 MET A CG    1 
ATOM   86   S SD    . MET A 1 28  ? -0.989  13.278  -8.339  1.00 27.46 ? 277 MET A SD    1 
ATOM   87   C CE    . MET A 1 28  ? -0.693  14.208  -9.862  1.00 20.39 ? 277 MET A CE    1 
ATOM   88   N N     . LYS A 1 29  ? -5.514  12.601  -10.780 1.00 17.80 ? 278 LYS A N     1 
ATOM   89   C CA    . LYS A 1 29  ? -5.682  11.660  -11.853 1.00 19.63 ? 278 LYS A CA    1 
ATOM   90   C C     . LYS A 1 29  ? -4.356  11.566  -12.631 1.00 19.61 ? 278 LYS A C     1 
ATOM   91   O O     . LYS A 1 29  ? -3.765  12.586  -13.009 1.00 18.91 ? 278 LYS A O     1 
ATOM   92   C CB    . LYS A 1 29  ? -6.845  12.082  -12.792 1.00 20.79 ? 278 LYS A CB    1 
ATOM   93   C CG    . LYS A 1 29  ? -7.334  10.935  -13.656 1.00 25.82 ? 278 LYS A CG    1 
ATOM   94   C CD    . LYS A 1 29  ? -8.842  11.025  -14.032 1.00 31.73 ? 278 LYS A CD    1 
ATOM   95   C CE    . LYS A 1 29  ? -9.326  9.712   -14.637 1.00 33.01 ? 278 LYS A CE    1 
ATOM   96   N NZ    . LYS A 1 29  ? -8.812  8.568   -13.799 1.00 35.90 ? 278 LYS A NZ    1 
ATOM   97   N N     . ILE A 1 30  ? -3.889  10.326  -12.845 1.00 19.93 ? 279 ILE A N     1 
ATOM   98   C CA    . ILE A 1 30  ? -2.685  10.048  -13.610 1.00 20.09 ? 279 ILE A CA    1 
ATOM   99   C C     . ILE A 1 30  ? -3.076  9.056   -14.688 1.00 20.37 ? 279 ILE A C     1 
ATOM   100  O O     . ILE A 1 30  ? -3.274  7.885   -14.418 1.00 19.48 ? 279 ILE A O     1 
ATOM   101  C CB    . ILE A 1 30  ? -1.559  9.481   -12.697 1.00 21.01 ? 279 ILE A CB    1 
ATOM   102  C CG1   . ILE A 1 30  ? -1.317  10.409  -11.494 1.00 21.14 ? 279 ILE A CG1   1 
ATOM   103  C CG2   . ILE A 1 30  ? -0.238  9.373   -13.487 1.00 21.74 ? 279 ILE A CG2   1 
ATOM   104  C CD1   . ILE A 1 30  ? -0.314  9.915   -10.468 1.00 17.71 ? 279 ILE A CD1   1 
ATOM   105  N N     . GLY A 1 31  ? -3.236  9.537   -15.920 1.00 20.82 ? 280 GLY A N     1 
ATOM   106  C CA    . GLY A 1 31  ? -3.871  8.735   -16.966 1.00 20.85 ? 280 GLY A CA    1 
ATOM   107  C C     . GLY A 1 31  ? -5.240  8.268   -16.532 1.00 21.66 ? 280 GLY A C     1 
ATOM   108  O O     . GLY A 1 31  ? -6.059  9.073   -16.060 1.00 22.08 ? 280 GLY A O     1 
ATOM   109  N N     . ALA A 1 32  ? -5.478  6.958   -16.662 1.00 22.15 ? 281 ALA A N     1 
ATOM   110  C CA    . ALA A 1 32  ? -6.736  6.308   -16.242 1.00 22.32 ? 281 ALA A CA    1 
ATOM   111  C C     . ALA A 1 32  ? -6.871  6.052   -14.736 1.00 22.06 ? 281 ALA A C     1 
ATOM   112  O O     . ALA A 1 32  ? -7.957  5.651   -14.279 1.00 22.71 ? 281 ALA A O     1 
ATOM   113  C CB    . ALA A 1 32  ? -6.939  4.975   -17.004 1.00 21.82 ? 281 ALA A CB    1 
ATOM   114  N N     . ILE A 1 33  ? -5.791  6.282   -13.982 1.00 21.56 ? 282 ILE A N     1 
ATOM   115  C CA    . ILE A 1 33  ? -5.721  5.935   -12.568 1.00 21.18 ? 282 ILE A CA    1 
ATOM   116  C C     . ILE A 1 33  ? -6.019  7.174   -11.674 1.00 20.07 ? 282 ILE A C     1 
ATOM   117  O O     . ILE A 1 33  ? -5.467  8.268   -11.891 1.00 19.20 ? 282 ILE A O     1 
ATOM   118  C CB    . ILE A 1 33  ? -4.313  5.387   -12.251 1.00 22.54 ? 282 ILE A CB    1 
ATOM   119  C CG1   . ILE A 1 33  ? -4.013  4.170   -13.148 1.00 24.40 ? 282 ILE A CG1   1 
ATOM   120  C CG2   . ILE A 1 33  ? -4.135  5.007   -10.768 1.00 19.75 ? 282 ILE A CG2   1 
ATOM   121  C CD1   . ILE A 1 33  ? -4.715  2.962   -12.745 1.00 28.10 ? 282 ILE A CD1   1 
ATOM   122  N N     . THR A 1 34  ? -6.897  6.973   -10.699 1.00 18.54 ? 283 THR A N     1 
ATOM   123  C CA    . THR A 1 34  ? -7.108  7.893   -9.585  1.00 18.24 ? 283 THR A CA    1 
ATOM   124  C C     . THR A 1 34  ? -6.186  7.538   -8.412  1.00 17.00 ? 283 THR A C     1 
ATOM   125  O O     . THR A 1 34  ? -6.249  6.446   -7.873  1.00 16.54 ? 283 THR A O     1 
ATOM   126  C CB    . THR A 1 34  ? -8.586  7.886   -9.161  1.00 18.63 ? 283 THR A CB    1 
ATOM   127  O OG1   . THR A 1 34  ? -9.344  8.428   -10.247 1.00 19.64 ? 283 THR A OG1   1 
ATOM   128  C CG2   . THR A 1 34  ? -8.845  8.750   -7.933  1.00 17.27 ? 283 THR A CG2   1 
ATOM   129  N N     . PHE A 1 35  ? -5.337  8.482   -8.036  1.00 16.42 ? 284 PHE A N     1 
ATOM   130  C CA    . PHE A 1 35  ? -4.374  8.308   -6.947  1.00 16.43 ? 284 PHE A CA    1 
ATOM   131  C C     . PHE A 1 35  ? -4.794  9.178   -5.761  1.00 16.76 ? 284 PHE A C     1 
ATOM   132  O O     . PHE A 1 35  ? -4.832  10.407  -5.881  1.00 17.08 ? 284 PHE A O     1 
ATOM   133  C CB    . PHE A 1 35  ? -2.957  8.684   -7.410  1.00 15.62 ? 284 PHE A CB    1 
ATOM   134  C CG    . PHE A 1 35  ? -1.933  8.731   -6.282  1.00 17.30 ? 284 PHE A CG    1 
ATOM   135  C CD1   . PHE A 1 35  ? -1.855  7.708   -5.333  1.00 17.33 ? 284 PHE A CD1   1 
ATOM   136  C CD2   . PHE A 1 35  ? -1.018  9.743   -6.206  1.00 17.22 ? 284 PHE A CD2   1 
ATOM   137  C CE1   . PHE A 1 35  ? -0.905  7.736   -4.325  1.00 17.61 ? 284 PHE A CE1   1 
ATOM   138  C CE2   . PHE A 1 35  ? -0.074  9.783   -5.185  1.00 19.70 ? 284 PHE A CE2   1 
ATOM   139  C CZ    . PHE A 1 35  ? -0.006  8.776   -4.243  1.00 17.17 ? 284 PHE A CZ    1 
ATOM   140  N N     A GLN A 1 36  ? -5.068  8.532   -4.626  0.50 16.82 ? 285 GLN A N     1 
ATOM   141  N N     B GLN A 1 36  ? -5.170  8.562   -4.636  0.50 17.10 ? 285 GLN A N     1 
ATOM   142  C CA    A GLN A 1 36  ? -5.577  9.202   -3.423  0.50 16.63 ? 285 GLN A CA    1 
ATOM   143  C CA    B GLN A 1 36  ? -5.564  9.338   -3.440  0.50 17.17 ? 285 GLN A CA    1 
ATOM   144  C C     A GLN A 1 36  ? -4.554  9.075   -2.270  0.50 16.29 ? 285 GLN A C     1 
ATOM   145  C C     B GLN A 1 36  ? -4.593  9.097   -2.277  0.50 16.55 ? 285 GLN A C     1 
ATOM   146  O O     A GLN A 1 36  ? -3.981  8.012   -2.080  0.50 16.51 ? 285 GLN A O     1 
ATOM   147  O O     B GLN A 1 36  ? -4.096  7.996   -2.092  0.50 16.71 ? 285 GLN A O     1 
ATOM   148  C CB    A GLN A 1 36  ? -6.918  8.563   -2.993  0.50 16.74 ? 285 GLN A CB    1 
ATOM   149  C CB    B GLN A 1 36  ? -7.028  9.060   -2.996  0.50 17.38 ? 285 GLN A CB    1 
ATOM   150  C CG    A GLN A 1 36  ? -8.069  8.630   -4.012  0.50 15.84 ? 285 GLN A CG    1 
ATOM   151  C CG    B GLN A 1 36  ? -7.357  9.663   -1.579  0.50 18.65 ? 285 GLN A CG    1 
ATOM   152  C CD    A GLN A 1 36  ? -9.253  7.666   -3.676  0.50 18.33 ? 285 GLN A CD    1 
ATOM   153  C CD    B GLN A 1 36  ? -8.856  9.851   -1.249  0.50 19.20 ? 285 GLN A CD    1 
ATOM   154  O OE1   A GLN A 1 36  ? -9.083  6.610   -3.038  0.50 13.03 ? 285 GLN A OE1   1 
ATOM   155  O OE1   B GLN A 1 36  ? -9.540  8.918   -0.845  0.50 22.49 ? 285 GLN A OE1   1 
ATOM   156  N NE2   A GLN A 1 36  ? -10.451 8.039   -4.133  0.50 17.98 ? 285 GLN A NE2   1 
ATOM   157  N NE2   B GLN A 1 36  ? -9.328  11.076  -1.356  0.50 19.49 ? 285 GLN A NE2   1 
ATOM   158  N N     . VAL A 1 37  ? -4.326  10.158  -1.521  1.00 15.89 ? 286 VAL A N     1 
ATOM   159  C CA    . VAL A 1 37  ? -3.560  10.117  -0.275  1.00 14.76 ? 286 VAL A CA    1 
ATOM   160  C C     . VAL A 1 37  ? -4.507  10.725  0.786   1.00 15.07 ? 286 VAL A C     1 
ATOM   161  O O     . VAL A 1 37  ? -4.942  11.880  0.621   1.00 13.79 ? 286 VAL A O     1 
ATOM   162  C CB    . VAL A 1 37  ? -2.277  10.963  -0.410  1.00 14.77 ? 286 VAL A CB    1 
ATOM   163  C CG1   . VAL A 1 37  ? -1.391  11.007  0.913   1.00 11.99 ? 286 VAL A CG1   1 
ATOM   164  C CG2   . VAL A 1 37  ? -1.478  10.471  -1.623  1.00 13.67 ? 286 VAL A CG2   1 
ATOM   165  N N     . ALA A 1 38  ? -4.820  9.956   1.841   1.00 13.81 ? 287 ALA A N     1 
ATOM   166  C CA    . ALA A 1 38  ? -5.736  10.388  2.898   1.00 14.72 ? 287 ALA A CA    1 
ATOM   167  C C     . ALA A 1 38  ? -5.284  9.844   4.287   1.00 15.46 ? 287 ALA A C     1 
ATOM   168  O O     . ALA A 1 38  ? -4.700  8.773   4.376   1.00 14.64 ? 287 ALA A O     1 
ATOM   169  C CB    . ALA A 1 38  ? -7.206  9.911   2.600   1.00 13.53 ? 287 ALA A CB    1 
ATOM   170  N N     . THR A 1 39  ? -5.579  10.602  5.343   1.00 16.29 ? 288 THR A N     1 
ATOM   171  C CA    . THR A 1 39  ? -5.297  10.216  6.742   1.00 16.87 ? 288 THR A CA    1 
ATOM   172  C C     . THR A 1 39  ? -6.246  9.072   7.094   1.00 17.80 ? 288 THR A C     1 
ATOM   173  O O     . THR A 1 39  ? -7.403  9.028   6.639   1.00 17.47 ? 288 THR A O     1 
ATOM   174  C CB    . THR A 1 39  ? -5.462  11.435  7.730   1.00 17.41 ? 288 THR A CB    1 
ATOM   175  O OG1   . THR A 1 39  ? -6.575  12.240  7.316   1.00 19.53 ? 288 THR A OG1   1 
ATOM   176  C CG2   . THR A 1 39  ? -4.242  12.305  7.740   1.00 14.43 ? 288 THR A CG2   1 
ATOM   177  N N     . GLY A 1 40  ? -5.742  8.083   7.829   1.00 18.02 ? 289 GLY A N     1 
ATOM   178  C CA    . GLY A 1 40  ? -6.575  6.963   8.143   1.00 18.12 ? 289 GLY A CA    1 
ATOM   179  C C     . GLY A 1 40  ? -5.881  5.826   8.840   1.00 17.73 ? 289 GLY A C     1 
ATOM   180  O O     . GLY A 1 40  ? -4.690  5.877   9.141   1.00 17.90 ? 289 GLY A O     1 
ATOM   181  N N     . ASP A 1 41  ? -6.686  4.814   9.087   1.00 17.37 ? 290 ASP A N     1 
ATOM   182  C CA    . ASP A 1 41  ? -6.245  3.509   9.595   1.00 17.86 ? 290 ASP A CA    1 
ATOM   183  C C     . ASP A 1 41  ? -6.588  2.578   8.453   1.00 16.87 ? 290 ASP A C     1 
ATOM   184  O O     . ASP A 1 41  ? -7.761  2.426   8.110   1.00 17.23 ? 290 ASP A O     1 
ATOM   185  C CB    . ASP A 1 41  ? -7.019  3.180   10.890  1.00 17.04 ? 290 ASP A CB    1 
ATOM   186  C CG    . ASP A 1 41  ? -6.777  1.762   11.400  1.00 21.06 ? 290 ASP A CG    1 
ATOM   187  O OD1   . ASP A 1 41  ? -7.326  1.482   12.492  1.00 24.11 ? 290 ASP A OD1   1 
ATOM   188  O OD2   . ASP A 1 41  ? -6.092  0.918   10.741  1.00 21.16 ? 290 ASP A OD2   1 
ATOM   189  N N     . ILE A 1 42  ? -5.555  2.044   7.797   1.00 16.85 ? 291 ILE A N     1 
ATOM   190  C CA    . ILE A 1 42  ? -5.735  1.173   6.625   1.00 16.43 ? 291 ILE A CA    1 
ATOM   191  C C     . ILE A 1 42  ? -6.614  -0.045  6.965   1.00 16.44 ? 291 ILE A C     1 
ATOM   192  O O     . ILE A 1 42  ? -7.261  -0.602  6.087   1.00 15.57 ? 291 ILE A O     1 
ATOM   193  C CB    . ILE A 1 42  ? -4.321  0.747   6.044   1.00 17.05 ? 291 ILE A CB    1 
ATOM   194  C CG1   . ILE A 1 42  ? -4.390  0.350   4.555   1.00 16.00 ? 291 ILE A CG1   1 
ATOM   195  C CG2   . ILE A 1 42  ? -3.650  -0.331  6.924   1.00 16.45 ? 291 ILE A CG2   1 
ATOM   196  C CD1   . ILE A 1 42  ? -2.995  0.180   3.898   1.00 13.73 ? 291 ILE A CD1   1 
ATOM   197  N N     . ALA A 1 43  ? -6.677  -0.444  8.239   1.00 17.32 ? 292 ALA A N     1 
ATOM   198  C CA    . ALA A 1 43  ? -7.524  -1.614  8.642   1.00 18.53 ? 292 ALA A CA    1 
ATOM   199  C C     . ALA A 1 43  ? -8.994  -1.392  8.331   1.00 19.59 ? 292 ALA A C     1 
ATOM   200  O O     . ALA A 1 43  ? -9.726  -2.363  8.184   1.00 20.97 ? 292 ALA A O     1 
ATOM   201  C CB    . ALA A 1 43  ? -7.354  -1.976  10.190  1.00 18.25 ? 292 ALA A CB    1 
ATOM   202  N N     . THR A 1 44  ? -9.441  -0.142  8.212   1.00 20.57 ? 293 THR A N     1 
ATOM   203  C CA    . THR A 1 44  ? -10.873 0.142   7.906   1.00 21.69 ? 293 THR A CA    1 
ATOM   204  C C     . THR A 1 44  ? -11.190 0.123   6.407   1.00 22.38 ? 293 THR A C     1 
ATOM   205  O O     . THR A 1 44  ? -12.325 0.355   5.995   1.00 22.84 ? 293 THR A O     1 
ATOM   206  C CB    . THR A 1 44  ? -11.329 1.509   8.479   1.00 21.98 ? 293 THR A CB    1 
ATOM   207  O OG1   . THR A 1 44  ? -10.685 2.602   7.791   1.00 24.83 ? 293 THR A OG1   1 
ATOM   208  C CG2   . THR A 1 44  ? -11.004 1.594   9.966   1.00 21.39 ? 293 THR A CG2   1 
ATOM   209  N N     . GLU A 1 45  ? -10.199 -0.163  5.578   1.00 21.70 ? 294 GLU A N     1 
ATOM   210  C CA    . GLU A 1 45  ? -10.379 0.048   4.161   1.00 22.63 ? 294 GLU A CA    1 
ATOM   211  C C     . GLU A 1 45  ? -11.249 -1.038  3.588   1.00 22.61 ? 294 GLU A C     1 
ATOM   212  O O     . GLU A 1 45  ? -11.106 -2.201  3.960   1.00 24.01 ? 294 GLU A O     1 
ATOM   213  C CB    . GLU A 1 45  ? -9.032  0.048   3.413   1.00 21.53 ? 294 GLU A CB    1 
ATOM   214  C CG    . GLU A 1 45  ? -8.237  1.280   3.587   1.00 23.13 ? 294 GLU A CG    1 
ATOM   215  C CD    . GLU A 1 45  ? -8.786  2.445   2.796   1.00 21.99 ? 294 GLU A CD    1 
ATOM   216  O OE1   . GLU A 1 45  ? -8.874  2.314   1.551   1.00 25.51 ? 294 GLU A OE1   1 
ATOM   217  O OE2   . GLU A 1 45  ? -9.133  3.474   3.420   1.00 22.29 ? 294 GLU A OE2   1 
ATOM   218  N N     . GLN A 1 46  ? -12.074 -0.634  2.630   1.00 22.85 ? 295 GLN A N     1 
ATOM   219  C CA    A GLN A 1 46  ? -12.993 -1.502  1.922   0.50 22.71 ? 295 GLN A CA    1 
ATOM   220  C CA    B GLN A 1 46  ? -12.965 -1.552  1.900   0.50 22.85 ? 295 GLN A CA    1 
ATOM   221  C C     . GLN A 1 46  ? -12.654 -1.452  0.412   1.00 22.35 ? 295 GLN A C     1 
ATOM   222  O O     . GLN A 1 46  ? -13.277 -0.713  -0.336  1.00 22.52 ? 295 GLN A O     1 
ATOM   223  C CB    A GLN A 1 46  ? -14.427 -1.007  2.202   0.50 22.76 ? 295 GLN A CB    1 
ATOM   224  C CB    B GLN A 1 46  ? -14.458 -1.257  2.145   0.50 23.12 ? 295 GLN A CB    1 
ATOM   225  C CG    A GLN A 1 46  ? -14.663 -0.602  3.679   0.50 22.58 ? 295 GLN A CG    1 
ATOM   226  C CG    B GLN A 1 46  ? -15.411 -2.155  1.318   0.50 23.36 ? 295 GLN A CG    1 
ATOM   227  C CD    A GLN A 1 46  ? -15.996 0.115   3.919   0.50 22.62 ? 295 GLN A CD    1 
ATOM   228  C CD    B GLN A 1 46  ? -16.742 -2.418  2.011   0.50 24.85 ? 295 GLN A CD    1 
ATOM   229  O OE1   A GLN A 1 46  ? -17.058 -0.413  3.613   0.50 22.62 ? 295 GLN A OE1   1 
ATOM   230  O OE1   B GLN A 1 46  ? -17.474 -3.339  1.646   0.50 24.36 ? 295 GLN A OE1   1 
ATOM   231  N NE2   A GLN A 1 46  ? -15.930 1.319   4.473   0.50 21.81 ? 295 GLN A NE2   1 
ATOM   232  N NE2   B GLN A 1 46  ? -17.053 -1.618  3.029   0.50 25.32 ? 295 GLN A NE2   1 
ATOM   233  N N     . VAL A 1 47  ? -11.665 -2.241  0.003   1.00 21.69 ? 296 VAL A N     1 
ATOM   234  C CA    . VAL A 1 47  ? -11.086 -2.232  -1.329  1.00 20.41 ? 296 VAL A CA    1 
ATOM   235  C C     . VAL A 1 47  ? -10.657 -3.681  -1.657  1.00 21.03 ? 296 VAL A C     1 
ATOM   236  O O     . VAL A 1 47  ? -10.729 -4.569  -0.801  1.00 20.16 ? 296 VAL A O     1 
ATOM   237  C CB    . VAL A 1 47  ? -9.836  -1.277  -1.344  1.00 20.84 ? 296 VAL A CB    1 
ATOM   238  C CG1   . VAL A 1 47  ? -10.247 0.176   -0.963  1.00 17.51 ? 296 VAL A CG1   1 
ATOM   239  C CG2   . VAL A 1 47  ? -8.748  -1.805  -0.386  1.00 17.97 ? 296 VAL A CG2   1 
ATOM   240  N N     . ASP A 1 48  ? -10.215 -3.908  -2.896  1.00 20.60 ? 297 ASP A N     1 
ATOM   241  C CA    . ASP A 1 48  ? -9.927  -5.242  -3.385  1.00 20.14 ? 297 ASP A CA    1 
ATOM   242  C C     . ASP A 1 48  ? -8.681  -5.770  -2.680  1.00 19.51 ? 297 ASP A C     1 
ATOM   243  O O     . ASP A 1 48  ? -8.661  -6.920  -2.249  1.00 20.05 ? 297 ASP A O     1 
ATOM   244  C CB    . ASP A 1 48  ? -9.692  -5.230  -4.908  1.00 20.35 ? 297 ASP A CB    1 
ATOM   245  C CG    . ASP A 1 48  ? -10.982 -5.246  -5.702  1.00 22.44 ? 297 ASP A CG    1 
ATOM   246  O OD1   . ASP A 1 48  ? -12.019 -5.394  -5.047  1.00 23.48 ? 297 ASP A OD1   1 
ATOM   247  O OD2   . ASP A 1 48  ? -10.954 -5.130  -6.970  1.00 23.13 ? 297 ASP A OD2   1 
ATOM   248  N N     . VAL A 1 49  ? -7.655  -4.912  -2.568  1.00 18.63 ? 298 VAL A N     1 
ATOM   249  C CA    . VAL A 1 49  ? -6.318  -5.306  -2.119  1.00 16.58 ? 298 VAL A CA    1 
ATOM   250  C C     . VAL A 1 49  ? -5.789  -4.295  -1.112  1.00 17.24 ? 298 VAL A C     1 
ATOM   251  O O     . VAL A 1 49  ? -5.808  -3.069  -1.376  1.00 15.19 ? 298 VAL A O     1 
ATOM   252  C CB    . VAL A 1 49  ? -5.336  -5.322  -3.270  1.00 16.62 ? 298 VAL A CB    1 
ATOM   253  C CG1   . VAL A 1 49  ? -3.948  -5.775  -2.771  1.00 15.75 ? 298 VAL A CG1   1 
ATOM   254  C CG2   . VAL A 1 49  ? -5.870  -6.155  -4.445  1.00 14.52 ? 298 VAL A CG2   1 
ATOM   255  N N     . ILE A 1 50  ? -5.333  -4.811  0.042   1.00 17.38 ? 299 ILE A N     1 
ATOM   256  C CA    . ILE A 1 50  ? -4.636  -4.014  1.053   1.00 16.81 ? 299 ILE A CA    1 
ATOM   257  C C     . ILE A 1 50  ? -3.184  -4.463  1.131   1.00 15.97 ? 299 ILE A C     1 
ATOM   258  O O     . ILE A 1 50  ? -2.890  -5.645  1.051   1.00 15.82 ? 299 ILE A O     1 
ATOM   259  C CB    . ILE A 1 50  ? -5.303  -4.128  2.430   1.00 16.69 ? 299 ILE A CB    1 
ATOM   260  C CG1   . ILE A 1 50  ? -6.652  -3.410  2.424   1.00 17.64 ? 299 ILE A CG1   1 
ATOM   261  C CG2   . ILE A 1 50  ? -4.391  -3.574  3.534   1.00 16.31 ? 299 ILE A CG2   1 
ATOM   262  C CD1   . ILE A 1 50  ? -7.563  -3.865  3.559   1.00 15.53 ? 299 ILE A CD1   1 
ATOM   263  N N     . VAL A 1 51  ? -2.274  -3.513  1.279   1.00 15.42 ? 300 VAL A N     1 
ATOM   264  C CA    . VAL A 1 51  ? -0.893  -3.829  1.381   1.00 15.14 ? 300 VAL A CA    1 
ATOM   265  C C     . VAL A 1 51  ? -0.442  -3.715  2.830   1.00 16.31 ? 300 VAL A C     1 
ATOM   266  O O     . VAL A 1 51  ? -0.772  -2.717  3.516   1.00 16.22 ? 300 VAL A O     1 
ATOM   267  C CB    . VAL A 1 51  ? -0.033  -2.927  0.446   1.00 15.46 ? 300 VAL A CB    1 
ATOM   268  C CG1   . VAL A 1 51  ? 1.485   -3.227  0.625   1.00 13.58 ? 300 VAL A CG1   1 
ATOM   269  C CG2   . VAL A 1 51  ? -0.462  -3.127  -0.996  1.00 13.53 ? 300 VAL A CG2   1 
ATOM   270  N N     . ASN A 1 52  ? 0.329   -4.723  3.270   1.00 16.59 ? 301 ASN A N     1 
ATOM   271  C CA    . ASN A 1 52  ? 1.000   -4.741  4.570   1.00 17.25 ? 301 ASN A CA    1 
ATOM   272  C C     . ASN A 1 52  ? 2.497   -4.540  4.423   1.00 18.18 ? 301 ASN A C     1 
ATOM   273  O O     . ASN A 1 52  ? 3.142   -5.230  3.624   1.00 18.39 ? 301 ASN A O     1 
ATOM   274  C CB    . ASN A 1 52  ? 0.731   -6.094  5.229   1.00 17.64 ? 301 ASN A CB    1 
ATOM   275  C CG    . ASN A 1 52  ? 1.249   -6.196  6.666   1.00 17.15 ? 301 ASN A CG    1 
ATOM   276  O OD1   . ASN A 1 52  ? 1.413   -5.196  7.354   1.00 14.59 ? 301 ASN A OD1   1 
ATOM   277  N ND2   . ASN A 1 52  ? 1.455   -7.445  7.145   1.00 14.74 ? 301 ASN A ND2   1 
ATOM   278  N N     . SER A 1 53  ? 3.062   -3.591  5.164   1.00 18.72 ? 302 SER A N     1 
ATOM   279  C CA    . SER A 1 53  ? 4.498   -3.363  5.119   1.00 19.45 ? 302 SER A CA    1 
ATOM   280  C C     . SER A 1 53  ? 5.064   -3.992  6.392   1.00 21.23 ? 302 SER A C     1 
ATOM   281  O O     . SER A 1 53  ? 4.697   -3.562  7.500   1.00 21.50 ? 302 SER A O     1 
ATOM   282  C CB    . SER A 1 53  ? 4.825   -1.883  5.065   1.00 19.24 ? 302 SER A CB    1 
ATOM   283  O OG    . SER A 1 53  ? 6.189   -1.640  4.805   1.00 19.19 ? 302 SER A OG    1 
ATOM   284  N N     . THR A 1 54  ? 5.971   -4.962  6.215   1.00 21.91 ? 303 THR A N     1 
ATOM   285  C CA    . THR A 1 54  ? 6.419   -5.832  7.279   1.00 23.32 ? 303 THR A CA    1 
ATOM   286  C C     . THR A 1 54  ? 7.938   -6.174  7.180   1.00 24.96 ? 303 THR A C     1 
ATOM   287  O O     . THR A 1 54  ? 8.696   -5.539  6.396   1.00 23.92 ? 303 THR A O     1 
ATOM   288  C CB    . THR A 1 54  ? 5.500   -7.074  7.359   1.00 23.47 ? 303 THR A CB    1 
ATOM   289  O OG1   . THR A 1 54  ? 5.814   -7.845  8.542   1.00 26.25 ? 303 THR A OG1   1 
ATOM   290  C CG2   . THR A 1 54  ? 5.551   -7.917  6.087   1.00 20.39 ? 303 THR A CG2   1 
ATOM   291  N N     . ALA A 1 55  ? 8.395   -7.096  8.026   1.00 25.84 ? 304 ALA A N     1 
ATOM   292  C CA    . ALA A 1 55  ? 9.795   -7.538  7.993   1.00 27.75 ? 304 ALA A CA    1 
ATOM   293  C C     . ALA A 1 55  ? 10.025  -8.477  6.798   1.00 29.27 ? 304 ALA A C     1 
ATOM   294  O O     . ALA A 1 55  ? 9.072   -9.062  6.287   1.00 29.47 ? 304 ALA A O     1 
ATOM   295  C CB    . ALA A 1 55  ? 10.186  -8.222  9.343   1.00 26.76 ? 304 ALA A CB    1 
ATOM   296  N N     . ARG A 1 56  ? 11.277  -8.608  6.342   1.00 32.05 ? 305 ARG A N     1 
ATOM   297  C CA    . ARG A 1 56  ? 11.639  -9.608  5.285   1.00 34.50 ? 305 ARG A CA    1 
ATOM   298  C C     . ARG A 1 56  ? 11.055  -11.003 5.562   1.00 34.87 ? 305 ARG A C     1 
ATOM   299  O O     . ARG A 1 56  ? 10.574  -11.676 4.645   1.00 36.13 ? 305 ARG A O     1 
ATOM   300  C CB    . ARG A 1 56  ? 13.160  -9.786  5.145   1.00 35.66 ? 305 ARG A CB    1 
ATOM   301  C CG    . ARG A 1 56  ? 13.978  -8.514  5.017   1.00 39.64 ? 305 ARG A CG    1 
ATOM   302  C CD    . ARG A 1 56  ? 14.558  -8.253  3.625   1.00 44.10 ? 305 ARG A CD    1 
ATOM   303  N NE    . ARG A 1 56  ? 15.571  -7.194  3.732   1.00 47.62 ? 305 ARG A NE    1 
ATOM   304  C CZ    . ARG A 1 56  ? 15.311  -5.902  3.953   1.00 49.39 ? 305 ARG A CZ    1 
ATOM   305  N NH1   . ARG A 1 56  ? 14.051  -5.482  4.090   1.00 50.68 ? 305 ARG A NH1   1 
ATOM   306  N NH2   . ARG A 1 56  ? 16.308  -5.019  4.050   1.00 48.36 ? 305 ARG A NH2   1 
ATOM   307  N N     . THR A 1 57  ? 11.080  -11.402 6.831   1.00 34.76 ? 306 THR A N     1 
ATOM   308  C CA    . THR A 1 57  ? 10.572  -12.701 7.293   1.00 34.98 ? 306 THR A CA    1 
ATOM   309  C C     . THR A 1 57  ? 9.062   -12.777 7.501   1.00 34.73 ? 306 THR A C     1 
ATOM   310  O O     . THR A 1 57  ? 8.556   -13.841 7.854   1.00 34.41 ? 306 THR A O     1 
ATOM   311  C CB    . THR A 1 57  ? 11.219  -13.056 8.657   1.00 35.01 ? 306 THR A CB    1 
ATOM   312  O OG1   . THR A 1 57  ? 11.080  -11.936 9.525   1.00 36.73 ? 306 THR A OG1   1 
ATOM   313  C CG2   . THR A 1 57  ? 12.724  -13.343 8.504   1.00 36.07 ? 306 THR A CG2   1 
ATOM   314  N N     . PHE A 1 58  ? 8.348   -11.662 7.303   1.00 34.37 ? 307 PHE A N     1 
ATOM   315  C CA    . PHE A 1 58  ? 6.885   -11.582 7.467   1.00 34.44 ? 307 PHE A CA    1 
ATOM   316  C C     . PHE A 1 58  ? 6.372   -11.910 8.864   1.00 35.02 ? 307 PHE A C     1 
ATOM   317  O O     . PHE A 1 58  ? 5.203   -12.273 9.022   1.00 34.95 ? 307 PHE A O     1 
ATOM   318  C CB    . PHE A 1 58  ? 6.159   -12.454 6.432   1.00 34.36 ? 307 PHE A CB    1 
ATOM   319  C CG    . PHE A 1 58  ? 6.701   -12.311 5.037   1.00 33.96 ? 307 PHE A CG    1 
ATOM   320  C CD1   . PHE A 1 58  ? 6.432   -11.172 4.278   1.00 33.82 ? 307 PHE A CD1   1 
ATOM   321  C CD2   . PHE A 1 58  ? 7.463   -13.315 4.470   1.00 32.88 ? 307 PHE A CD2   1 
ATOM   322  C CE1   . PHE A 1 58  ? 6.946   -11.026 3.003   1.00 32.35 ? 307 PHE A CE1   1 
ATOM   323  C CE2   . PHE A 1 58  ? 7.964   -13.178 3.189   1.00 32.92 ? 307 PHE A CE2   1 
ATOM   324  C CZ    . PHE A 1 58  ? 7.716   -12.032 2.458   1.00 32.88 ? 307 PHE A CZ    1 
ATOM   325  N N     . ASN A 1 59  ? 7.240   -11.720 9.857   1.00 35.99 ? 308 ASN A N     1 
ATOM   326  C CA    . ASN A 1 59  ? 7.023   -12.106 11.247  1.00 37.63 ? 308 ASN A CA    1 
ATOM   327  C C     . ASN A 1 59  ? 6.962   -10.866 12.146  1.00 37.81 ? 308 ASN A C     1 
ATOM   328  O O     . ASN A 1 59  ? 7.609   -10.823 13.192  1.00 38.94 ? 308 ASN A O     1 
ATOM   329  C CB    . ASN A 1 59  ? 8.163   -13.027 11.733  1.00 38.04 ? 308 ASN A CB    1 
ATOM   330  C CG    . ASN A 1 59  ? 9.542   -12.367 11.623  1.00 41.84 ? 308 ASN A CG    1 
ATOM   331  O OD1   . ASN A 1 59  ? 9.717   -11.354 10.908  1.00 45.09 ? 308 ASN A OD1   1 
ATOM   332  N ND2   . ASN A 1 59  ? 10.534  -12.922 12.337  1.00 43.73 ? 308 ASN A ND2   1 
ATOM   333  N N     . ARG A 1 60  ? 6.191   -9.858  11.744  1.00 37.42 ? 309 ARG A N     1 
ATOM   334  C CA    . ARG A 1 60  ? 6.124   -8.608  12.495  1.00 36.59 ? 309 ARG A CA    1 
ATOM   335  C C     . ARG A 1 60  ? 4.661   -8.290  12.827  1.00 35.50 ? 309 ARG A C     1 
ATOM   336  O O     . ARG A 1 60  ? 3.748   -8.527  12.018  1.00 34.22 ? 309 ARG A O     1 
ATOM   337  C CB    . ARG A 1 60  ? 6.798   -7.500  11.696  1.00 36.66 ? 309 ARG A CB    1 
ATOM   338  C CG    . ARG A 1 60  ? 6.997   -6.201  12.437  1.00 38.47 ? 309 ARG A CG    1 
ATOM   339  C CD    . ARG A 1 60  ? 7.502   -5.105  11.503  1.00 39.19 ? 309 ARG A CD    1 
ATOM   340  N NE    . ARG A 1 60  ? 7.068   -3.758  11.904  1.00 41.43 ? 309 ARG A NE    1 
ATOM   341  C CZ    . ARG A 1 60  ? 7.655   -2.988  12.832  1.00 41.04 ? 309 ARG A CZ    1 
ATOM   342  N NH1   . ARG A 1 60  ? 7.162   -1.774  13.088  1.00 39.14 ? 309 ARG A NH1   1 
ATOM   343  N NH2   . ARG A 1 60  ? 8.728   -3.418  13.498  1.00 39.91 ? 309 ARG A NH2   1 
ATOM   344  N N     . LYS A 1 61  ? 4.423   -7.822  14.050  1.00 34.18 ? 310 LYS A N     1 
ATOM   345  C CA    . LYS A 1 61  ? 3.084   -7.364  14.403  1.00 33.34 ? 310 LYS A CA    1 
ATOM   346  C C     . LYS A 1 61  ? 3.183   -6.087  15.213  1.00 32.19 ? 310 LYS A C     1 
ATOM   347  O O     . LYS A 1 61  ? 3.021   -6.072  16.430  1.00 32.11 ? 310 LYS A O     1 
ATOM   348  C CB    . LYS A 1 61  ? 2.289   -8.435  15.132  1.00 33.31 ? 310 LYS A CB    1 
ATOM   349  C CG    . LYS A 1 61  ? 0.831   -8.032  15.231  1.00 34.48 ? 310 LYS A CG    1 
ATOM   350  C CD    . LYS A 1 61  ? -0.126  -9.170  15.434  1.00 33.72 ? 310 LYS A CD    1 
ATOM   351  C CE    . LYS A 1 61  ? 0.078   -9.873  16.749  1.00 34.81 ? 310 LYS A CE    1 
ATOM   352  N NZ    . LYS A 1 61  ? -0.848  -11.093 16.866  1.00 32.88 ? 310 LYS A NZ    1 
ATOM   353  N N     . SER A 1 62  ? 3.481   -5.012  14.505  1.00 30.40 ? 311 SER A N     1 
ATOM   354  C CA    . SER A 1 62  ? 3.809   -3.737  15.131  1.00 29.50 ? 311 SER A CA    1 
ATOM   355  C C     . SER A 1 62  ? 3.681   -2.646  14.051  1.00 27.78 ? 311 SER A C     1 
ATOM   356  O O     . SER A 1 62  ? 3.991   -2.885  12.894  1.00 27.69 ? 311 SER A O     1 
ATOM   357  C CB    . SER A 1 62  ? 5.222   -3.816  15.693  1.00 29.31 ? 311 SER A CB    1 
ATOM   358  O OG    . SER A 1 62  ? 5.608   -2.568  16.199  1.00 29.48 ? 311 SER A OG    1 
ATOM   359  N N     . GLY A 1 63  ? 3.191   -1.470  14.418  1.00 25.95 ? 312 GLY A N     1 
ATOM   360  C CA    . GLY A 1 63  ? 2.888   -0.433  13.420  1.00 23.79 ? 312 GLY A CA    1 
ATOM   361  C C     . GLY A 1 63  ? 1.762   -0.936  12.521  1.00 22.10 ? 312 GLY A C     1 
ATOM   362  O O     . GLY A 1 63  ? 0.803   -1.580  13.009  1.00 21.39 ? 312 GLY A O     1 
ATOM   363  N N     . VAL A 1 64  ? 1.886   -0.703  11.211  1.00 20.04 ? 313 VAL A N     1 
ATOM   364  C CA    . VAL A 1 64  ? 0.822   -1.044  10.293  1.00 18.53 ? 313 VAL A CA    1 
ATOM   365  C C     . VAL A 1 64  ? 0.545   -2.550  10.246  1.00 18.98 ? 313 VAL A C     1 
ATOM   366  O O     . VAL A 1 64  ? -0.597  -2.940  10.067  1.00 20.15 ? 313 VAL A O     1 
ATOM   367  C CB    . VAL A 1 64  ? 1.054   -0.465  8.854   1.00 17.78 ? 313 VAL A CB    1 
ATOM   368  C CG1   . VAL A 1 64  ? 2.197   -1.184  8.144   1.00 16.75 ? 313 VAL A CG1   1 
ATOM   369  C CG2   . VAL A 1 64  ? -0.253  -0.523  8.041   1.00 14.04 ? 313 VAL A CG2   1 
ATOM   370  N N     . SER A 1 65  ? 1.567   -3.391  10.395  1.00 20.12 ? 314 SER A N     1 
ATOM   371  C CA    . SER A 1 65  ? 1.342   -4.858  10.488  1.00 21.30 ? 314 SER A CA    1 
ATOM   372  C C     . SER A 1 65  ? 0.417   -5.259  11.656  1.00 21.33 ? 314 SER A C     1 
ATOM   373  O O     . SER A 1 65  ? -0.428  -6.097  11.489  1.00 21.72 ? 314 SER A O     1 
ATOM   374  C CB    . SER A 1 65  ? 2.670   -5.666  10.557  1.00 21.04 ? 314 SER A CB    1 
ATOM   375  O OG    . SER A 1 65  ? 3.638   -5.109  11.455  1.00 21.83 ? 314 SER A OG    1 
ATOM   376  N N     . ARG A 1 66  ? 0.603   -4.687  12.833  1.00 22.70 ? 315 ARG A N     1 
ATOM   377  C CA    . ARG A 1 66  ? -0.350  -4.893  13.939  1.00 23.87 ? 315 ARG A CA    1 
ATOM   378  C C     . ARG A 1 66  ? -1.781  -4.580  13.515  1.00 23.66 ? 315 ARG A C     1 
ATOM   379  O O     . ARG A 1 66  ? -2.690  -5.416  13.658  1.00 24.08 ? 315 ARG A O     1 
ATOM   380  C CB    . ARG A 1 66  ? 0.037   -4.051  15.184  1.00 24.32 ? 315 ARG A CB    1 
ATOM   381  C CG    . ARG A 1 66  ? -0.776  -4.423  16.431  1.00 28.58 ? 315 ARG A CG    1 
ATOM   382  C CD    . ARG A 1 66  ? -1.037  -3.236  17.336  1.00 34.20 ? 315 ARG A CD    1 
ATOM   383  N NE    . ARG A 1 66  ? -1.768  -2.165  16.616  1.00 39.12 ? 315 ARG A NE    1 
ATOM   384  C CZ    . ARG A 1 66  ? -3.080  -2.148  16.332  1.00 42.10 ? 315 ARG A CZ    1 
ATOM   385  N NH1   . ARG A 1 66  ? -3.601  -1.115  15.653  1.00 44.11 ? 315 ARG A NH1   1 
ATOM   386  N NH2   . ARG A 1 66  ? -3.881  -3.142  16.702  1.00 43.07 ? 315 ARG A NH2   1 
ATOM   387  N N     . ALA A 1 67  ? -1.998  -3.377  12.977  1.00 24.11 ? 316 ALA A N     1 
ATOM   388  C CA    . ALA A 1 67  ? -3.372  -2.959  12.594  1.00 23.20 ? 316 ALA A CA    1 
ATOM   389  C C     . ALA A 1 67  ? -3.897  -3.979  11.597  1.00 22.30 ? 316 ALA A C     1 
ATOM   390  O O     . ALA A 1 67  ? -5.004  -4.456  11.732  1.00 23.00 ? 316 ALA A O     1 
ATOM   391  C CB    . ALA A 1 67  ? -3.391  -1.527  11.995  1.00 22.46 ? 316 ALA A CB    1 
ATOM   392  N N     . ILE A 1 68  ? -3.083  -4.382  10.626  1.00 21.57 ? 317 ILE A N     1 
ATOM   393  C CA    . ILE A 1 68  ? -3.576  -5.332  9.606   1.00 20.51 ? 317 ILE A CA    1 
ATOM   394  C C     . ILE A 1 68  ? -3.796  -6.785  10.131  1.00 21.13 ? 317 ILE A C     1 
ATOM   395  O O     . ILE A 1 68  ? -4.822  -7.414  9.838   1.00 19.35 ? 317 ILE A O     1 
ATOM   396  C CB    . ILE A 1 68  ? -2.652  -5.328  8.343   1.00 20.45 ? 317 ILE A CB    1 
ATOM   397  C CG1   . ILE A 1 68  ? -2.782  -3.974  7.600   1.00 19.98 ? 317 ILE A CG1   1 
ATOM   398  C CG2   . ILE A 1 68  ? -2.978  -6.520  7.390   1.00 16.55 ? 317 ILE A CG2   1 
ATOM   399  C CD1   . ILE A 1 68  ? -1.764  -3.795  6.466   1.00 17.30 ? 317 ILE A CD1   1 
ATOM   400  N N     . LEU A 1 69  ? -2.821  -7.326  10.857  1.00 22.69 ? 318 LEU A N     1 
ATOM   401  C CA    . LEU A 1 69  ? -2.902  -8.738  11.318  1.00 25.00 ? 318 LEU A CA    1 
ATOM   402  C C     . LEU A 1 69  ? -4.004  -8.920  12.380  1.00 26.23 ? 318 LEU A C     1 
ATOM   403  O O     . LEU A 1 69  ? -4.736  -9.901  12.366  1.00 27.12 ? 318 LEU A O     1 
ATOM   404  C CB    . LEU A 1 69  ? -1.553  -9.234  11.865  1.00 24.90 ? 318 LEU A CB    1 
ATOM   405  C CG    . LEU A 1 69  ? -0.412  -9.448  10.864  1.00 24.92 ? 318 LEU A CG    1 
ATOM   406  C CD1   . LEU A 1 69  ? 0.861   -9.908  11.571  1.00 23.39 ? 318 LEU A CD1   1 
ATOM   407  C CD2   . LEU A 1 69  ? -0.763  -10.419 9.733   1.00 23.65 ? 318 LEU A CD2   1 
ATOM   408  N N     . GLU A 1 70  ? -4.169  -7.932  13.249  1.00 28.48 ? 319 GLU A N     1 
ATOM   409  C CA    . GLU A 1 70  ? -5.249  -8.006  14.238  1.00 29.98 ? 319 GLU A CA    1 
ATOM   410  C C     . GLU A 1 70  ? -6.613  -7.920  13.601  1.00 29.81 ? 319 GLU A C     1 
ATOM   411  O O     . GLU A 1 70  ? -7.506  -8.677  13.958  1.00 29.60 ? 319 GLU A O     1 
ATOM   412  C CB    . GLU A 1 70  ? -5.104  -6.937  15.304  1.00 30.53 ? 319 GLU A CB    1 
ATOM   413  C CG    . GLU A 1 70  ? -3.855  -7.161  16.162  1.00 33.69 ? 319 GLU A CG    1 
ATOM   414  C CD    . GLU A 1 70  ? -3.859  -6.298  17.380  1.00 38.15 ? 319 GLU A CD    1 
ATOM   415  O OE1   . GLU A 1 70  ? -4.773  -5.459  17.460  1.00 40.96 ? 319 GLU A OE1   1 
ATOM   416  O OE2   . GLU A 1 70  ? -2.966  -6.441  18.253  1.00 43.25 ? 319 GLU A OE2   1 
ATOM   417  N N     . GLY A 1 71  ? -6.775  -6.997  12.663  1.00 29.51 ? 320 GLY A N     1 
ATOM   418  C CA    . GLY A 1 71  ? -8.046  -6.880  11.948  1.00 29.08 ? 320 GLY A CA    1 
ATOM   419  C C     . GLY A 1 71  ? -8.344  -8.042  11.017  1.00 28.76 ? 320 GLY A C     1 
ATOM   420  O O     . GLY A 1 71  ? -9.506  -8.341  10.748  1.00 29.58 ? 320 GLY A O     1 
ATOM   421  N N     . ALA A 1 72  ? -7.308  -8.673  10.484  1.00 28.20 ? 321 ALA A N     1 
ATOM   422  C CA    . ALA A 1 72  ? -7.492  -9.754  9.512   1.00 28.33 ? 321 ALA A CA    1 
ATOM   423  C C     . ALA A 1 72  ? -7.892  -11.060 10.212  1.00 28.36 ? 321 ALA A C     1 
ATOM   424  O O     . ALA A 1 72  ? -8.714  -11.799 9.680   1.00 27.79 ? 321 ALA A O     1 
ATOM   425  C CB    . ALA A 1 72  ? -6.219  -9.953  8.659   1.00 27.33 ? 321 ALA A CB    1 
ATOM   426  N N     . GLY A 1 73  ? -7.314  -11.313 11.388  1.00 28.83 ? 322 GLY A N     1 
ATOM   427  C CA    . GLY A 1 73  ? -7.630  -12.512 12.192  1.00 29.82 ? 322 GLY A CA    1 
ATOM   428  C C     . GLY A 1 73  ? -6.527  -13.567 12.215  1.00 30.26 ? 322 GLY A C     1 
ATOM   429  O O     . GLY A 1 73  ? -5.514  -13.468 11.497  1.00 30.48 ? 322 GLY A O     1 
ATOM   430  N N     . GLN A 1 74  ? -6.714  -14.593 13.029  1.00 31.17 ? 323 GLN A N     1 
ATOM   431  C CA    . GLN A 1 74  ? -5.632  -15.587 13.289  1.00 32.08 ? 323 GLN A CA    1 
ATOM   432  C C     . GLN A 1 74  ? -5.274  -16.445 12.083  1.00 30.91 ? 323 GLN A C     1 
ATOM   433  O O     . GLN A 1 74  ? -4.109  -16.757 11.894  1.00 30.89 ? 323 GLN A O     1 
ATOM   434  C CB    . GLN A 1 74  ? -5.967  -16.506 14.489  1.00 32.57 ? 323 GLN A CB    1 
ATOM   435  C CG    . GLN A 1 74  ? -5.091  -16.263 15.712  1.00 36.32 ? 323 GLN A CG    1 
ATOM   436  C CD    . GLN A 1 74  ? -3.832  -17.144 15.763  1.00 41.08 ? 323 GLN A CD    1 
ATOM   437  O OE1   . GLN A 1 74  ? -3.418  -17.741 14.754  1.00 45.78 ? 323 GLN A OE1   1 
ATOM   438  N NE2   . GLN A 1 74  ? -3.210  -17.217 16.948  1.00 43.72 ? 323 GLN A NE2   1 
ATOM   439  N N     . ALA A 1 75  ? -6.287  -16.813 11.304  1.00 30.15 ? 324 ALA A N     1 
ATOM   440  C CA    . ALA A 1 75  ? -6.128  -17.584 10.090  1.00 30.70 ? 324 ALA A CA    1 
ATOM   441  C C     . ALA A 1 75  ? -5.094  -16.941 9.159   1.00 31.27 ? 324 ALA A C     1 
ATOM   442  O O     . ALA A 1 75  ? -4.163  -17.604 8.687   1.00 31.83 ? 324 ALA A O     1 
ATOM   443  C CB    . ALA A 1 75  ? -7.509  -17.719 9.353   1.00 29.84 ? 324 ALA A CB    1 
ATOM   444  N N     . VAL A 1 76  ? -5.258  -15.645 8.889   1.00 31.66 ? 325 VAL A N     1 
ATOM   445  C CA    . VAL A 1 76  ? -4.349  -14.932 7.984   1.00 30.71 ? 325 VAL A CA    1 
ATOM   446  C C     . VAL A 1 76  ? -2.954  -14.991 8.528   1.00 30.39 ? 325 VAL A C     1 
ATOM   447  O O     . VAL A 1 76  ? -1.994  -15.287 7.806   1.00 29.49 ? 325 VAL A O     1 
ATOM   448  C CB    . VAL A 1 76  ? -4.779  -13.461 7.763   1.00 30.97 ? 325 VAL A CB    1 
ATOM   449  C CG1   . VAL A 1 76  ? -3.670  -12.674 7.046   1.00 29.75 ? 325 VAL A CG1   1 
ATOM   450  C CG2   . VAL A 1 76  ? -6.082  -13.438 6.951   1.00 30.81 ? 325 VAL A CG2   1 
ATOM   451  N N     . GLU A 1 77  ? -2.855  -14.739 9.823   1.00 30.10 ? 326 GLU A N     1 
ATOM   452  C CA    . GLU A 1 77  ? -1.595  -14.792 10.517  1.00 30.52 ? 326 GLU A CA    1 
ATOM   453  C C     . GLU A 1 77  ? -0.916  -16.187 10.408  1.00 30.21 ? 326 GLU A C     1 
ATOM   454  O O     . GLU A 1 77  ? 0.278   -16.260 10.219  1.00 29.46 ? 326 GLU A O     1 
ATOM   455  C CB    . GLU A 1 77  ? -1.838  -14.400 11.961  1.00 31.19 ? 326 GLU A CB    1 
ATOM   456  C CG    . GLU A 1 77  ? -0.627  -13.911 12.727  1.00 34.60 ? 326 GLU A CG    1 
ATOM   457  C CD    . GLU A 1 77  ? -1.027  -13.289 14.069  1.00 39.19 ? 326 GLU A CD    1 
ATOM   458  O OE1   . GLU A 1 77  ? -2.269  -13.134 14.328  1.00 37.96 ? 326 GLU A OE1   1 
ATOM   459  O OE2   . GLU A 1 77  ? -0.093  -12.968 14.847  1.00 40.64 ? 326 GLU A OE2   1 
ATOM   460  N N     . SER A 1 78  ? -1.670  -17.280 10.488  1.00 29.98 ? 327 SER A N     1 
ATOM   461  C CA    A SER A 1 78  ? -1.058  -18.606 10.381  0.50 30.50 ? 327 SER A CA    1 
ATOM   462  C CA    B SER A 1 78  ? -1.082  -18.615 10.380  0.50 30.33 ? 327 SER A CA    1 
ATOM   463  C C     . SER A 1 78  ? -0.694  -18.902 8.926   1.00 30.69 ? 327 SER A C     1 
ATOM   464  O O     . SER A 1 78  ? 0.300   -19.557 8.661   1.00 30.31 ? 327 SER A O     1 
ATOM   465  C CB    A SER A 1 78  ? -1.979  -19.694 10.929  0.50 30.42 ? 327 SER A CB    1 
ATOM   466  C CB    B SER A 1 78  ? -2.062  -19.677 10.882  0.50 30.21 ? 327 SER A CB    1 
ATOM   467  O OG    A SER A 1 78  ? -3.067  -19.930 10.062  0.50 31.22 ? 327 SER A OG    1 
ATOM   468  O OG    B SER A 1 78  ? -2.492  -19.394 12.207  0.50 29.99 ? 327 SER A OG    1 
ATOM   469  N N     . GLU A 1 79  ? -1.524  -18.422 7.994   1.00 31.27 ? 328 GLU A N     1 
ATOM   470  C CA    . GLU A 1 79  ? -1.251  -18.523 6.545   1.00 31.99 ? 328 GLU A CA    1 
ATOM   471  C C     . GLU A 1 79  ? 0.096   -17.898 6.204   1.00 31.51 ? 328 GLU A C     1 
ATOM   472  O O     . GLU A 1 79  ? 0.899   -18.478 5.444   1.00 31.42 ? 328 GLU A O     1 
ATOM   473  C CB    . GLU A 1 79  ? -2.372  -17.880 5.729   1.00 32.53 ? 328 GLU A CB    1 
ATOM   474  C CG    . GLU A 1 79  ? -3.413  -18.896 5.268   1.00 36.39 ? 328 GLU A CG    1 
ATOM   475  C CD    . GLU A 1 79  ? -4.862  -18.386 5.252   1.00 41.77 ? 328 GLU A CD    1 
ATOM   476  O OE1   . GLU A 1 79  ? -5.106  -17.170 5.107   1.00 44.69 ? 328 GLU A OE1   1 
ATOM   477  O OE2   . GLU A 1 79  ? -5.777  -19.236 5.396   1.00 47.09 ? 328 GLU A OE2   1 
ATOM   478  N N     . CYS A 1 80  ? 0.366   -16.758 6.827   1.00 30.78 ? 329 CYS A N     1 
ATOM   479  C CA    . CYS A 1 80  ? 1.606   -16.039 6.638   1.00 30.84 ? 329 CYS A CA    1 
ATOM   480  C C     . CYS A 1 80  ? 2.814   -16.860 7.062   1.00 30.79 ? 329 CYS A C     1 
ATOM   481  O O     . CYS A 1 80  ? 3.833   -16.851 6.370   1.00 29.56 ? 329 CYS A O     1 
ATOM   482  C CB    . CYS A 1 80  ? 1.593   -14.716 7.425   1.00 31.24 ? 329 CYS A CB    1 
ATOM   483  S SG    . CYS A 1 80  ? 0.679   -13.358 6.660   1.00 32.61 ? 329 CYS A SG    1 
ATOM   484  N N     . ALA A 1 81  ? 2.713   -17.529 8.218   1.00 30.81 ? 330 ALA A N     1 
ATOM   485  C CA    . ALA A 1 81  ? 3.830   -18.337 8.744   1.00 30.89 ? 330 ALA A CA    1 
ATOM   486  C C     . ALA A 1 81  ? 4.168   -19.529 7.844   1.00 30.44 ? 330 ALA A C     1 
ATOM   487  O O     . ALA A 1 81  ? 5.343   -19.849 7.681   1.00 31.13 ? 330 ALA A O     1 
ATOM   488  C CB    . ALA A 1 81  ? 3.561   -18.814 10.196  1.00 30.94 ? 330 ALA A CB    1 
ATOM   489  N N     . VAL A 1 82  ? 3.142   -20.161 7.288   1.00 29.95 ? 331 VAL A N     1 
ATOM   490  C CA    . VAL A 1 82  ? 3.313   -21.207 6.278   1.00 30.09 ? 331 VAL A CA    1 
ATOM   491  C C     . VAL A 1 82  ? 4.053   -20.635 5.065   1.00 29.41 ? 331 VAL A C     1 
ATOM   492  O O     . VAL A 1 82  ? 5.174   -21.052 4.762   1.00 29.85 ? 331 VAL A O     1 
ATOM   493  C CB    . VAL A 1 82  ? 1.947   -21.791 5.836   1.00 30.10 ? 331 VAL A CB    1 
ATOM   494  C CG1   . VAL A 1 82  ? 2.114   -22.895 4.818   1.00 31.64 ? 331 VAL A CG1   1 
ATOM   495  C CG2   . VAL A 1 82  ? 1.192   -22.331 7.021   1.00 31.94 ? 331 VAL A CG2   1 
ATOM   496  N N     . LEU A 1 83  ? 3.459   -19.631 4.408   1.00 28.78 ? 332 LEU A N     1 
ATOM   497  C CA    . LEU A 1 83  ? 4.032   -19.094 3.179   1.00 27.34 ? 332 LEU A CA    1 
ATOM   498  C C     . LEU A 1 83  ? 5.449   -18.604 3.418   1.00 26.63 ? 332 LEU A C     1 
ATOM   499  O O     . LEU A 1 83  ? 6.312   -18.781 2.551   1.00 26.66 ? 332 LEU A O     1 
ATOM   500  C CB    . LEU A 1 83  ? 3.121   -18.021 2.573   1.00 27.58 ? 332 LEU A CB    1 
ATOM   501  C CG    . LEU A 1 83  ? 1.735   -18.525 2.094   1.00 28.08 ? 332 LEU A CG    1 
ATOM   502  C CD1   . LEU A 1 83  ? 0.722   -17.384 1.802   1.00 24.60 ? 332 LEU A CD1   1 
ATOM   503  C CD2   . LEU A 1 83  ? 1.870   -19.405 0.848   1.00 27.45 ? 332 LEU A CD2   1 
ATOM   504  N N     . ALA A 1 84  ? 5.710   -18.046 4.603   1.00 25.51 ? 333 ALA A N     1 
ATOM   505  C CA    . ALA A 1 84  ? 7.022   -17.516 4.923   1.00 25.59 ? 333 ALA A CA    1 
ATOM   506  C C     . ALA A 1 84  ? 8.127   -18.594 4.990   1.00 26.12 ? 333 ALA A C     1 
ATOM   507  O O     . ALA A 1 84  ? 9.274   -18.324 4.661   1.00 24.73 ? 333 ALA A O     1 
ATOM   508  C CB    . ALA A 1 84  ? 6.991   -16.753 6.246   1.00 26.03 ? 333 ALA A CB    1 
ATOM   509  N N     . ALA A 1 85  ? 7.791   -19.795 5.456   1.00 26.73 ? 334 ALA A N     1 
ATOM   510  C CA    . ALA A 1 85  ? 8.811   -20.828 5.643   1.00 27.65 ? 334 ALA A CA    1 
ATOM   511  C C     . ALA A 1 85  ? 8.908   -21.720 4.397   1.00 27.69 ? 334 ALA A C     1 
ATOM   512  O O     . ALA A 1 85  ? 9.510   -22.764 4.438   1.00 27.52 ? 334 ALA A O     1 
ATOM   513  C CB    . ALA A 1 85  ? 8.526   -21.660 6.879   1.00 27.64 ? 334 ALA A CB    1 
ATOM   514  N N     . GLN A 1 86  ? 8.295   -21.310 3.295   1.00 27.99 ? 335 GLN A N     1 
ATOM   515  C CA    . GLN A 1 86  ? 8.519   -22.013 2.044   1.00 27.38 ? 335 GLN A CA    1 
ATOM   516  C C     . GLN A 1 86  ? 8.880   -21.014 0.952   1.00 26.45 ? 335 GLN A C     1 
ATOM   517  O O     . GLN A 1 86  ? 8.831   -19.807 1.203   1.00 25.25 ? 335 GLN A O     1 
ATOM   518  C CB    . GLN A 1 86  ? 7.371   -22.978 1.748   1.00 28.19 ? 335 GLN A CB    1 
ATOM   519  C CG    . GLN A 1 86  ? 6.030   -22.424 1.591   1.00 30.54 ? 335 GLN A CG    1 
ATOM   520  C CD    . GLN A 1 86  ? 4.935   -23.479 1.800   1.00 31.85 ? 335 GLN A CD    1 
ATOM   521  O OE1   . GLN A 1 86  ? 5.045   -24.312 2.669   1.00 38.22 ? 335 GLN A OE1   1 
ATOM   522  N NE2   . GLN A 1 86  ? 3.878   -23.403 1.037   1.00 28.34 ? 335 GLN A NE2   1 
ATOM   523  N N     . PRO A 1 87  ? 9.373   -21.499 -0.210  1.00 24.83 ? 336 PRO A N     1 
ATOM   524  C CA    . PRO A 1 87  ? 9.959   -20.511 -1.105  1.00 24.05 ? 336 PRO A CA    1 
ATOM   525  C C     . PRO A 1 87  ? 8.923   -19.465 -1.563  1.00 22.84 ? 336 PRO A C     1 
ATOM   526  O O     . PRO A 1 87  ? 7.764   -19.776 -1.737  1.00 21.65 ? 336 PRO A O     1 
ATOM   527  C CB    . PRO A 1 87  ? 10.489  -21.347 -2.273  1.00 23.64 ? 336 PRO A CB    1 
ATOM   528  C CG    . PRO A 1 87  ? 10.616  -22.754 -1.695  1.00 25.18 ? 336 PRO A CG    1 
ATOM   529  C CD    . PRO A 1 87  ? 9.483   -22.862 -0.744  1.00 24.83 ? 336 PRO A CD    1 
ATOM   530  N N     . HIS A 1 88  ? 9.371   -18.237 -1.738  1.00 23.06 ? 337 HIS A N     1 
ATOM   531  C CA    . HIS A 1 88  ? 8.476   -17.119 -2.093  1.00 23.60 ? 337 HIS A CA    1 
ATOM   532  C C     . HIS A 1 88  ? 9.165   -16.019 -2.916  1.00 24.44 ? 337 HIS A C     1 
ATOM   533  O O     . HIS A 1 88  ? 10.396  -15.858 -2.908  1.00 22.69 ? 337 HIS A O     1 
ATOM   534  C CB    . HIS A 1 88  ? 7.854   -16.489 -0.823  1.00 23.14 ? 337 HIS A CB    1 
ATOM   535  C CG    . HIS A 1 88  ? 8.846   -16.141 0.247   1.00 21.51 ? 337 HIS A CG    1 
ATOM   536  N ND1   . HIS A 1 88  ? 9.157   -17.000 1.283   1.00 24.00 ? 337 HIS A ND1   1 
ATOM   537  C CD2   . HIS A 1 88  ? 9.589   -15.032 0.453   1.00 25.01 ? 337 HIS A CD2   1 
ATOM   538  C CE1   . HIS A 1 88  ? 10.064  -16.442 2.067   1.00 25.70 ? 337 HIS A CE1   1 
ATOM   539  N NE2   . HIS A 1 88  ? 10.351  -15.246 1.580   1.00 26.01 ? 337 HIS A NE2   1 
ATOM   540  N N     . ARG A 1 89  ? 8.330   -15.228 -3.590  1.00 26.22 ? 338 ARG A N     1 
ATOM   541  C CA    . ARG A 1 89  ? 8.773   -13.966 -4.176  1.00 27.56 ? 338 ARG A CA    1 
ATOM   542  C C     . ARG A 1 89  ? 9.209   -13.070 -3.028  1.00 27.81 ? 338 ARG A C     1 
ATOM   543  O O     . ARG A 1 89  ? 9.174   -13.478 -1.866  1.00 27.43 ? 338 ARG A O     1 
ATOM   544  C CB    . ARG A 1 89  ? 7.614   -13.319 -4.940  1.00 28.02 ? 338 ARG A CB    1 
ATOM   545  C CG    . ARG A 1 89  ? 7.007   -14.206 -6.093  1.00 30.40 ? 338 ARG A CG    1 
ATOM   546  C CD    . ARG A 1 89  ? 7.917   -14.272 -7.303  1.00 31.30 ? 338 ARG A CD    1 
ATOM   547  N NE    . ARG A 1 89  ? 8.322   -12.921 -7.749  1.00 34.19 ? 338 ARG A NE    1 
ATOM   548  C CZ    . ARG A 1 89  ? 7.611   -12.136 -8.585  1.00 34.90 ? 338 ARG A CZ    1 
ATOM   549  N NH1   . ARG A 1 89  ? 8.079   -10.938 -8.930  1.00 34.73 ? 338 ARG A NH1   1 
ATOM   550  N NH2   . ARG A 1 89  ? 6.444   -12.543 -9.101  1.00 31.66 ? 338 ARG A NH2   1 
ATOM   551  N N     . ASP A 1 90  ? 9.584   -11.836 -3.334  1.00 28.50 ? 339 ASP A N     1 
ATOM   552  C CA    . ASP A 1 90  ? 9.839   -10.826 -2.293  1.00 29.10 ? 339 ASP A CA    1 
ATOM   553  C C     . ASP A 1 90  ? 8.609   -10.578 -1.391  1.00 27.60 ? 339 ASP A C     1 
ATOM   554  O O     . ASP A 1 90  ? 8.752   -10.324 -0.202  1.00 27.71 ? 339 ASP A O     1 
ATOM   555  C CB    . ASP A 1 90  ? 10.306  -9.498  -2.933  1.00 30.23 ? 339 ASP A CB    1 
ATOM   556  C CG    . ASP A 1 90  ? 11.813  -9.471  -3.199  1.00 34.12 ? 339 ASP A CG    1 
ATOM   557  O OD1   . ASP A 1 90  ? 12.319  -8.366  -3.524  1.00 38.85 ? 339 ASP A OD1   1 
ATOM   558  O OD2   . ASP A 1 90  ? 12.468  -10.542 -3.063  1.00 35.75 ? 339 ASP A OD2   1 
ATOM   559  N N     . PHE A 1 91  ? 7.416   -10.714 -1.958  1.00 26.87 ? 340 PHE A N     1 
ATOM   560  C CA    . PHE A 1 91  ? 6.153   -10.610 -1.205  1.00 25.85 ? 340 PHE A CA    1 
ATOM   561  C C     . PHE A 1 91  ? 5.404   -11.959 -1.069  1.00 24.64 ? 340 PHE A C     1 
ATOM   562  O O     . PHE A 1 91  ? 5.623   -12.898 -1.818  1.00 24.04 ? 340 PHE A O     1 
ATOM   563  C CB    . PHE A 1 91  ? 5.239   -9.613  -1.924  1.00 25.99 ? 340 PHE A CB    1 
ATOM   564  C CG    . PHE A 1 91  ? 4.936   -10.014 -3.322  1.00 26.55 ? 340 PHE A CG    1 
ATOM   565  C CD1   . PHE A 1 91  ? 5.778   -9.642  -4.362  1.00 28.52 ? 340 PHE A CD1   1 
ATOM   566  C CD2   . PHE A 1 91  ? 3.842   -10.826 -3.600  1.00 28.55 ? 340 PHE A CD2   1 
ATOM   567  C CE1   . PHE A 1 91  ? 5.528   -10.054 -5.672  1.00 30.12 ? 340 PHE A CE1   1 
ATOM   568  C CE2   . PHE A 1 91  ? 3.564   -11.247 -4.898  1.00 28.25 ? 340 PHE A CE2   1 
ATOM   569  C CZ    . PHE A 1 91  ? 4.408   -10.864 -5.949  1.00 30.73 ? 340 PHE A CZ    1 
ATOM   570  N N     . ILE A 1 92  ? 4.479   -12.022 -0.120  1.00 23.72 ? 341 ILE A N     1 
ATOM   571  C CA    . ILE A 1 92  ? 3.523   -13.123 -0.062  1.00 22.95 ? 341 ILE A CA    1 
ATOM   572  C C     . ILE A 1 92  ? 2.106   -12.558 -0.121  1.00 21.71 ? 341 ILE A C     1 
ATOM   573  O O     . ILE A 1 92  ? 1.882   -11.379 0.174   1.00 20.98 ? 341 ILE A O     1 
ATOM   574  C CB    . ILE A 1 92  ? 3.763   -14.061 1.190   1.00 22.93 ? 341 ILE A CB    1 
ATOM   575  C CG1   . ILE A 1 92  ? 3.404   -13.355 2.499   1.00 22.72 ? 341 ILE A CG1   1 
ATOM   576  C CG2   . ILE A 1 92  ? 5.250   -14.593 1.222   1.00 22.42 ? 341 ILE A CG2   1 
ATOM   577  C CD1   . ILE A 1 92  ? 3.845   -14.085 3.746   1.00 24.89 ? 341 ILE A CD1   1 
ATOM   578  N N     . ILE A 1 93  ? 1.159   -13.405 -0.520  1.00 20.84 ? 342 ILE A N     1 
ATOM   579  C CA    . ILE A 1 93  ? -0.231  -13.031 -0.642  1.00 21.54 ? 342 ILE A CA    1 
ATOM   580  C C     . ILE A 1 93  ? -1.138  -13.961 0.166   1.00 22.36 ? 342 ILE A C     1 
ATOM   581  O O     . ILE A 1 93  ? -1.015  -15.183 0.109   1.00 22.93 ? 342 ILE A O     1 
ATOM   582  C CB    . ILE A 1 93  ? -0.671  -13.054 -2.100  1.00 21.61 ? 342 ILE A CB    1 
ATOM   583  C CG1   . ILE A 1 93  ? 0.215   -12.130 -2.936  1.00 23.54 ? 342 ILE A CG1   1 
ATOM   584  C CG2   . ILE A 1 93  ? -2.134  -12.657 -2.210  1.00 20.95 ? 342 ILE A CG2   1 
ATOM   585  C CD1   . ILE A 1 93  ? -0.154  -12.108 -4.411  1.00 23.29 ? 342 ILE A CD1   1 
ATOM   586  N N     . THR A 1 94  ? -2.055  -13.380 0.913   1.00 23.11 ? 343 THR A N     1 
ATOM   587  C CA    . THR A 1 94  ? -3.029  -14.139 1.679   1.00 23.77 ? 343 THR A CA    1 
ATOM   588  C C     . THR A 1 94  ? -4.398  -13.589 1.329   1.00 24.78 ? 343 THR A C     1 
ATOM   589  O O     . THR A 1 94  ? -4.491  -12.528 0.719   1.00 25.07 ? 343 THR A O     1 
ATOM   590  C CB    . THR A 1 94  ? -2.768  -14.043 3.218   1.00 23.59 ? 343 THR A CB    1 
ATOM   591  O OG1   . THR A 1 94  ? -2.987  -12.707 3.691   1.00 24.32 ? 343 THR A OG1   1 
ATOM   592  C CG2   . THR A 1 94  ? -1.333  -14.487 3.568   1.00 21.53 ? 343 THR A CG2   1 
ATOM   593  N N     . PRO A 1 95  ? -5.473  -14.320 1.672   1.00 25.58 ? 344 PRO A N     1 
ATOM   594  C CA    . PRO A 1 95  ? -6.771  -13.642 1.666   1.00 25.75 ? 344 PRO A CA    1 
ATOM   595  C C     . PRO A 1 95  ? -6.830  -12.564 2.753   1.00 25.64 ? 344 PRO A C     1 
ATOM   596  O O     . PRO A 1 95  ? -5.888  -12.413 3.525   1.00 25.08 ? 344 PRO A O     1 
ATOM   597  C CB    . PRO A 1 95  ? -7.796  -14.760 1.922   1.00 25.92 ? 344 PRO A CB    1 
ATOM   598  C CG    . PRO A 1 95  ? -7.008  -15.940 2.421   1.00 26.95 ? 344 PRO A CG    1 
ATOM   599  C CD    . PRO A 1 95  ? -5.551  -15.742 2.060   1.00 26.06 ? 344 PRO A CD    1 
ATOM   600  N N     . GLY A 1 96  ? -7.945  -11.846 2.785   1.00 26.55 ? 345 GLY A N     1 
ATOM   601  C CA    . GLY A 1 96  ? -8.176  -10.721 3.680   1.00 27.23 ? 345 GLY A CA    1 
ATOM   602  C C     . GLY A 1 96  ? -8.630  -11.073 5.088   1.00 27.74 ? 345 GLY A C     1 
ATOM   603  O O     . GLY A 1 96  ? -8.508  -10.256 5.998   1.00 28.28 ? 345 GLY A O     1 
ATOM   604  N N     . GLY A 1 97  ? -9.148  -12.275 5.292   1.00 28.39 ? 346 GLY A N     1 
ATOM   605  C CA    . GLY A 1 97  ? -9.715  -12.630 6.610   1.00 28.41 ? 346 GLY A CA    1 
ATOM   606  C C     . GLY A 1 97  ? -10.951 -11.800 6.933   1.00 28.54 ? 346 GLY A C     1 
ATOM   607  O O     . GLY A 1 97  ? -11.848 -11.664 6.089   1.00 27.69 ? 346 GLY A O     1 
ATOM   608  N N     . CYS A 1 98  ? -10.984 -11.236 8.143   1.00 28.94 ? 347 CYS A N     1 
ATOM   609  C CA    . CYS A 1 98  ? -12.052 -10.316 8.541   1.00 29.98 ? 347 CYS A CA    1 
ATOM   610  C C     . CYS A 1 98  ? -11.886 -8.869  8.018   1.00 30.04 ? 347 CYS A C     1 
ATOM   611  O O     . CYS A 1 98  ? -12.776 -8.042  8.228   1.00 30.15 ? 347 CYS A O     1 
ATOM   612  C CB    . CYS A 1 98  ? -12.200 -10.296 10.062  1.00 30.49 ? 347 CYS A CB    1 
ATOM   613  S SG    . CYS A 1 98  ? -12.571 -11.962 10.742  1.00 33.47 ? 347 CYS A SG    1 
ATOM   614  N N     . LEU A 1 99  ? -10.791 -8.553  7.322   1.00 29.12 ? 348 LEU A N     1 
ATOM   615  C CA    . LEU A 1 99  ? -10.704 -7.242  6.678   1.00 28.62 ? 348 LEU A CA    1 
ATOM   616  C C     . LEU A 1 99  ? -11.668 -7.197  5.506   1.00 28.69 ? 348 LEU A C     1 
ATOM   617  O O     . LEU A 1 99  ? -11.911 -8.216  4.848   1.00 29.16 ? 348 LEU A O     1 
ATOM   618  C CB    . LEU A 1 99  ? -9.277  -6.958  6.222   1.00 28.20 ? 348 LEU A CB    1 
ATOM   619  C CG    . LEU A 1 99  ? -8.239  -6.802  7.346   1.00 27.84 ? 348 LEU A CG    1 
ATOM   620  C CD1   . LEU A 1 99  ? -6.919  -6.381  6.772   1.00 27.47 ? 348 LEU A CD1   1 
ATOM   621  C CD2   . LEU A 1 99  ? -8.693  -5.778  8.423   1.00 23.04 ? 348 LEU A CD2   1 
ATOM   622  N N     . LYS A 1 100 ? -12.229 -6.031  5.212   1.00 28.59 ? 349 LYS A N     1 
ATOM   623  C CA    . LYS A 1 100 ? -13.161 -5.929  4.063   1.00 28.81 ? 349 LYS A CA    1 
ATOM   624  C C     . LYS A 1 100 ? -12.391 -5.811  2.734   1.00 28.38 ? 349 LYS A C     1 
ATOM   625  O O     . LYS A 1 100 ? -12.523 -4.831  1.998   1.00 27.92 ? 349 LYS A O     1 
ATOM   626  C CB    . LYS A 1 100 ? -14.137 -4.763  4.252   1.00 29.29 ? 349 LYS A CB    1 
ATOM   627  C CG    . LYS A 1 100 ? -14.926 -4.811  5.573   1.00 30.62 ? 349 LYS A CG    1 
ATOM   628  C CD    . LYS A 1 100 ? -16.150 -3.849  5.582   1.00 34.98 ? 349 LYS A CD    1 
ATOM   629  C CE    . LYS A 1 100 ? -17.325 -4.367  6.474   1.00 38.18 ? 349 LYS A CE    1 
ATOM   630  N NZ    . LYS A 1 100 ? -17.995 -5.666  5.980   1.00 37.98 ? 349 LYS A NZ    1 
ATOM   631  N N     . CYS A 1 101 ? -11.579 -6.833  2.448   1.00 28.31 ? 350 CYS A N     1 
ATOM   632  C CA    . CYS A 1 101 ? -10.782 -6.897  1.223   1.00 27.84 ? 350 CYS A CA    1 
ATOM   633  C C     . CYS A 1 101 ? -10.599 -8.353  0.832   1.00 28.00 ? 350 CYS A C     1 
ATOM   634  O O     . CYS A 1 101 ? -10.841 -9.242  1.648   1.00 28.51 ? 350 CYS A O     1 
ATOM   635  C CB    . CYS A 1 101 ? -9.424  -6.207  1.388   1.00 27.19 ? 350 CYS A CB    1 
ATOM   636  S SG    . CYS A 1 101 ? -8.171  -7.062  2.412   1.00 26.31 ? 350 CYS A SG    1 
ATOM   637  N N     . LYS A 1 102 ? -10.183 -8.577  -0.415  1.00 27.74 ? 351 LYS A N     1 
ATOM   638  C CA    . LYS A 1 102 ? -10.086 -9.915  -0.981  1.00 27.81 ? 351 LYS A CA    1 
ATOM   639  C C     . LYS A 1 102 ? -8.750  -10.545 -0.732  1.00 27.13 ? 351 LYS A C     1 
ATOM   640  O O     . LYS A 1 102 ? -8.682  -11.720 -0.404  1.00 28.41 ? 351 LYS A O     1 
ATOM   641  C CB    . LYS A 1 102 ? -10.364 -9.877  -2.479  1.00 28.42 ? 351 LYS A CB    1 
ATOM   642  C CG    . LYS A 1 102 ? -11.775 -9.338  -2.802  1.00 28.61 ? 351 LYS A CG    1 
ATOM   643  C CD    . LYS A 1 102 ? -12.128 -9.591  -4.232  1.00 32.11 ? 351 LYS A CD    1 
ATOM   644  C CE    . LYS A 1 102 ? -13.659 -9.410  -4.538  1.00 35.33 ? 351 LYS A CE    1 
ATOM   645  N NZ    . LYS A 1 102 ? -13.994 -8.044  -5.020  1.00 34.41 ? 351 LYS A NZ    1 
ATOM   646  N N     . ILE A 1 103 ? -7.670  -9.787  -0.886  1.00 25.48 ? 352 ILE A N     1 
ATOM   647  C CA    . ILE A 1 103 ? -6.336  -10.306 -0.567  1.00 23.80 ? 352 ILE A CA    1 
ATOM   648  C C     . ILE A 1 103 ? -5.511  -9.230  0.163   1.00 22.35 ? 352 ILE A C     1 
ATOM   649  O O     . ILE A 1 103 ? -5.852  -8.039  0.151   1.00 21.33 ? 352 ILE A O     1 
ATOM   650  C CB    . ILE A 1 103 ? -5.578  -10.818 -1.836  1.00 24.09 ? 352 ILE A CB    1 
ATOM   651  C CG1   . ILE A 1 103 ? -5.467  -9.710  -2.887  1.00 25.16 ? 352 ILE A CG1   1 
ATOM   652  C CG2   . ILE A 1 103 ? -6.290  -12.044 -2.460  1.00 23.75 ? 352 ILE A CG2   1 
ATOM   653  C CD1   . ILE A 1 103 ? -4.227  -9.816  -3.814  1.00 24.14 ? 352 ILE A CD1   1 
ATOM   654  N N     . ILE A 1 104 ? -4.481  -9.685  0.857   1.00 19.76 ? 353 ILE A N     1 
ATOM   655  C CA    . ILE A 1 104 ? -3.504  -8.819  1.464   1.00 18.65 ? 353 ILE A CA    1 
ATOM   656  C C     . ILE A 1 104 ? -2.175  -9.196  0.803   1.00 18.86 ? 353 ILE A C     1 
ATOM   657  O O     . ILE A 1 104 ? -1.831  -10.406 0.721   1.00 19.30 ? 353 ILE A O     1 
ATOM   658  C CB    . ILE A 1 104 ? -3.370  -9.053  2.980   1.00 18.09 ? 353 ILE A CB    1 
ATOM   659  C CG1   . ILE A 1 104 ? -4.711  -8.763  3.692   1.00 19.39 ? 353 ILE A CG1   1 
ATOM   660  C CG2   . ILE A 1 104 ? -2.166  -8.240  3.547   1.00 15.59 ? 353 ILE A CG2   1 
ATOM   661  C CD1   . ILE A 1 104 ? -4.745  -8.988  5.233   1.00 16.26 ? 353 ILE A CD1   1 
ATOM   662  N N     . ILE A 1 105 ? -1.446  -8.201  0.334   1.00 17.63 ? 354 ILE A N     1 
ATOM   663  C CA    . ILE A 1 105 ? -0.104  -8.395  -0.164  1.00 17.90 ? 354 ILE A CA    1 
ATOM   664  C C     . ILE A 1 105 ? 0.857   -7.881  0.882   1.00 17.86 ? 354 ILE A C     1 
ATOM   665  O O     . ILE A 1 105 ? 0.822   -6.688  1.240   1.00 17.60 ? 354 ILE A O     1 
ATOM   666  C CB    . ILE A 1 105 ? 0.130   -7.710  -1.526  1.00 17.07 ? 354 ILE A CB    1 
ATOM   667  C CG1   . ILE A 1 105 ? -0.941  -8.176  -2.543  1.00 18.84 ? 354 ILE A CG1   1 
ATOM   668  C CG2   . ILE A 1 105 ? 1.529   -8.066  -2.054  1.00 17.69 ? 354 ILE A CG2   1 
ATOM   669  C CD1   . ILE A 1 105 ? -0.813  -7.553  -3.977  1.00 17.12 ? 354 ILE A CD1   1 
ATOM   670  N N     . HIS A 1 106 ? 1.690   -8.796  1.396   1.00 17.95 ? 355 HIS A N     1 
ATOM   671  C CA    . HIS A 1 106 ? 2.643   -8.500  2.446   1.00 18.88 ? 355 HIS A CA    1 
ATOM   672  C C     . HIS A 1 106 ? 4.010   -8.283  1.795   1.00 18.80 ? 355 HIS A C     1 
ATOM   673  O O     . HIS A 1 106 ? 4.554   -9.197  1.182   1.00 18.07 ? 355 HIS A O     1 
ATOM   674  C CB    . HIS A 1 106 ? 2.718   -9.655  3.473   1.00 19.54 ? 355 HIS A CB    1 
ATOM   675  C CG    . HIS A 1 106 ? 1.375   -10.127 3.947   1.00 19.98 ? 355 HIS A CG    1 
ATOM   676  N ND1   . HIS A 1 106 ? 0.900   -9.874  5.220   1.00 18.67 ? 355 HIS A ND1   1 
ATOM   677  C CD2   . HIS A 1 106 ? 0.393   -10.805 3.307   1.00 18.35 ? 355 HIS A CD2   1 
ATOM   678  C CE1   . HIS A 1 106 ? -0.310  -10.387 5.345   1.00 16.80 ? 355 HIS A CE1   1 
ATOM   679  N NE2   . HIS A 1 106 ? -0.644  -10.957 4.197   1.00 17.56 ? 355 HIS A NE2   1 
ATOM   680  N N     . VAL A 1 107 ? 4.538   -7.074  1.967   1.00 18.34 ? 356 VAL A N     1 
ATOM   681  C CA    . VAL A 1 107 ? 5.765   -6.622  1.358   1.00 18.31 ? 356 VAL A CA    1 
ATOM   682  C C     . VAL A 1 107 ? 6.738   -6.214  2.457   1.00 18.95 ? 356 VAL A C     1 
ATOM   683  O O     . VAL A 1 107 ? 6.303   -5.783  3.536   1.00 19.14 ? 356 VAL A O     1 
ATOM   684  C CB    . VAL A 1 107 ? 5.528   -5.417  0.363   1.00 18.59 ? 356 VAL A CB    1 
ATOM   685  C CG1   . VAL A 1 107 ? 4.454   -5.769  -0.665  1.00 16.37 ? 356 VAL A CG1   1 
ATOM   686  C CG2   . VAL A 1 107 ? 5.134   -4.123  1.107   1.00 18.45 ? 356 VAL A CG2   1 
ATOM   687  N N     . PRO A 1 108 ? 8.055   -6.360  2.195   1.00 18.67 ? 357 PRO A N     1 
ATOM   688  C CA    . PRO A 1 108 ? 9.102   -5.900  3.090   1.00 19.35 ? 357 PRO A CA    1 
ATOM   689  C C     . PRO A 1 108 ? 9.352   -4.429  2.936   1.00 19.80 ? 357 PRO A C     1 
ATOM   690  O O     . PRO A 1 108 ? 9.670   -3.953  1.850   1.00 18.86 ? 357 PRO A O     1 
ATOM   691  C CB    . PRO A 1 108 ? 10.345  -6.680  2.644   1.00 19.16 ? 357 PRO A CB    1 
ATOM   692  C CG    . PRO A 1 108 ? 10.141  -6.917  1.233   1.00 20.53 ? 357 PRO A CG    1 
ATOM   693  C CD    . PRO A 1 108 ? 8.614   -7.053  1.019   1.00 19.37 ? 357 PRO A CD    1 
ATOM   694  N N     . GLY A 1 109 ? 9.247   -3.733  4.056   1.00 20.77 ? 358 GLY A N     1 
ATOM   695  C CA    . GLY A 1 109 ? 9.281   -2.300  4.086   1.00 21.31 ? 358 GLY A CA    1 
ATOM   696  C C     . GLY A 1 109 ? 10.690  -1.803  3.954   1.00 21.80 ? 358 GLY A C     1 
ATOM   697  O O     . GLY A 1 109 ? 10.898  -0.619  3.736   1.00 22.25 ? 358 GLY A O     1 
ATOM   698  N N     . GLY A 1 110 ? 11.673  -2.696  4.082   1.00 22.20 ? 359 GLY A N     1 
ATOM   699  C CA    . GLY A 1 110 ? 13.059  -2.271  3.946   1.00 21.78 ? 359 GLY A CA    1 
ATOM   700  C C     . GLY A 1 110 ? 13.557  -2.314  2.522   1.00 21.76 ? 359 GLY A C     1 
ATOM   701  O O     . GLY A 1 110 ? 14.597  -1.739  2.241   1.00 22.31 ? 359 GLY A O     1 
ATOM   702  N N     . LYS A 1 111 ? 12.841  -2.979  1.617   1.00 21.44 ? 360 LYS A N     1 
ATOM   703  C CA    . LYS A 1 111 ? 13.294  -3.048  0.209   1.00 22.75 ? 360 LYS A CA    1 
ATOM   704  C C     . LYS A 1 111 ? 12.916  -1.779  -0.613  1.00 21.92 ? 360 LYS A C     1 
ATOM   705  O O     . LYS A 1 111 ? 12.104  -0.980  -0.188  1.00 21.39 ? 360 LYS A O     1 
ATOM   706  C CB    . LYS A 1 111 ? 12.809  -4.342  -0.464  1.00 23.30 ? 360 LYS A CB    1 
ATOM   707  C CG    . LYS A 1 111 ? 13.736  -5.530  -0.089  1.00 27.39 ? 360 LYS A CG    1 
ATOM   708  C CD    . LYS A 1 111 ? 13.408  -6.824  -0.825  1.00 33.25 ? 360 LYS A CD    1 
ATOM   709  C CE    . LYS A 1 111 ? 14.669  -7.674  -1.101  1.00 36.61 ? 360 LYS A CE    1 
ATOM   710  N NZ    . LYS A 1 111 ? 15.330  -8.052  0.187   1.00 38.52 ? 360 LYS A NZ    1 
ATOM   711  N N     . ASP A 1 112 ? 13.565  -1.601  -1.759  1.00 21.89 ? 361 ASP A N     1 
ATOM   712  C CA    . ASP A 1 112 ? 13.253  -0.521  -2.752  1.00 20.71 ? 361 ASP A CA    1 
ATOM   713  C C     . ASP A 1 112 ? 11.742  -0.359  -2.941  1.00 19.33 ? 361 ASP A C     1 
ATOM   714  O O     . ASP A 1 112 ? 11.070  -1.257  -3.434  1.00 19.97 ? 361 ASP A O     1 
ATOM   715  C CB    . ASP A 1 112 ? 13.971  -0.842  -4.081  1.00 21.30 ? 361 ASP A CB    1 
ATOM   716  C CG    . ASP A 1 112 ? 13.840  0.255   -5.136  1.00 22.65 ? 361 ASP A CG    1 
ATOM   717  O OD1   . ASP A 1 112 ? 14.847  0.614   -5.782  1.00 24.54 ? 361 ASP A OD1   1 
ATOM   718  O OD2   . ASP A 1 112 ? 12.729  0.744   -5.344  1.00 24.27 ? 361 ASP A OD2   1 
ATOM   719  N N     . VAL A 1 113 ? 11.213  0.806   -2.528  1.00 18.60 ? 362 VAL A N     1 
ATOM   720  C CA    . VAL A 1 113 ? 9.781   1.039   -2.537  1.00 16.98 ? 362 VAL A CA    1 
ATOM   721  C C     . VAL A 1 113 ? 9.187   1.143   -3.927  1.00 16.54 ? 362 VAL A C     1 
ATOM   722  O O     . VAL A 1 113 ? 8.095   0.580   -4.181  1.00 15.98 ? 362 VAL A O     1 
ATOM   723  C CB    . VAL A 1 113 ? 9.367   2.240   -1.642  1.00 17.99 ? 362 VAL A CB    1 
ATOM   724  C CG1   . VAL A 1 113 ? 7.806   2.452   -1.686  1.00 16.00 ? 362 VAL A CG1   1 
ATOM   725  C CG2   . VAL A 1 113 ? 9.778   1.951   -0.204  1.00 16.79 ? 362 VAL A CG2   1 
ATOM   726  N N     . ARG A 1 114 ? 9.888   1.798   -4.851  1.00 16.33 ? 363 ARG A N     1 
ATOM   727  C CA    . ARG A 1 114 ? 9.379   1.900   -6.209  1.00 16.68 ? 363 ARG A CA    1 
ATOM   728  C C     . ARG A 1 114 ? 9.176   0.515   -6.767  1.00 16.95 ? 363 ARG A C     1 
ATOM   729  O O     . ARG A 1 114 ? 8.097   0.182   -7.272  1.00 16.55 ? 363 ARG A O     1 
ATOM   730  C CB    . ARG A 1 114 ? 10.310  2.741   -7.099  1.00 17.81 ? 363 ARG A CB    1 
ATOM   731  C CG    . ARG A 1 114 ? 9.832   2.838   -8.567  1.00 19.21 ? 363 ARG A CG    1 
ATOM   732  C CD    . ARG A 1 114 ? 10.934  3.115   -9.541  1.00 21.89 ? 363 ARG A CD    1 
ATOM   733  N NE    . ARG A 1 114 ? 12.000  2.118   -9.470  1.00 22.88 ? 363 ARG A NE    1 
ATOM   734  C CZ    . ARG A 1 114 ? 11.971  0.895   -9.988  1.00 21.65 ? 363 ARG A CZ    1 
ATOM   735  N NH1   . ARG A 1 114 ? 13.034  0.110   -9.818  1.00 19.59 ? 363 ARG A NH1   1 
ATOM   736  N NH2   . ARG A 1 114 ? 10.913  0.446   -10.664 1.00 22.10 ? 363 ARG A NH2   1 
ATOM   737  N N     . LYS A 1 115 ? 10.192  -0.329  -6.620  1.00 17.73 ? 364 LYS A N     1 
ATOM   738  C CA    . LYS A 1 115 ? 10.094  -1.713  -7.123  1.00 18.58 ? 364 LYS A CA    1 
ATOM   739  C C     . LYS A 1 115 ? 8.982   -2.481  -6.440  1.00 18.56 ? 364 LYS A C     1 
ATOM   740  O O     . LYS A 1 115 ? 8.178   -3.175  -7.088  1.00 18.60 ? 364 LYS A O     1 
ATOM   741  C CB    . LYS A 1 115 ? 11.440  -2.402  -6.921  1.00 19.66 ? 364 LYS A CB    1 
ATOM   742  C CG    . LYS A 1 115 ? 11.582  -3.766  -7.572  1.00 23.28 ? 364 LYS A CG    1 
ATOM   743  C CD    . LYS A 1 115 ? 13.064  -4.201  -7.510  1.00 24.87 ? 364 LYS A CD    1 
ATOM   744  C CE    . LYS A 1 115 ? 13.311  -5.569  -8.162  1.00 27.04 ? 364 LYS A CE    1 
ATOM   745  N NZ    . LYS A 1 115 ? 12.780  -6.674  -7.327  1.00 29.08 ? 364 LYS A NZ    1 
ATOM   746  N N     . THR A 1 116 ? 8.879   -2.323  -5.118  1.00 18.46 ? 365 THR A N     1 
ATOM   747  C CA    . THR A 1 116 ? 7.806   -3.025  -4.392  1.00 18.39 ? 365 THR A CA    1 
ATOM   748  C C     . THR A 1 116 ? 6.415   -2.615  -4.902  1.00 17.46 ? 365 THR A C     1 
ATOM   749  O O     . THR A 1 116 ? 5.547   -3.473  -5.158  1.00 17.23 ? 365 THR A O     1 
ATOM   750  C CB    . THR A 1 116 ? 7.901   -2.724  -2.866  1.00 18.84 ? 365 THR A CB    1 
ATOM   751  O OG1   . THR A 1 116 ? 9.120   -3.303  -2.371  1.00 20.14 ? 365 THR A OG1   1 
ATOM   752  C CG2   . THR A 1 116 ? 6.690   -3.263  -2.127  1.00 15.84 ? 365 THR A CG2   1 
ATOM   753  N N     . VAL A 1 117 ? 6.200   -1.314  -5.053  1.00 16.91 ? 366 VAL A N     1 
ATOM   754  C CA    . VAL A 1 117 ? 4.879   -0.834  -5.493  1.00 16.85 ? 366 VAL A CA    1 
ATOM   755  C C     . VAL A 1 117 ? 4.641   -1.181  -6.960  1.00 17.57 ? 366 VAL A C     1 
ATOM   756  O O     . VAL A 1 117 ? 3.533   -1.546  -7.329  1.00 16.59 ? 366 VAL A O     1 
ATOM   757  C CB    . VAL A 1 117 ? 4.724   0.681   -5.227  1.00 18.37 ? 366 VAL A CB    1 
ATOM   758  C CG1   . VAL A 1 117 ? 3.475   1.245   -5.854  1.00 13.53 ? 366 VAL A CG1   1 
ATOM   759  C CG2   . VAL A 1 117 ? 4.811   0.961   -3.679  1.00 15.99 ? 366 VAL A CG2   1 
ATOM   760  N N     . THR A 1 118 ? 5.679   -1.162  -7.795  1.00 18.22 ? 367 THR A N     1 
ATOM   761  C CA    . THR A 1 118 ? 5.459   -1.602  -9.193  1.00 19.06 ? 367 THR A CA    1 
ATOM   762  C C     . THR A 1 118 ? 4.925   -3.057  -9.242  1.00 19.58 ? 367 THR A C     1 
ATOM   763  O O     . THR A 1 118 ? 3.966   -3.362  -9.967  1.00 20.18 ? 367 THR A O     1 
ATOM   764  C CB    . THR A 1 118 ? 6.719   -1.445  -10.022 1.00 19.60 ? 367 THR A CB    1 
ATOM   765  O OG1   . THR A 1 118 ? 7.099   -0.051  -10.063 1.00 19.41 ? 367 THR A OG1   1 
ATOM   766  C CG2   . THR A 1 118 ? 6.517   -2.026  -11.473 1.00 20.73 ? 367 THR A CG2   1 
ATOM   767  N N     . SER A 1 119 ? 5.525   -3.939  -8.433  1.00 20.49 ? 368 SER A N     1 
ATOM   768  C CA    A SER A 1 119 ? 5.095   -5.347  -8.329  0.50 20.30 ? 368 SER A CA    1 
ATOM   769  C CA    B SER A 1 119 ? 5.084   -5.342  -8.356  0.50 20.23 ? 368 SER A CA    1 
ATOM   770  C C     . SER A 1 119 ? 3.684   -5.475  -7.766  1.00 19.96 ? 368 SER A C     1 
ATOM   771  O O     . SER A 1 119 ? 2.893   -6.303  -8.213  1.00 20.82 ? 368 SER A O     1 
ATOM   772  C CB    A SER A 1 119 ? 6.057   -6.136  -7.443  0.50 20.47 ? 368 SER A CB    1 
ATOM   773  C CB    B SER A 1 119 ? 6.069   -6.181  -7.546  0.50 20.34 ? 368 SER A CB    1 
ATOM   774  O OG    A SER A 1 119 ? 7.362   -6.156  -7.989  0.50 21.28 ? 368 SER A OG    1 
ATOM   775  O OG    B SER A 1 119 ? 5.628   -7.526  -7.466  0.50 20.74 ? 368 SER A OG    1 
ATOM   776  N N     . VAL A 1 120 ? 3.359   -4.665  -6.765  1.00 19.69 ? 369 VAL A N     1 
ATOM   777  C CA    . VAL A 1 120 ? 2.000   -4.708  -6.196  1.00 18.21 ? 369 VAL A CA    1 
ATOM   778  C C     . VAL A 1 120 ? 0.983   -4.367  -7.263  1.00 18.05 ? 369 VAL A C     1 
ATOM   779  O O     . VAL A 1 120 ? -0.086  -4.990  -7.368  1.00 16.33 ? 369 VAL A O     1 
ATOM   780  C CB    . VAL A 1 120 ? 1.852   -3.727  -4.998  1.00 18.54 ? 369 VAL A CB    1 
ATOM   781  C CG1   . VAL A 1 120 ? 0.341   -3.424  -4.644  1.00 17.15 ? 369 VAL A CG1   1 
ATOM   782  C CG2   . VAL A 1 120 ? 2.588   -4.272  -3.802  1.00 18.29 ? 369 VAL A CG2   1 
ATOM   783  N N     . LEU A 1 121 ? 1.273   -3.302  -7.997  1.00 18.69 ? 370 LEU A N     1 
ATOM   784  C CA    . LEU A 1 121 ? 0.345   -2.823  -9.010  1.00 19.38 ? 370 LEU A CA    1 
ATOM   785  C C     . LEU A 1 121 ? 0.193   -3.855  -10.139 1.00 19.55 ? 370 LEU A C     1 
ATOM   786  O O     . LEU A 1 121 ? -0.916  -4.097  -10.625 1.00 19.95 ? 370 LEU A O     1 
ATOM   787  C CB    . LEU A 1 121 ? 0.814   -1.466  -9.581  1.00 19.29 ? 370 LEU A CB    1 
ATOM   788  C CG    . LEU A 1 121 ? 0.842   -0.206  -8.692  1.00 19.35 ? 370 LEU A CG    1 
ATOM   789  C CD1   . LEU A 1 121 ? 1.287   0.986   -9.527  1.00 16.64 ? 370 LEU A CD1   1 
ATOM   790  C CD2   . LEU A 1 121 ? -0.482  0.071   -7.992  1.00 16.86 ? 370 LEU A CD2   1 
ATOM   791  N N     . GLU A 1 122 ? 1.307   -4.460  -10.541 1.00 21.07 ? 371 GLU A N     1 
ATOM   792  C CA    . GLU A 1 122 ? 1.266   -5.509  -11.567 1.00 22.65 ? 371 GLU A CA    1 
ATOM   793  C C     . GLU A 1 122 ? 0.490   -6.739  -11.086 1.00 22.76 ? 371 GLU A C     1 
ATOM   794  O O     . GLU A 1 122 ? -0.305  -7.293  -11.863 1.00 22.08 ? 371 GLU A O     1 
ATOM   795  C CB    . GLU A 1 122 ? 2.686   -5.863  -12.070 1.00 23.78 ? 371 GLU A CB    1 
ATOM   796  C CG    . GLU A 1 122 ? 3.420   -4.720  -12.801 1.00 25.03 ? 371 GLU A CG    1 
ATOM   797  C CD    . GLU A 1 122 ? 2.901   -4.403  -14.234 1.00 33.20 ? 371 GLU A CD    1 
ATOM   798  O OE1   . GLU A 1 122 ? 3.399   -3.381  -14.828 1.00 36.66 ? 371 GLU A OE1   1 
ATOM   799  O OE2   . GLU A 1 122 ? 2.026   -5.163  -14.778 1.00 36.20 ? 371 GLU A OE2   1 
ATOM   800  N N     . GLU A 1 123 ? 0.627   -7.120  -9.802  1.00 22.71 ? 372 GLU A N     1 
ATOM   801  C CA    . GLU A 1 123 ? -0.208  -8.227  -9.270  1.00 23.46 ? 372 GLU A CA    1 
ATOM   802  C C     . GLU A 1 123 ? -1.681  -7.879  -9.314  1.00 24.04 ? 372 GLU A C     1 
ATOM   803  O O     . GLU A 1 123 ? -2.538  -8.746  -9.643  1.00 23.62 ? 372 GLU A O     1 
ATOM   804  C CB    . GLU A 1 123 ? 0.139   -8.615  -7.827  1.00 23.47 ? 372 GLU A CB    1 
ATOM   805  C CG    . GLU A 1 123 ? 1.342   -9.500  -7.684  1.00 27.10 ? 372 GLU A CG    1 
ATOM   806  C CD    . GLU A 1 123 ? 1.150   -10.920 -8.293  1.00 30.31 ? 372 GLU A CD    1 
ATOM   807  O OE1   . GLU A 1 123 ? 2.138   -11.388 -8.863  1.00 32.81 ? 372 GLU A OE1   1 
ATOM   808  O OE2   . GLU A 1 123 ? 0.036   -11.527 -8.229  1.00 31.93 ? 372 GLU A OE2   1 
ATOM   809  N N     . CYS A 1 124 ? -1.996  -6.631  -8.952  1.00 23.15 ? 373 CYS A N     1 
ATOM   810  C CA    . CYS A 1 124 ? -3.391  -6.219  -8.925  1.00 23.34 ? 373 CYS A CA    1 
ATOM   811  C C     . CYS A 1 124 ? -4.046  -6.352  -10.305 1.00 23.86 ? 373 CYS A C     1 
ATOM   812  O O     . CYS A 1 124 ? -5.114  -6.957  -10.444 1.00 22.83 ? 373 CYS A O     1 
ATOM   813  C CB    . CYS A 1 124 ? -3.521  -4.785  -8.388  1.00 23.11 ? 373 CYS A CB    1 
ATOM   814  S SG    . CYS A 1 124 ? -3.126  -4.660  -6.612  1.00 22.24 ? 373 CYS A SG    1 
ATOM   815  N N     . GLU A 1 125 ? -3.378  -5.767  -11.295 1.00 25.36 ? 374 GLU A N     1 
ATOM   816  C CA    . GLU A 1 125 ? -3.808  -5.783  -12.706 1.00 27.06 ? 374 GLU A CA    1 
ATOM   817  C C     . GLU A 1 125 ? -4.003  -7.211  -13.197 1.00 27.83 ? 374 GLU A C     1 
ATOM   818  O O     . GLU A 1 125 ? -5.043  -7.558  -13.732 1.00 28.27 ? 374 GLU A O     1 
ATOM   819  C CB    . GLU A 1 125 ? -2.746  -5.091  -13.572 1.00 26.65 ? 374 GLU A CB    1 
ATOM   820  C CG    . GLU A 1 125 ? -3.142  -4.761  -14.997 1.00 28.85 ? 374 GLU A CG    1 
ATOM   821  C CD    . GLU A 1 125 ? -4.445  -3.968  -15.084 1.00 30.25 ? 374 GLU A CD    1 
ATOM   822  O OE1   . GLU A 1 125 ? -5.143  -4.146  -16.103 1.00 29.69 ? 374 GLU A OE1   1 
ATOM   823  O OE2   . GLU A 1 125 ? -4.759  -3.182  -14.148 1.00 30.29 ? 374 GLU A OE2   1 
ATOM   824  N N     . GLN A 1 126 ? -3.009  -8.052  -12.986 1.00 29.41 ? 375 GLN A N     1 
ATOM   825  C CA    . GLN A 1 126 ? -3.076  -9.375  -13.555 1.00 31.19 ? 375 GLN A CA    1 
ATOM   826  C C     . GLN A 1 126 ? -4.212  -10.178 -12.920 1.00 30.68 ? 375 GLN A C     1 
ATOM   827  O O     . GLN A 1 126 ? -4.793  -10.999 -13.581 1.00 30.71 ? 375 GLN A O     1 
ATOM   828  C CB    . GLN A 1 126 ? -1.722  -10.083 -13.499 1.00 32.08 ? 375 GLN A CB    1 
ATOM   829  C CG    . GLN A 1 126 ? -1.552  -11.071 -12.388 1.00 36.71 ? 375 GLN A CG    1 
ATOM   830  C CD    . GLN A 1 126 ? -0.371  -11.999 -12.640 1.00 42.89 ? 375 GLN A CD    1 
ATOM   831  O OE1   . GLN A 1 126 ? -0.143  -12.405 -13.783 1.00 46.97 ? 375 GLN A OE1   1 
ATOM   832  N NE2   . GLN A 1 126 ? 0.377   -12.353 -11.577 1.00 45.12 ? 375 GLN A NE2   1 
ATOM   833  N N     . ARG A 1 127 ? -4.578  -9.892  -11.672 1.00 30.92 ? 376 ARG A N     1 
ATOM   834  C CA    . ARG A 1 127 ? -5.737  -10.562 -11.009 1.00 30.88 ? 376 ARG A CA    1 
ATOM   835  C C     . ARG A 1 127 ? -7.051  -9.829  -11.258 1.00 30.35 ? 376 ARG A C     1 
ATOM   836  O O     . ARG A 1 127 ? -8.088  -10.204 -10.731 1.00 30.65 ? 376 ARG A O     1 
ATOM   837  C CB    . ARG A 1 127 ? -5.487  -10.707 -9.512  1.00 31.13 ? 376 ARG A CB    1 
ATOM   838  C CG    . ARG A 1 127 ? -4.176  -11.419 -9.232  1.00 32.57 ? 376 ARG A CG    1 
ATOM   839  C CD    . ARG A 1 127 ? -3.756  -11.433 -7.754  1.00 35.60 ? 376 ARG A CD    1 
ATOM   840  N NE    . ARG A 1 127 ? -2.506  -12.207 -7.573  1.00 37.43 ? 376 ARG A NE    1 
ATOM   841  C CZ    . ARG A 1 127 ? -2.366  -13.307 -6.828  1.00 37.60 ? 376 ARG A CZ    1 
ATOM   842  N NH1   . ARG A 1 127 ? -3.388  -13.823 -6.134  1.00 39.19 ? 376 ARG A NH1   1 
ATOM   843  N NH2   . ARG A 1 127 ? -1.181  -13.903 -6.781  1.00 36.63 ? 376 ARG A NH2   1 
ATOM   844  N N     . LYS A 1 128 ? -6.984  -8.781  -12.075 1.00 30.09 ? 377 LYS A N     1 
ATOM   845  C CA    . LYS A 1 128 ? -8.145  -7.974  -12.484 1.00 30.16 ? 377 LYS A CA    1 
ATOM   846  C C     . LYS A 1 128 ? -8.847  -7.251  -11.311 1.00 28.46 ? 377 LYS A C     1 
ATOM   847  O O     . LYS A 1 128 ? -10.038 -6.988  -11.348 1.00 28.10 ? 377 LYS A O     1 
ATOM   848  C CB    . LYS A 1 128 ? -9.106  -8.829  -13.340 1.00 31.38 ? 377 LYS A CB    1 
ATOM   849  C CG    . LYS A 1 128 ? -8.383  -9.452  -14.607 1.00 34.64 ? 377 LYS A CG    1 
ATOM   850  C CD    . LYS A 1 128 ? -9.269  -10.416 -15.437 1.00 39.18 ? 377 LYS A CD    1 
ATOM   851  C CE    . LYS A 1 128 ? -8.457  -11.194 -16.505 1.00 40.22 ? 377 LYS A CE    1 
ATOM   852  N NZ    . LYS A 1 128 ? -7.808  -10.318 -17.548 1.00 40.10 ? 377 LYS A NZ    1 
ATOM   853  N N     . TYR A 1 129 ? -8.080  -6.923  -10.271 1.00 26.72 ? 378 TYR A N     1 
ATOM   854  C CA    . TYR A 1 129 ? -8.591  -6.145  -9.151  1.00 25.05 ? 378 TYR A CA    1 
ATOM   855  C C     . TYR A 1 129 ? -8.652  -4.697  -9.608  1.00 23.89 ? 378 TYR A C     1 
ATOM   856  O O     . TYR A 1 129 ? -7.996  -4.344  -10.569 1.00 22.84 ? 378 TYR A O     1 
ATOM   857  C CB    . TYR A 1 129 ? -7.709  -6.338  -7.918  1.00 25.15 ? 378 TYR A CB    1 
ATOM   858  C CG    . TYR A 1 129 ? -7.858  -7.708  -7.278  1.00 24.65 ? 378 TYR A CG    1 
ATOM   859  C CD1   . TYR A 1 129 ? -9.125  -8.287  -7.116  1.00 27.34 ? 378 TYR A CD1   1 
ATOM   860  C CD2   . TYR A 1 129 ? -6.751  -8.426  -6.849  1.00 24.17 ? 378 TYR A CD2   1 
ATOM   861  C CE1   . TYR A 1 129 ? -9.280  -9.542  -6.544  1.00 29.27 ? 378 TYR A CE1   1 
ATOM   862  C CE2   . TYR A 1 129 ? -6.899  -9.688  -6.257  1.00 27.45 ? 378 TYR A CE2   1 
ATOM   863  C CZ    . TYR A 1 129 ? -8.162  -10.228 -6.117  1.00 27.88 ? 378 TYR A CZ    1 
ATOM   864  O OH    . TYR A 1 129 ? -8.347  -11.435 -5.539  1.00 31.77 ? 378 TYR A OH    1 
ATOM   865  N N     . THR A 1 130 ? -9.484  -3.895  -8.941  1.00 23.03 ? 379 THR A N     1 
ATOM   866  C CA    . THR A 1 130 ? -9.804  -2.518  -9.347  1.00 23.15 ? 379 THR A CA    1 
ATOM   867  C C     . THR A 1 130 ? -9.329  -1.448  -8.336  1.00 22.37 ? 379 THR A C     1 
ATOM   868  O O     . THR A 1 130 ? -9.149  -0.296  -8.676  1.00 22.94 ? 379 THR A O     1 
ATOM   869  C CB    . THR A 1 130 ? -11.358 -2.370  -9.558  1.00 23.58 ? 379 THR A CB    1 
ATOM   870  O OG1   . THR A 1 130 ? -12.040 -2.580  -8.321  1.00 23.07 ? 379 THR A OG1   1 
ATOM   871  C CG2   . THR A 1 130 ? -11.888 -3.408  -10.598 1.00 23.73 ? 379 THR A CG2   1 
ATOM   872  N N     . SER A 1 131 ? -9.127  -1.839  -7.088  1.00 21.48 ? 380 SER A N     1 
ATOM   873  C CA    . SER A 1 131 ? -8.702  -0.910  -6.063  1.00 21.10 ? 380 SER A CA    1 
ATOM   874  C C     . SER A 1 131 ? -7.646  -1.513  -5.142  1.00 20.18 ? 380 SER A C     1 
ATOM   875  O O     . SER A 1 131 ? -7.746  -2.700  -4.757  1.00 20.01 ? 380 SER A O     1 
ATOM   876  C CB    . SER A 1 131 ? -9.917  -0.466  -5.249  1.00 21.08 ? 380 SER A CB    1 
ATOM   877  O OG    . SER A 1 131 ? -10.485 -1.572  -4.574  1.00 23.11 ? 380 SER A OG    1 
ATOM   878  N N     . VAL A 1 132 ? -6.644  -0.697  -4.788  1.00 19.32 ? 381 VAL A N     1 
ATOM   879  C CA    . VAL A 1 132 ? -5.609  -1.068  -3.830  1.00 18.41 ? 381 VAL A CA    1 
ATOM   880  C C     . VAL A 1 132 ? -5.276  0.098   -2.883  1.00 18.09 ? 381 VAL A C     1 
ATOM   881  O O     . VAL A 1 132 ? -5.190  1.262   -3.330  1.00 16.87 ? 381 VAL A O     1 
ATOM   882  C CB    . VAL A 1 132 ? -4.292  -1.557  -4.572  1.00 19.38 ? 381 VAL A CB    1 
ATOM   883  C CG1   . VAL A 1 132 ? -3.758  -0.477  -5.485  1.00 19.00 ? 381 VAL A CG1   1 
ATOM   884  C CG2   . VAL A 1 132 ? -3.180  -1.953  -3.589  1.00 18.14 ? 381 VAL A CG2   1 
ATOM   885  N N     . SER A 1 133 ? -5.070  -0.226  -1.592  1.00 17.41 ? 382 SER A N     1 
ATOM   886  C CA    . SER A 1 133 ? -4.656  0.746   -0.582  1.00 17.96 ? 382 SER A CA    1 
ATOM   887  C C     . SER A 1 133 ? -3.419  0.243   0.097   1.00 17.40 ? 382 SER A C     1 
ATOM   888  O O     . SER A 1 133 ? -3.322  -0.946  0.461   1.00 17.15 ? 382 SER A O     1 
ATOM   889  C CB    . SER A 1 133 ? -5.743  1.010   0.471   1.00 18.15 ? 382 SER A CB    1 
ATOM   890  O OG    . SER A 1 133 ? -6.953  1.469   -0.129  1.00 20.42 ? 382 SER A OG    1 
ATOM   891  N N     . LEU A 1 134 ? -2.472  1.154   0.292   1.00 15.53 ? 383 LEU A N     1 
ATOM   892  C CA    . LEU A 1 134 ? -1.220  0.795   0.916   1.00 15.11 ? 383 LEU A CA    1 
ATOM   893  C C     . LEU A 1 134 ? -0.834  1.852   1.926   1.00 13.87 ? 383 LEU A C     1 
ATOM   894  O O     . LEU A 1 134 ? -1.279  2.983   1.812   1.00 13.19 ? 383 LEU A O     1 
ATOM   895  C CB    . LEU A 1 134 ? -0.121  0.692   -0.160  1.00 15.32 ? 383 LEU A CB    1 
ATOM   896  C CG    . LEU A 1 134 ? 0.124   1.889   -1.075  1.00 16.40 ? 383 LEU A CG    1 
ATOM   897  C CD1   . LEU A 1 134 ? 1.605   2.049   -1.293  1.00 18.36 ? 383 LEU A CD1   1 
ATOM   898  C CD2   . LEU A 1 134 ? -0.619  1.709   -2.400  1.00 18.31 ? 383 LEU A CD2   1 
ATOM   899  N N     . PRO A 1 135 ? 0.010   1.508   2.907   1.00 13.33 ? 384 PRO A N     1 
ATOM   900  C CA    . PRO A 1 135 ? 0.524   2.527   3.831   1.00 13.44 ? 384 PRO A CA    1 
ATOM   901  C C     . PRO A 1 135 ? 1.723   3.283   3.232   1.00 14.11 ? 384 PRO A C     1 
ATOM   902  O O     . PRO A 1 135 ? 2.141   3.011   2.103   1.00 14.47 ? 384 PRO A O     1 
ATOM   903  C CB    . PRO A 1 135 ? 0.994   1.690   4.988   1.00 14.11 ? 384 PRO A CB    1 
ATOM   904  C CG    . PRO A 1 135 ? 1.496   0.436   4.344   1.00 13.24 ? 384 PRO A CG    1 
ATOM   905  C CD    . PRO A 1 135 ? 0.729   0.238   3.075   1.00 13.38 ? 384 PRO A CD    1 
ATOM   906  N N     . ALA A 1 136 ? 2.279   4.211   3.994   1.00 14.55 ? 385 ALA A N     1 
ATOM   907  C CA    . ALA A 1 136 ? 3.499   4.872   3.617   1.00 14.81 ? 385 ALA A CA    1 
ATOM   908  C C     . ALA A 1 136 ? 4.647   3.874   3.923   1.00 15.40 ? 385 ALA A C     1 
ATOM   909  O O     . ALA A 1 136 ? 5.323   3.972   4.953   1.00 15.29 ? 385 ALA A O     1 
ATOM   910  C CB    . ALA A 1 136 ? 3.663   6.158   4.402   1.00 14.57 ? 385 ALA A CB    1 
ATOM   911  N N     . ILE A 1 137 ? 4.834   2.929   3.013   1.00 15.19 ? 386 ILE A N     1 
ATOM   912  C CA    . ILE A 1 137 ? 5.817   1.853   3.158   1.00 15.84 ? 386 ILE A CA    1 
ATOM   913  C C     . ILE A 1 137 ? 7.184   2.371   3.525   1.00 15.80 ? 386 ILE A C     1 
ATOM   914  O O     . ILE A 1 137 ? 7.694   3.273   2.907   1.00 16.64 ? 386 ILE A O     1 
ATOM   915  C CB    . ILE A 1 137 ? 5.872   0.967   1.876   1.00 16.05 ? 386 ILE A CB    1 
ATOM   916  C CG1   . ILE A 1 137 ? 4.503   0.368   1.577   1.00 17.74 ? 386 ILE A CG1   1 
ATOM   917  C CG2   . ILE A 1 137 ? 6.884   -0.177  1.990   1.00 15.80 ? 386 ILE A CG2   1 
ATOM   918  C CD1   . ILE A 1 137 ? 4.387   -0.148  0.177   1.00 17.73 ? 386 ILE A CD1   1 
ATOM   919  N N     . GLY A 1 138 ? 7.748   1.834   4.605   1.00 16.73 ? 387 GLY A N     1 
ATOM   920  C CA    . GLY A 1 138 ? 9.120   2.116   5.028   1.00 16.51 ? 387 GLY A CA    1 
ATOM   921  C C     . GLY A 1 138 ? 9.375   3.318   5.886   1.00 17.20 ? 387 GLY A C     1 
ATOM   922  O O     . GLY A 1 138 ? 10.516  3.541   6.310   1.00 15.91 ? 387 GLY A O     1 
ATOM   923  N N     . THR A 1 139 ? 8.331   4.093   6.179   1.00 17.83 ? 388 THR A N     1 
ATOM   924  C CA    . THR A 1 139 ? 8.523   5.331   6.886   1.00 19.17 ? 388 THR A CA    1 
ATOM   925  C C     . THR A 1 139 ? 8.331   5.179   8.415   1.00 20.52 ? 388 THR A C     1 
ATOM   926  O O     . THR A 1 139 ? 8.251   6.196   9.132   1.00 22.59 ? 388 THR A O     1 
ATOM   927  C CB    . THR A 1 139 ? 7.548   6.395   6.359   1.00 19.56 ? 388 THR A CB    1 
ATOM   928  O OG1   . THR A 1 139 ? 6.200   5.927   6.576   1.00 20.95 ? 388 THR A OG1   1 
ATOM   929  C CG2   . THR A 1 139 ? 7.808   6.671   4.838   1.00 19.06 ? 388 THR A CG2   1 
ATOM   930  N N     . GLY A 1 140 ? 8.216   3.956   8.917   1.00 20.70 ? 389 GLY A N     1 
ATOM   931  C CA    . GLY A 1 140 ? 8.181   3.725   10.376  1.00 21.92 ? 389 GLY A CA    1 
ATOM   932  C C     . GLY A 1 140 ? 9.464   3.079   10.891  1.00 22.48 ? 389 GLY A C     1 
ATOM   933  O O     . GLY A 1 140 ? 10.530  3.686   10.836  1.00 23.90 ? 389 GLY A O     1 
ATOM   934  N N     . ASN A 1 141 ? 9.375   1.831   11.345  1.00 23.31 ? 390 ASN A N     1 
ATOM   935  C CA    . ASN A 1 141 ? 10.553  1.083   11.837  1.00 23.54 ? 390 ASN A CA    1 
ATOM   936  C C     . ASN A 1 141 ? 11.638  0.929   10.772  1.00 23.24 ? 390 ASN A C     1 
ATOM   937  O O     . ASN A 1 141 ? 12.801  0.926   11.113  1.00 22.77 ? 390 ASN A O     1 
ATOM   938  C CB    . ASN A 1 141 ? 10.109  -0.307  12.341  1.00 24.79 ? 390 ASN A CB    1 
ATOM   939  C CG    . ASN A 1 141 ? 11.155  -0.997  13.226  1.00 27.89 ? 390 ASN A CG    1 
ATOM   940  O OD1   . ASN A 1 141 ? 11.470  -0.506  14.325  1.00 34.01 ? 390 ASN A OD1   1 
ATOM   941  N ND2   . ASN A 1 141 ? 11.680  -2.144  12.769  1.00 28.72 ? 390 ASN A ND2   1 
ATOM   942  N N     . ALA A 1 142 ? 11.287  0.814   9.481   1.00 22.42 ? 391 ALA A N     1 
ATOM   943  C CA    . ALA A 1 142 ? 12.328  0.720   8.419   1.00 21.98 ? 391 ALA A CA    1 
ATOM   944  C C     . ALA A 1 142 ? 13.196  1.983   8.361   1.00 22.25 ? 391 ALA A C     1 
ATOM   945  O O     . ALA A 1 142 ? 14.313  1.960   7.859   1.00 22.95 ? 391 ALA A O     1 
ATOM   946  C CB    . ALA A 1 142 ? 11.708  0.476   7.048   1.00 21.45 ? 391 ALA A CB    1 
ATOM   947  N N     . GLY A 1 143 ? 12.681  3.102   8.858   1.00 22.42 ? 392 GLY A N     1 
ATOM   948  C CA    . GLY A 1 143 ? 13.470  4.328   8.929   1.00 22.01 ? 392 GLY A CA    1 
ATOM   949  C C     . GLY A 1 143 ? 13.767  5.005   7.601   1.00 21.21 ? 392 GLY A C     1 
ATOM   950  O O     . GLY A 1 143 ? 14.660  5.813   7.542   1.00 21.65 ? 392 GLY A O     1 
ATOM   951  N N     . LYS A 1 144 ? 13.029  4.712   6.536   1.00 20.90 ? 393 LYS A N     1 
ATOM   952  C CA    . LYS A 1 144 ? 13.317  5.356   5.243   1.00 21.54 ? 393 LYS A CA    1 
ATOM   953  C C     . LYS A 1 144 ? 12.836  6.812   5.223   1.00 20.70 ? 393 LYS A C     1 
ATOM   954  O O     . LYS A 1 144 ? 11.881  7.181   5.933   1.00 19.45 ? 393 LYS A O     1 
ATOM   955  C CB    . LYS A 1 144 ? 12.689  4.585   4.096   1.00 22.50 ? 393 LYS A CB    1 
ATOM   956  C CG    . LYS A 1 144 ? 13.345  3.265   3.786   1.00 25.52 ? 393 LYS A CG    1 
ATOM   957  C CD    . LYS A 1 144 ? 12.646  2.674   2.549   1.00 29.28 ? 393 LYS A CD    1 
ATOM   958  C CE    . LYS A 1 144 ? 12.995  1.192   2.298   1.00 29.58 ? 393 LYS A CE    1 
ATOM   959  N NZ    . LYS A 1 144 ? 14.295  1.051   1.605   1.00 30.02 ? 393 LYS A NZ    1 
ATOM   960  N N     . ASN A 1 145 ? 13.494  7.637   4.415   1.00 20.15 ? 394 ASN A N     1 
ATOM   961  C CA    . ASN A 1 145 ? 13.205  9.082   4.399   1.00 19.79 ? 394 ASN A CA    1 
ATOM   962  C C     . ASN A 1 145 ? 11.878  9.262   3.700   1.00 18.35 ? 394 ASN A C     1 
ATOM   963  O O     . ASN A 1 145 ? 11.683  8.746   2.612   1.00 18.38 ? 394 ASN A O     1 
ATOM   964  C CB    . ASN A 1 145 ? 14.353  9.846   3.711   1.00 20.56 ? 394 ASN A CB    1 
ATOM   965  C CG    . ASN A 1 145 ? 14.025  11.328  3.410   1.00 24.59 ? 394 ASN A CG    1 
ATOM   966  O OD1   . ASN A 1 145 ? 13.002  11.658  2.764   1.00 25.54 ? 394 ASN A OD1   1 
ATOM   967  N ND2   . ASN A 1 145 ? 14.950  12.221  3.799   1.00 27.45 ? 394 ASN A ND2   1 
ATOM   968  N N     . PRO A 1 146 ? 10.944  9.986   4.329   1.00 17.43 ? 395 PRO A N     1 
ATOM   969  C CA    . PRO A 1 146 ? 9.591   9.997   3.791   1.00 16.42 ? 395 PRO A CA    1 
ATOM   970  C C     . PRO A 1 146 ? 9.418   10.807  2.475   1.00 15.47 ? 395 PRO A C     1 
ATOM   971  O O     . PRO A 1 146 ? 8.539   10.492  1.691   1.00 14.43 ? 395 PRO A O     1 
ATOM   972  C CB    . PRO A 1 146 ? 8.758   10.580  4.958   1.00 17.11 ? 395 PRO A CB    1 
ATOM   973  C CG    . PRO A 1 146 ? 9.757   11.370  5.813   1.00 17.55 ? 395 PRO A CG    1 
ATOM   974  C CD    . PRO A 1 146 ? 11.025  10.596  5.675   1.00 17.59 ? 395 PRO A CD    1 
ATOM   975  N N     . ILE A 1 147 ? 10.224  11.844  2.250   1.00 14.89 ? 396 ILE A N     1 
ATOM   976  C CA    . ILE A 1 147 ? 10.218  12.528  0.959   1.00 14.77 ? 396 ILE A CA    1 
ATOM   977  C C     . ILE A 1 147 ? 10.510  11.503  -0.180  1.00 14.36 ? 396 ILE A C     1 
ATOM   978  O O     . ILE A 1 147 ? 9.750   11.343  -1.144  1.00 13.41 ? 396 ILE A O     1 
ATOM   979  C CB    . ILE A 1 147 ? 11.203  13.758  0.928   1.00 15.63 ? 396 ILE A CB    1 
ATOM   980  C CG1   . ILE A 1 147 ? 10.964  14.676  2.153   1.00 17.04 ? 396 ILE A CG1   1 
ATOM   981  C CG2   . ILE A 1 147 ? 11.070  14.544  -0.452  1.00 14.27 ? 396 ILE A CG2   1 
ATOM   982  C CD1   . ILE A 1 147 ? 11.688  16.110  2.136   1.00 19.53 ? 396 ILE A CD1   1 
ATOM   983  N N     . THR A 1 148 ? 11.598  10.761  -0.027  1.00 13.68 ? 397 THR A N     1 
ATOM   984  C CA    . THR A 1 148 ? 11.969  9.742   -0.991  1.00 13.04 ? 397 THR A CA    1 
ATOM   985  C C     . THR A 1 148 ? 10.908  8.674   -1.143  1.00 13.04 ? 397 THR A C     1 
ATOM   986  O O     . THR A 1 148 ? 10.600  8.240   -2.270  1.00 11.00 ? 397 THR A O     1 
ATOM   987  C CB    . THR A 1 148 ? 13.333  9.137   -0.612  1.00 14.02 ? 397 THR A CB    1 
ATOM   988  O OG1   . THR A 1 148 ? 14.252  10.240  -0.416  1.00 13.86 ? 397 THR A OG1   1 
ATOM   989  C CG2   . THR A 1 148 ? 13.840  8.219   -1.708  1.00 10.85 ? 397 THR A CG2   1 
ATOM   990  N N     . VAL A 1 149 ? 10.287  8.270   -0.034  1.00 12.72 ? 398 VAL A N     1 
ATOM   991  C CA    . VAL A 1 149 ? 9.256   7.236   -0.157  1.00 12.98 ? 398 VAL A CA    1 
ATOM   992  C C     . VAL A 1 149 ? 8.040   7.723   -0.955  1.00 13.00 ? 398 VAL A C     1 
ATOM   993  O O     . VAL A 1 149 ? 7.507   6.989   -1.773  1.00 13.48 ? 398 VAL A O     1 
ATOM   994  C CB    . VAL A 1 149 ? 8.792   6.683   1.227   1.00 13.77 ? 398 VAL A CB    1 
ATOM   995  C CG1   . VAL A 1 149 ? 7.449   5.900   1.091   1.00 11.71 ? 398 VAL A CG1   1 
ATOM   996  C CG2   . VAL A 1 149 ? 9.875   5.798   1.782   1.00 12.09 ? 398 VAL A CG2   1 
ATOM   997  N N     . ALA A 1 150 ? 7.590   8.955   -0.705  1.00 13.47 ? 399 ALA A N     1 
ATOM   998  C CA    . ALA A 1 150 ? 6.456   9.518   -1.459  1.00 13.98 ? 399 ALA A CA    1 
ATOM   999  C C     . ALA A 1 150 ? 6.838   9.547   -2.945  1.00 14.08 ? 399 ALA A C     1 
ATOM   1000 O O     . ALA A 1 150 ? 6.036   9.185   -3.772  1.00 13.99 ? 399 ALA A O     1 
ATOM   1001 C CB    . ALA A 1 150 ? 6.072   10.972  -0.982  1.00 12.13 ? 399 ALA A CB    1 
ATOM   1002 N N     . ASP A 1 151 ? 8.047   10.028  -3.244  1.00 14.61 ? 400 ASP A N     1 
ATOM   1003 C CA    . ASP A 1 151 ? 8.524   10.162  -4.651  1.00 15.50 ? 400 ASP A CA    1 
ATOM   1004 C C     . ASP A 1 151 ? 8.569   8.798   -5.331  1.00 15.30 ? 400 ASP A C     1 
ATOM   1005 O O     . ASP A 1 151 ? 8.174   8.657   -6.493  1.00 15.20 ? 400 ASP A O     1 
ATOM   1006 C CB    . ASP A 1 151 ? 9.926   10.789  -4.705  1.00 15.02 ? 400 ASP A CB    1 
ATOM   1007 C CG    . ASP A 1 151 ? 9.934   12.287  -4.440  1.00 16.71 ? 400 ASP A CG    1 
ATOM   1008 O OD1   . ASP A 1 151 ? 8.847   12.908  -4.432  1.00 17.32 ? 400 ASP A OD1   1 
ATOM   1009 O OD2   . ASP A 1 151 ? 11.039  12.866  -4.226  1.00 15.27 ? 400 ASP A OD2   1 
ATOM   1010 N N     . ASN A 1 152 ? 9.021   7.785   -4.591  1.00 15.79 ? 401 ASN A N     1 
ATOM   1011 C CA    . ASN A 1 152 ? 9.142   6.438   -5.123  1.00 15.29 ? 401 ASN A CA    1 
ATOM   1012 C C     . ASN A 1 152 ? 7.788   5.837   -5.434  1.00 15.47 ? 401 ASN A C     1 
ATOM   1013 O O     . ASN A 1 152 ? 7.600   5.225   -6.490  1.00 14.05 ? 401 ASN A O     1 
ATOM   1014 C CB    . ASN A 1 152 ? 9.967   5.548   -4.197  1.00 16.63 ? 401 ASN A CB    1 
ATOM   1015 C CG    . ASN A 1 152 ? 11.464  5.848   -4.284  1.00 18.00 ? 401 ASN A CG    1 
ATOM   1016 O OD1   . ASN A 1 152 ? 11.893  6.608   -5.133  1.00 19.46 ? 401 ASN A OD1   1 
ATOM   1017 N ND2   . ASN A 1 152 ? 12.248  5.290   -3.374  1.00 20.70 ? 401 ASN A ND2   1 
ATOM   1018 N N     . ILE A 1 153 ? 6.823   6.074   -4.551  1.00 15.29 ? 402 ILE A N     1 
ATOM   1019 C CA    . ILE A 1 153 ? 5.491   5.527   -4.720  1.00 14.96 ? 402 ILE A CA    1 
ATOM   1020 C C     . ILE A 1 153 ? 4.840   6.187   -5.911  1.00 16.34 ? 402 ILE A C     1 
ATOM   1021 O O     . ILE A 1 153 ? 4.172   5.530   -6.724  1.00 15.67 ? 402 ILE A O     1 
ATOM   1022 C CB    . ILE A 1 153 ? 4.618   5.743   -3.444  1.00 14.15 ? 402 ILE A CB    1 
ATOM   1023 C CG1   . ILE A 1 153 ? 5.090   4.816   -2.307  1.00 14.45 ? 402 ILE A CG1   1 
ATOM   1024 C CG2   . ILE A 1 153 ? 3.173   5.512   -3.734  1.00 11.32 ? 402 ILE A CG2   1 
ATOM   1025 C CD1   . ILE A 1 153 ? 4.458   5.113   -0.909  1.00 13.30 ? 402 ILE A CD1   1 
ATOM   1026 N N     . ILE A 1 154 ? 5.001   7.504   -6.002  1.00 17.39 ? 403 ILE A N     1 
ATOM   1027 C CA    . ILE A 1 154 ? 4.481   8.230   -7.150  1.00 17.85 ? 403 ILE A CA    1 
ATOM   1028 C C     . ILE A 1 154 ? 5.159   7.816   -8.476  1.00 16.90 ? 403 ILE A C     1 
ATOM   1029 O O     . ILE A 1 154 ? 4.453   7.646   -9.490  1.00 16.21 ? 403 ILE A O     1 
ATOM   1030 C CB    . ILE A 1 154 ? 4.534   9.755   -6.922  1.00 18.13 ? 403 ILE A CB    1 
ATOM   1031 C CG1   . ILE A 1 154 ? 3.502   10.128  -5.844  1.00 20.99 ? 403 ILE A CG1   1 
ATOM   1032 C CG2   . ILE A 1 154 ? 4.247   10.467  -8.250  1.00 19.81 ? 403 ILE A CG2   1 
ATOM   1033 C CD1   . ILE A 1 154 ? 3.686   11.511  -5.170  1.00 23.00 ? 403 ILE A CD1   1 
ATOM   1034 N N     . ASP A 1 155 ? 6.486   7.668   -8.463  1.00 16.38 ? 404 ASP A N     1 
ATOM   1035 C CA    . ASP A 1 155 ? 7.239   7.173   -9.638  1.00 17.63 ? 404 ASP A CA    1 
ATOM   1036 C C     . ASP A 1 155 ? 6.600   5.896   -10.121 1.00 17.33 ? 404 ASP A C     1 
ATOM   1037 O O     . ASP A 1 155 ? 6.401   5.720   -11.328 1.00 17.33 ? 404 ASP A O     1 
ATOM   1038 C CB    . ASP A 1 155 ? 8.727   6.799   -9.360  1.00 17.96 ? 404 ASP A CB    1 
ATOM   1039 C CG    . ASP A 1 155 ? 9.673   8.020   -9.128  1.00 20.09 ? 404 ASP A CG    1 
ATOM   1040 O OD1   . ASP A 1 155 ? 9.632   8.997   -9.880  1.00 23.43 ? 404 ASP A OD1   1 
ATOM   1041 O OD2   . ASP A 1 155 ? 10.511  7.975   -8.181  1.00 27.57 ? 404 ASP A OD2   1 
ATOM   1042 N N     . ALA A 1 156 ? 6.300   4.992   -9.190  1.00 17.04 ? 405 ALA A N     1 
ATOM   1043 C CA    . ALA A 1 156 ? 5.761   3.682   -9.575  1.00 17.16 ? 405 ALA A CA    1 
ATOM   1044 C C     . ALA A 1 156 ? 4.371   3.791   -10.196 1.00 17.64 ? 405 ALA A C     1 
ATOM   1045 O O     . ALA A 1 156 ? 4.073   3.106   -11.188 1.00 18.74 ? 405 ALA A O     1 
ATOM   1046 C CB    . ALA A 1 156 ? 5.730   2.732   -8.402  1.00 16.97 ? 405 ALA A CB    1 
ATOM   1047 N N     . ILE A 1 157 ? 3.510   4.637   -9.629  1.00 16.84 ? 406 ILE A N     1 
ATOM   1048 C CA    . ILE A 1 157 ? 2.174   4.833   -10.198 1.00 16.53 ? 406 ILE A CA    1 
ATOM   1049 C C     . ILE A 1 157 ? 2.228   5.438   -11.640 1.00 16.06 ? 406 ILE A C     1 
ATOM   1050 O O     . ILE A 1 157 ? 1.535   4.960   -12.533 1.00 15.40 ? 406 ILE A O     1 
ATOM   1051 C CB    . ILE A 1 157 ? 1.286   5.687   -9.261  1.00 17.44 ? 406 ILE A CB    1 
ATOM   1052 C CG1   . ILE A 1 157 ? 1.061   4.960   -7.913  1.00 17.56 ? 406 ILE A CG1   1 
ATOM   1053 C CG2   . ILE A 1 157 ? -0.108  5.930   -9.938  1.00 17.40 ? 406 ILE A CG2   1 
ATOM   1054 C CD1   . ILE A 1 157 ? 0.607   5.887   -6.772  1.00 21.49 ? 406 ILE A CD1   1 
ATOM   1055 N N     . VAL A 1 158 ? 3.076   6.451   -11.852 1.00 16.29 ? 407 VAL A N     1 
ATOM   1056 C CA    . VAL A 1 158 ? 3.254   7.093   -13.165 1.00 16.65 ? 407 VAL A CA    1 
ATOM   1057 C C     . VAL A 1 158 ? 3.756   6.071   -14.171 1.00 18.90 ? 407 VAL A C     1 
ATOM   1058 O O     . VAL A 1 158 ? 3.242   5.996   -15.288 1.00 20.47 ? 407 VAL A O     1 
ATOM   1059 C CB    . VAL A 1 158 ? 4.216   8.297   -13.091 1.00 16.91 ? 407 VAL A CB    1 
ATOM   1060 C CG1   . VAL A 1 158 ? 4.657   8.828   -14.534 1.00 14.81 ? 407 VAL A CG1   1 
ATOM   1061 C CG2   . VAL A 1 158 ? 3.546   9.452   -12.301 1.00 14.35 ? 407 VAL A CG2   1 
ATOM   1062 N N     . ASP A 1 159 ? 4.699   5.226   -13.770 1.00 19.74 ? 408 ASP A N     1 
ATOM   1063 C CA    . ASP A 1 159 ? 5.184   4.150   -14.662 1.00 20.65 ? 408 ASP A CA    1 
ATOM   1064 C C     . ASP A 1 159 ? 4.092   3.191   -15.035 1.00 20.53 ? 408 ASP A C     1 
ATOM   1065 O O     . ASP A 1 159 ? 3.954   2.828   -16.190 1.00 19.53 ? 408 ASP A O     1 
ATOM   1066 C CB    . ASP A 1 159 ? 6.270   3.296   -14.015 1.00 21.59 ? 408 ASP A CB    1 
ATOM   1067 C CG    . ASP A 1 159 ? 7.571   3.990   -13.919 1.00 23.24 ? 408 ASP A CG    1 
ATOM   1068 O OD1   . ASP A 1 159 ? 7.687   5.117   -14.446 1.00 28.91 ? 408 ASP A OD1   1 
ATOM   1069 O OD2   . ASP A 1 159 ? 8.500   3.411   -13.294 1.00 27.57 ? 408 ASP A OD2   1 
ATOM   1070 N N     . PHE A 1 160 ? 3.339   2.740   -14.045 1.00 21.18 ? 409 PHE A N     1 
ATOM   1071 C CA    . PHE A 1 160 ? 2.311   1.779   -14.326 1.00 21.19 ? 409 PHE A CA    1 
ATOM   1072 C C     . PHE A 1 160 ? 1.257   2.439   -15.248 1.00 22.06 ? 409 PHE A C     1 
ATOM   1073 O O     . PHE A 1 160 ? 0.819   1.849   -16.256 1.00 22.65 ? 409 PHE A O     1 
ATOM   1074 C CB    . PHE A 1 160 ? 1.720   1.250   -13.025 1.00 20.79 ? 409 PHE A CB    1 
ATOM   1075 C CG    . PHE A 1 160 ? 0.553   0.356   -13.219 1.00 21.63 ? 409 PHE A CG    1 
ATOM   1076 C CD1   . PHE A 1 160 ? -0.740  0.869   -13.235 1.00 21.68 ? 409 PHE A CD1   1 
ATOM   1077 C CD2   . PHE A 1 160 ? 0.727   -1.005  -13.374 1.00 21.09 ? 409 PHE A CD2   1 
ATOM   1078 C CE1   . PHE A 1 160 ? -1.843  0.018   -13.400 1.00 23.21 ? 409 PHE A CE1   1 
ATOM   1079 C CE2   . PHE A 1 160 ? -0.349  -1.855  -13.552 1.00 21.84 ? 409 PHE A CE2   1 
ATOM   1080 C CZ    . PHE A 1 160 ? -1.636  -1.355  -13.575 1.00 24.26 ? 409 PHE A CZ    1 
ATOM   1081 N N     . SER A 1 161 ? 0.857   3.661   -14.926 1.00 21.84 ? 410 SER A N     1 
ATOM   1082 C CA    . SER A 1 161 ? -0.163  4.327   -15.727 1.00 22.39 ? 410 SER A CA    1 
ATOM   1083 C C     . SER A 1 161 ? 0.290   4.493   -17.177 1.00 22.87 ? 410 SER A C     1 
ATOM   1084 O O     . SER A 1 161 ? -0.446  4.237   -18.107 1.00 22.20 ? 410 SER A O     1 
ATOM   1085 C CB    . SER A 1 161 ? -0.487  5.702   -15.129 1.00 22.46 ? 410 SER A CB    1 
ATOM   1086 O OG    . SER A 1 161 ? -1.597  6.260   -15.773 1.00 20.62 ? 410 SER A OG    1 
ATOM   1087 N N     . SER A 1 162 ? 1.526   4.911   -17.364 1.00 24.65 ? 411 SER A N     1 
ATOM   1088 C CA    . SER A 1 162 ? 2.032   5.142   -18.702 1.00 26.50 ? 411 SER A CA    1 
ATOM   1089 C C     . SER A 1 162 ? 2.168   3.831   -19.521 1.00 28.79 ? 411 SER A C     1 
ATOM   1090 O O     . SER A 1 162 ? 2.296   3.886   -20.752 1.00 29.46 ? 411 SER A O     1 
ATOM   1091 C CB    . SER A 1 162 ? 3.378   5.820   -18.622 1.00 26.43 ? 411 SER A CB    1 
ATOM   1092 O OG    . SER A 1 162 ? 4.304   4.897   -18.103 1.00 25.72 ? 411 SER A OG    1 
ATOM   1093 N N     . GLN A 1 163 ? 2.143   2.681   -18.845 1.00 29.94 ? 412 GLN A N     1 
ATOM   1094 C CA    . GLN A 1 163 ? 2.226   1.377   -19.494 1.00 31.98 ? 412 GLN A CA    1 
ATOM   1095 C C     . GLN A 1 163 ? 0.847   0.740   -19.685 1.00 31.54 ? 412 GLN A C     1 
ATOM   1096 O O     . GLN A 1 163 ? 0.751   -0.301  -20.315 1.00 31.31 ? 412 GLN A O     1 
ATOM   1097 C CB    . GLN A 1 163 ? 3.079   0.416   -18.638 1.00 32.86 ? 412 GLN A CB    1 
ATOM   1098 C CG    . GLN A 1 163 ? 4.535   0.145   -19.059 1.00 37.83 ? 412 GLN A CG    1 
ATOM   1099 C CD    . GLN A 1 163 ? 5.260   1.322   -19.698 1.00 43.62 ? 412 GLN A CD    1 
ATOM   1100 O OE1   . GLN A 1 163 ? 6.035   1.138   -20.654 1.00 47.06 ? 412 GLN A OE1   1 
ATOM   1101 N NE2   . GLN A 1 163 ? 5.042   2.530   -19.171 1.00 48.38 ? 412 GLN A NE2   1 
ATOM   1102 N N     . HIS A 1 164 ? -0.209  1.322   -19.123 1.00 30.99 ? 413 HIS A N     1 
ATOM   1103 C CA    . HIS A 1 164 ? -1.544  0.719   -19.192 1.00 30.62 ? 413 HIS A CA    1 
ATOM   1104 C C     . HIS A 1 164 ? -2.594  1.781   -19.492 1.00 31.06 ? 413 HIS A C     1 
ATOM   1105 O O     . HIS A 1 164 ? -2.991  2.551   -18.602 1.00 31.77 ? 413 HIS A O     1 
ATOM   1106 C CB    . HIS A 1 164 ? -1.918  0.045   -17.861 1.00 30.78 ? 413 HIS A CB    1 
ATOM   1107 C CG    . HIS A 1 164 ? -1.050  -1.119  -17.489 1.00 30.61 ? 413 HIS A CG    1 
ATOM   1108 N ND1   . HIS A 1 164 ? 0.240   -0.968  -17.029 1.00 31.50 ? 413 HIS A ND1   1 
ATOM   1109 C CD2   . HIS A 1 164 ? -1.292  -2.451  -17.504 1.00 29.68 ? 413 HIS A CD2   1 
ATOM   1110 C CE1   . HIS A 1 164 ? 0.758   -2.161  -16.786 1.00 33.37 ? 413 HIS A CE1   1 
ATOM   1111 N NE2   . HIS A 1 164 ? -0.154  -3.077  -17.064 1.00 31.02 ? 413 HIS A NE2   1 
ATOM   1112 N N     . SER A 1 165 ? -3.083  1.824   -20.723 1.00 30.85 ? 414 SER A N     1 
ATOM   1113 C CA    . SER A 1 165 ? -4.037  2.861   -21.082 1.00 30.53 ? 414 SER A CA    1 
ATOM   1114 C C     . SER A 1 165 ? -5.462  2.509   -20.670 1.00 29.42 ? 414 SER A C     1 
ATOM   1115 O O     . SER A 1 165 ? -6.274  3.415   -20.543 1.00 28.86 ? 414 SER A O     1 
ATOM   1116 C CB    . SER A 1 165 ? -3.985  3.162   -22.583 1.00 30.47 ? 414 SER A CB    1 
ATOM   1117 O OG    . SER A 1 165 ? -4.557  2.086   -23.276 1.00 32.09 ? 414 SER A OG    1 
ATOM   1118 N N     . THR A 1 166 ? -5.778  1.224   -20.467 1.00 28.88 ? 415 THR A N     1 
ATOM   1119 C CA    . THR A 1 166 ? -7.131  0.851   -20.004 1.00 28.80 ? 415 THR A CA    1 
ATOM   1120 C C     . THR A 1 166 ? -7.088  -0.238  -18.923 1.00 28.75 ? 415 THR A C     1 
ATOM   1121 O O     . THR A 1 166 ? -7.555  -1.350  -19.103 1.00 28.93 ? 415 THR A O     1 
ATOM   1122 C CB    . THR A 1 166 ? -8.092  0.421   -21.190 1.00 29.18 ? 415 THR A CB    1 
ATOM   1123 O OG1   . THR A 1 166 ? -7.700  -0.861  -21.689 1.00 29.58 ? 415 THR A OG1   1 
ATOM   1124 C CG2   . THR A 1 166 ? -8.067  1.428   -22.356 1.00 27.61 ? 415 THR A CG2   1 
ATOM   1125 N N     . PRO A 1 167 ? -6.574  0.100   -17.748 1.00 28.57 ? 416 PRO A N     1 
ATOM   1126 C CA    . PRO A 1 167 ? -6.393  -0.953  -16.744 1.00 27.69 ? 416 PRO A CA    1 
ATOM   1127 C C     . PRO A 1 167 ? -7.644  -1.326  -15.989 1.00 27.22 ? 416 PRO A C     1 
ATOM   1128 O O     . PRO A 1 167 ? -8.572  -0.539  -15.922 1.00 26.13 ? 416 PRO A O     1 
ATOM   1129 C CB    . PRO A 1 167 ? -5.363  -0.346  -15.795 1.00 27.85 ? 416 PRO A CB    1 
ATOM   1130 C CG    . PRO A 1 167 ? -5.531  1.117   -15.942 1.00 28.74 ? 416 PRO A CG    1 
ATOM   1131 C CD    . PRO A 1 167 ? -5.951  1.369   -17.355 1.00 28.47 ? 416 PRO A CD    1 
ATOM   1132 N N     . SER A 1 168 ? -7.662  -2.529  -15.400 1.00 26.69 ? 417 SER A N     1 
ATOM   1133 C CA    . SER A 1 168 ? -8.703  -2.851  -14.442 1.00 26.38 ? 417 SER A CA    1 
ATOM   1134 C C     . SER A 1 168 ? -8.441  -2.100  -13.138 1.00 25.32 ? 417 SER A C     1 
ATOM   1135 O O     . SER A 1 168 ? -9.367  -1.690  -12.470 1.00 25.46 ? 417 SER A O     1 
ATOM   1136 C CB    . SER A 1 168 ? -8.834  -4.374  -14.220 1.00 26.96 ? 417 SER A CB    1 
ATOM   1137 O OG    . SER A 1 168 ? -7.956  -4.837  -13.223 1.00 28.04 ? 417 SER A OG    1 
ATOM   1138 N N     . LEU A 1 169 ? -7.179  -1.919  -12.776 1.00 25.34 ? 418 LEU A N     1 
ATOM   1139 C CA    . LEU A 1 169 ? -6.835  -1.205  -11.534 1.00 25.07 ? 418 LEU A CA    1 
ATOM   1140 C C     . LEU A 1 169 ? -7.010  0.290   -11.752 1.00 25.43 ? 418 LEU A C     1 
ATOM   1141 O O     . LEU A 1 169 ? -6.202  0.896   -12.463 1.00 26.78 ? 418 LEU A O     1 
ATOM   1142 C CB    . LEU A 1 169 ? -5.418  -1.525  -11.097 1.00 24.58 ? 418 LEU A CB    1 
ATOM   1143 C CG    . LEU A 1 169 ? -4.960  -0.961  -9.761  1.00 23.78 ? 418 LEU A CG    1 
ATOM   1144 C CD1   . LEU A 1 169 ? -5.621  -1.683  -8.593  1.00 16.68 ? 418 LEU A CD1   1 
ATOM   1145 C CD2   . LEU A 1 169 ? -3.462  -1.109  -9.732  1.00 24.17 ? 418 LEU A CD2   1 
ATOM   1146 N N     . LYS A 1 170 ? -8.069  0.873   -11.174 1.00 24.45 ? 419 LYS A N     1 
ATOM   1147 C CA    . LYS A 1 170 ? -8.413  2.272   -11.435 1.00 24.25 ? 419 LYS A CA    1 
ATOM   1148 C C     . LYS A 1 170 ? -8.169  3.204   -10.255 1.00 22.74 ? 419 LYS A C     1 
ATOM   1149 O O     . LYS A 1 170 ? -8.030  4.413   -10.457 1.00 21.65 ? 419 LYS A O     1 
ATOM   1150 C CB    . LYS A 1 170 ? -9.878  2.387   -11.891 1.00 25.43 ? 419 LYS A CB    1 
ATOM   1151 C CG    . LYS A 1 170 ? -10.071 1.977   -13.378 1.00 27.69 ? 419 LYS A CG    1 
ATOM   1152 C CD    . LYS A 1 170 ? -11.538 1.563   -13.672 1.00 31.53 ? 419 LYS A CD    1 
ATOM   1153 C CE    . LYS A 1 170 ? -11.656 0.348   -14.680 1.00 32.39 ? 419 LYS A CE    1 
ATOM   1154 N NZ    . LYS A 1 170 ? -11.585 -1.040  -14.010 1.00 30.10 ? 419 LYS A NZ    1 
ATOM   1155 N N     . THR A 1 171 ? -8.083  2.640   -9.048  1.00 21.47 ? 420 THR A N     1 
ATOM   1156 C CA    . THR A 1 171 ? -7.954  3.425   -7.811  1.00 20.59 ? 420 THR A CA    1 
ATOM   1157 C C     . THR A 1 171 ? -6.806  2.938   -6.930  1.00 18.60 ? 420 THR A C     1 
ATOM   1158 O O     . THR A 1 171 ? -6.773  1.781   -6.484  1.00 17.87 ? 420 THR A O     1 
ATOM   1159 C CB    . THR A 1 171 ? -9.280  3.450   -7.028  1.00 21.49 ? 420 THR A CB    1 
ATOM   1160 O OG1   . THR A 1 171 ? -10.319 3.962   -7.884  1.00 25.73 ? 420 THR A OG1   1 
ATOM   1161 C CG2   . THR A 1 171 ? -9.213  4.378   -5.809  1.00 21.86 ? 420 THR A CG2   1 
ATOM   1162 N N     . VAL A 1 172 ? -5.859  3.836   -6.691  1.00 17.00 ? 421 VAL A N     1 
ATOM   1163 C CA    . VAL A 1 172 ? -4.728  3.596   -5.780  1.00 16.17 ? 421 VAL A CA    1 
ATOM   1164 C C     . VAL A 1 172 ? -4.760  4.611   -4.638  1.00 16.83 ? 421 VAL A C     1 
ATOM   1165 O O     . VAL A 1 172 ? -4.738  5.833   -4.881  1.00 16.33 ? 421 VAL A O     1 
ATOM   1166 C CB    . VAL A 1 172 ? -3.349  3.742   -6.506  1.00 16.16 ? 421 VAL A CB    1 
ATOM   1167 C CG1   . VAL A 1 172 ? -2.230  3.474   -5.553  1.00 17.00 ? 421 VAL A CG1   1 
ATOM   1168 C CG2   . VAL A 1 172 ? -3.243  2.790   -7.698  1.00 14.94 ? 421 VAL A CG2   1 
ATOM   1169 N N     . LYS A 1 173 ? -4.772  4.106   -3.393  1.00 16.63 ? 422 LYS A N     1 
ATOM   1170 C CA    . LYS A 1 173 ? -4.766  4.975   -2.223  1.00 16.49 ? 422 LYS A CA    1 
ATOM   1171 C C     . LYS A 1 173 ? -3.624  4.698   -1.306  1.00 16.21 ? 422 LYS A C     1 
ATOM   1172 O O     . LYS A 1 173 ? -3.341  3.537   -0.996  1.00 17.13 ? 422 LYS A O     1 
ATOM   1173 C CB    . LYS A 1 173 ? -6.072  4.830   -1.460  1.00 16.58 ? 422 LYS A CB    1 
ATOM   1174 C CG    . LYS A 1 173 ? -6.300  5.812   -0.346  1.00 16.94 ? 422 LYS A CG    1 
ATOM   1175 C CD    . LYS A 1 173 ? -7.724  5.608   0.177   1.00 18.05 ? 422 LYS A CD    1 
ATOM   1176 C CE    . LYS A 1 173 ? -7.965  6.355   1.480   1.00 19.08 ? 422 LYS A CE    1 
ATOM   1177 N NZ    . LYS A 1 173 ? -9.344  6.100   2.008   1.00 17.38 ? 422 LYS A NZ    1 
ATOM   1178 N N     . VAL A 1 174 ? -2.950  5.764   -0.893  1.00 15.65 ? 423 VAL A N     1 
ATOM   1179 C CA    . VAL A 1 174 ? -2.065  5.713   0.272   1.00 14.49 ? 423 VAL A CA    1 
ATOM   1180 C C     . VAL A 1 174 ? -2.788  6.221   1.510   1.00 14.98 ? 423 VAL A C     1 
ATOM   1181 O O     . VAL A 1 174 ? -3.203  7.383   1.551   1.00 14.11 ? 423 VAL A O     1 
ATOM   1182 C CB    . VAL A 1 174 ? -0.817  6.528   0.058   1.00 14.09 ? 423 VAL A CB    1 
ATOM   1183 C CG1   . VAL A 1 174 ? 0.065   6.578   1.366   1.00 12.96 ? 423 VAL A CG1   1 
ATOM   1184 C CG2   . VAL A 1 174 ? -0.038  5.925   -1.085  1.00 14.15 ? 423 VAL A CG2   1 
ATOM   1185 N N     . VAL A 1 175 ? -2.934  5.347   2.512   1.00 15.62 ? 424 VAL A N     1 
ATOM   1186 C CA    . VAL A 1 175 ? -3.542  5.680   3.810   1.00 15.59 ? 424 VAL A CA    1 
ATOM   1187 C C     . VAL A 1 175 ? -2.402  6.117   4.734   1.00 16.35 ? 424 VAL A C     1 
ATOM   1188 O O     . VAL A 1 175 ? -1.375  5.398   4.915   1.00 17.59 ? 424 VAL A O     1 
ATOM   1189 C CB    . VAL A 1 175 ? -4.342  4.503   4.367   1.00 16.29 ? 424 VAL A CB    1 
ATOM   1190 C CG1   . VAL A 1 175 ? -4.883  4.779   5.765   1.00 16.69 ? 424 VAL A CG1   1 
ATOM   1191 C CG2   . VAL A 1 175 ? -5.445  4.112   3.400   1.00 15.33 ? 424 VAL A CG2   1 
ATOM   1192 N N     . ILE A 1 176 ? -2.525  7.343   5.245   1.00 16.44 ? 425 ILE A N     1 
ATOM   1193 C CA    . ILE A 1 176 ? -1.502  7.987   6.079   1.00 15.96 ? 425 ILE A CA    1 
ATOM   1194 C C     . ILE A 1 176 ? -1.941  7.983   7.556   1.00 17.81 ? 425 ILE A C     1 
ATOM   1195 O O     . ILE A 1 176 ? -2.998  8.509   7.885   1.00 16.99 ? 425 ILE A O     1 
ATOM   1196 C CB    . ILE A 1 176 ? -1.300  9.452   5.656   1.00 14.95 ? 425 ILE A CB    1 
ATOM   1197 C CG1   . ILE A 1 176 ? -0.701  9.543   4.213   1.00 14.42 ? 425 ILE A CG1   1 
ATOM   1198 C CG2   . ILE A 1 176 ? -0.442  10.158  6.692   1.00 14.47 ? 425 ILE A CG2   1 
ATOM   1199 C CD1   . ILE A 1 176 ? 0.685   8.778   4.018   1.00 8.54  ? 425 ILE A CD1   1 
ATOM   1200 N N     . PHE A 1 177 ? -1.095  7.453   8.448   1.00 19.56 ? 426 PHE A N     1 
ATOM   1201 C CA    . PHE A 1 177 ? -1.418  7.387   9.900   1.00 20.38 ? 426 PHE A CA    1 
ATOM   1202 C C     . PHE A 1 177 ? -0.788  8.572   10.651  1.00 21.25 ? 426 PHE A C     1 
ATOM   1203 O O     . PHE A 1 177 ? -1.400  9.098   11.559  1.00 20.43 ? 426 PHE A O     1 
ATOM   1204 C CB    . PHE A 1 177 ? -0.962  6.038   10.493  1.00 19.93 ? 426 PHE A CB    1 
ATOM   1205 C CG    . PHE A 1 177 ? -1.537  5.736   11.851  1.00 21.91 ? 426 PHE A CG    1 
ATOM   1206 C CD1   . PHE A 1 177 ? -2.825  5.174   11.980  1.00 22.10 ? 426 PHE A CD1   1 
ATOM   1207 C CD2   . PHE A 1 177 ? -0.785  5.989   13.014  1.00 24.30 ? 426 PHE A CD2   1 
ATOM   1208 C CE1   . PHE A 1 177 ? -3.380  4.919   13.238  1.00 23.33 ? 426 PHE A CE1   1 
ATOM   1209 C CE2   . PHE A 1 177 ? -1.341  5.744   14.303  1.00 24.52 ? 426 PHE A CE2   1 
ATOM   1210 C CZ    . PHE A 1 177 ? -2.642  5.196   14.405  1.00 22.99 ? 426 PHE A CZ    1 
ATOM   1211 N N     . GLN A 1 178 ? 0.427   8.967   10.263  1.00 22.79 ? 427 GLN A N     1 
ATOM   1212 C CA    . GLN A 1 178 ? 1.120   10.132  10.819  1.00 25.13 ? 427 GLN A CA    1 
ATOM   1213 C C     . GLN A 1 178 ? 0.756   11.349  9.995   1.00 26.11 ? 427 GLN A C     1 
ATOM   1214 O O     . GLN A 1 178 ? 1.227   11.487  8.881   1.00 26.42 ? 427 GLN A O     1 
ATOM   1215 C CB    . GLN A 1 178 ? 2.641   9.969   10.764  1.00 25.19 ? 427 GLN A CB    1 
ATOM   1216 C CG    . GLN A 1 178 ? 3.194   8.837   11.543  1.00 27.95 ? 427 GLN A CG    1 
ATOM   1217 C CD    . GLN A 1 178 ? 4.698   8.696   11.329  1.00 33.57 ? 427 GLN A CD    1 
ATOM   1218 O OE1   . GLN A 1 178 ? 5.489   9.499   11.852  1.00 37.73 ? 427 GLN A OE1   1 
ATOM   1219 N NE2   . GLN A 1 178 ? 5.108   7.667   10.560  1.00 34.20 ? 427 GLN A NE2   1 
ATOM   1220 N N     . PRO A 1 179 ? -0.075  12.252  10.532  1.00 27.83 ? 428 PRO A N     1 
ATOM   1221 C CA    . PRO A 1 179 ? -0.594  13.378  9.710   1.00 28.24 ? 428 PRO A CA    1 
ATOM   1222 C C     . PRO A 1 179 ? 0.485   14.268  9.120   1.00 27.38 ? 428 PRO A C     1 
ATOM   1223 O O     . PRO A 1 179 ? 0.276   14.901  8.094   1.00 26.09 ? 428 PRO A O     1 
ATOM   1224 C CB    . PRO A 1 179 ? -1.418  14.211  10.706  1.00 29.23 ? 428 PRO A CB    1 
ATOM   1225 C CG    . PRO A 1 179 ? -1.650  13.303  11.880  1.00 29.93 ? 428 PRO A CG    1 
ATOM   1226 C CD    . PRO A 1 179 ? -0.434  12.392  11.947  1.00 29.18 ? 428 PRO A CD    1 
ATOM   1227 N N     . GLU A 1 180 ? 1.602   14.346  9.820   1.00 26.77 ? 429 GLU A N     1 
ATOM   1228 C CA    . GLU A 1 180 ? 2.767   15.053  9.345   1.00 27.54 ? 429 GLU A CA    1 
ATOM   1229 C C     . GLU A 1 180 ? 3.184   14.612  7.904   1.00 25.75 ? 429 GLU A C     1 
ATOM   1230 O O     . GLU A 1 180 ? 3.673   15.405  7.136   1.00 24.98 ? 429 GLU A O     1 
ATOM   1231 C CB    . GLU A 1 180 ? 3.901   14.826  10.362  1.00 29.15 ? 429 GLU A CB    1 
ATOM   1232 C CG    . GLU A 1 180 ? 4.972   15.907  10.385  1.00 34.89 ? 429 GLU A CG    1 
ATOM   1233 C CD    . GLU A 1 180 ? 5.714   16.001  11.739  1.00 42.83 ? 429 GLU A CD    1 
ATOM   1234 O OE1   . GLU A 1 180 ? 6.958   16.190  11.737  1.00 46.56 ? 429 GLU A OE1   1 
ATOM   1235 O OE2   . GLU A 1 180 ? 5.053   15.898  12.809  1.00 48.56 ? 429 GLU A OE2   1 
ATOM   1236 N N     . LEU A 1 181 ? 2.959   13.352  7.543   1.00 23.53 ? 430 LEU A N     1 
ATOM   1237 C CA    . LEU A 1 181 ? 3.361   12.872  6.236   1.00 22.48 ? 430 LEU A CA    1 
ATOM   1238 C C     . LEU A 1 181 ? 2.418   13.273  5.126   1.00 21.50 ? 430 LEU A C     1 
ATOM   1239 O O     . LEU A 1 181 ? 2.765   13.132  3.954   1.00 20.50 ? 430 LEU A O     1 
ATOM   1240 C CB    . LEU A 1 181 ? 3.515   11.361  6.204   1.00 21.75 ? 430 LEU A CB    1 
ATOM   1241 C CG    . LEU A 1 181 ? 4.427   10.746  7.265   1.00 23.15 ? 430 LEU A CG    1 
ATOM   1242 C CD1   . LEU A 1 181 ? 4.512   9.221   6.985   1.00 21.72 ? 430 LEU A CD1   1 
ATOM   1243 C CD2   . LEU A 1 181 ? 5.814   11.400  7.324   1.00 19.77 ? 430 LEU A CD2   1 
ATOM   1244 N N     . LEU A 1 182 ? 1.235   13.762  5.486   1.00 19.83 ? 431 LEU A N     1 
ATOM   1245 C CA    . LEU A 1 182 ? 0.239   14.141  4.488   1.00 19.90 ? 431 LEU A CA    1 
ATOM   1246 C C     . LEU A 1 182 ? 0.776   15.234  3.574   1.00 19.73 ? 431 LEU A C     1 
ATOM   1247 O O     . LEU A 1 182 ? 0.688   15.158  2.339   1.00 19.53 ? 431 LEU A O     1 
ATOM   1248 C CB    . LEU A 1 182 ? -1.094  14.583  5.145   1.00 19.32 ? 431 LEU A CB    1 
ATOM   1249 C CG    . LEU A 1 182 ? -2.349  14.518  4.271   1.00 18.63 ? 431 LEU A CG    1 
ATOM   1250 C CD1   . LEU A 1 182 ? -2.807  13.111  3.923   1.00 13.11 ? 431 LEU A CD1   1 
ATOM   1251 C CD2   . LEU A 1 182 ? -3.504  15.314  4.961   1.00 19.61 ? 431 LEU A CD2   1 
ATOM   1252 N N     . ASN A 1 183 ? 1.352   16.252  4.157   1.00 20.69 ? 432 ASN A N     1 
ATOM   1253 C CA    . ASN A 1 183 ? 1.845   17.320  3.320   1.00 21.80 ? 432 ASN A CA    1 
ATOM   1254 C C     . ASN A 1 183 ? 3.139   16.992  2.587   1.00 20.43 ? 432 ASN A C     1 
ATOM   1255 O O     . ASN A 1 183 ? 3.389   17.544  1.519   1.00 17.49 ? 432 ASN A O     1 
ATOM   1256 C CB    . ASN A 1 183 ? 1.812   18.663  4.051   1.00 23.14 ? 432 ASN A CB    1 
ATOM   1257 C CG    . ASN A 1 183 ? 0.507   19.448  3.717   1.00 29.08 ? 432 ASN A CG    1 
ATOM   1258 O OD1   . ASN A 1 183 ? -0.649  19.007  4.027   1.00 29.91 ? 432 ASN A OD1   1 
ATOM   1259 N ND2   . ASN A 1 183 ? 0.684   20.559  2.962   1.00 33.96 ? 432 ASN A ND2   1 
ATOM   1260 N N     . ILE A 1 184 ? 3.897   16.012  3.094   1.00 20.15 ? 433 ILE A N     1 
ATOM   1261 C CA    . ILE A 1 184 ? 5.034   15.495  2.333   1.00 19.30 ? 433 ILE A CA    1 
ATOM   1262 C C     . ILE A 1 184 ? 4.521   14.813  1.055   1.00 19.89 ? 433 ILE A C     1 
ATOM   1263 O O     . ILE A 1 184 ? 5.095   14.984  -0.050  1.00 19.69 ? 433 ILE A O     1 
ATOM   1264 C CB    . ILE A 1 184 ? 5.864   14.557  3.171   1.00 19.98 ? 433 ILE A CB    1 
ATOM   1265 C CG1   . ILE A 1 184 ? 6.586   15.381  4.248   1.00 21.83 ? 433 ILE A CG1   1 
ATOM   1266 C CG2   . ILE A 1 184 ? 6.847   13.771  2.324   1.00 19.89 ? 433 ILE A CG2   1 
ATOM   1267 C CD1   . ILE A 1 184 ? 7.436   14.596  5.212   1.00 21.61 ? 433 ILE A CD1   1 
ATOM   1268 N N     . PHE A 1 185 ? 3.441   14.049  1.179   1.00 19.14 ? 434 PHE A N     1 
ATOM   1269 C CA    . PHE A 1 185 ? 2.869   13.385  0.013   1.00 19.00 ? 434 PHE A CA    1 
ATOM   1270 C C     . PHE A 1 185 ? 2.307   14.396  -0.971  1.00 19.36 ? 434 PHE A C     1 
ATOM   1271 O O     . PHE A 1 185 ? 2.565   14.282  -2.195  1.00 19.46 ? 434 PHE A O     1 
ATOM   1272 C CB    . PHE A 1 185 ? 1.852   12.324  0.403   1.00 18.17 ? 434 PHE A CB    1 
ATOM   1273 C CG    . PHE A 1 185 ? 2.469   10.976  0.645   1.00 18.86 ? 434 PHE A CG    1 
ATOM   1274 C CD1   . PHE A 1 185 ? 3.200   10.722  1.795   1.00 19.58 ? 434 PHE A CD1   1 
ATOM   1275 C CD2   . PHE A 1 185 ? 2.403   9.989   -0.317  1.00 19.91 ? 434 PHE A CD2   1 
ATOM   1276 C CE1   . PHE A 1 185 ? 3.772   9.507   2.017   1.00 20.62 ? 434 PHE A CE1   1 
ATOM   1277 C CE2   . PHE A 1 185 ? 2.966   8.747   -0.095  1.00 18.60 ? 434 PHE A CE2   1 
ATOM   1278 C CZ    . PHE A 1 185 ? 3.647   8.502   1.055   1.00 20.85 ? 434 PHE A CZ    1 
ATOM   1279 N N     . TYR A 1 186 ? 1.618   15.420  -0.467  1.00 19.62 ? 435 TYR A N     1 
ATOM   1280 C CA    . TYR A 1 186 ? 1.127   16.486  -1.360  1.00 19.93 ? 435 TYR A CA    1 
ATOM   1281 C C     . TYR A 1 186 ? 2.243   17.119  -2.152  1.00 19.22 ? 435 TYR A C     1 
ATOM   1282 O O     . TYR A 1 186 ? 2.130   17.262  -3.366  1.00 19.56 ? 435 TYR A O     1 
ATOM   1283 C CB    . TYR A 1 186 ? 0.294   17.569  -0.630  1.00 20.15 ? 435 TYR A CB    1 
ATOM   1284 C CG    . TYR A 1 186 ? -0.008  18.778  -1.499  1.00 22.60 ? 435 TYR A CG    1 
ATOM   1285 C CD1   . TYR A 1 186 ? 0.549   20.021  -1.217  1.00 23.68 ? 435 TYR A CD1   1 
ATOM   1286 C CD2   . TYR A 1 186 ? -0.826  18.667  -2.628  1.00 24.88 ? 435 TYR A CD2   1 
ATOM   1287 C CE1   . TYR A 1 186 ? 0.306   21.140  -2.051  1.00 26.58 ? 435 TYR A CE1   1 
ATOM   1288 C CE2   . TYR A 1 186 ? -1.085  19.786  -3.456  1.00 26.65 ? 435 TYR A CE2   1 
ATOM   1289 C CZ    . TYR A 1 186 ? -0.501  21.011  -3.151  1.00 27.73 ? 435 TYR A CZ    1 
ATOM   1290 O OH    . TYR A 1 186 ? -0.734  22.112  -3.944  1.00 34.79 ? 435 TYR A OH    1 
ATOM   1291 N N     . ASP A 1 187 ? 3.326   17.492  -1.502  1.00 20.15 ? 436 ASP A N     1 
ATOM   1292 C CA    . ASP A 1 187 ? 4.415   18.135  -2.225  1.00 21.93 ? 436 ASP A CA    1 
ATOM   1293 C C     . ASP A 1 187 ? 4.934   17.310  -3.389  1.00 21.83 ? 436 ASP A C     1 
ATOM   1294 O O     . ASP A 1 187 ? 5.348   17.863  -4.406  1.00 22.78 ? 436 ASP A O     1 
ATOM   1295 C CB    . ASP A 1 187 ? 5.595   18.376  -1.313  1.00 23.02 ? 436 ASP A CB    1 
ATOM   1296 C CG    . ASP A 1 187 ? 5.359   19.474  -0.317  1.00 26.81 ? 436 ASP A CG    1 
ATOM   1297 O OD1   . ASP A 1 187 ? 4.379   20.256  -0.432  1.00 30.15 ? 436 ASP A OD1   1 
ATOM   1298 O OD2   . ASP A 1 187 ? 6.173   19.544  0.626   1.00 33.58 ? 436 ASP A OD2   1 
ATOM   1299 N N     . SER A 1 188 ? 4.970   15.987  -3.220  1.00 21.07 ? 437 SER A N     1 
ATOM   1300 C CA    . SER A 1 188 ? 5.426   15.116  -4.282  1.00 21.03 ? 437 SER A CA    1 
ATOM   1301 C C     . SER A 1 188 ? 4.383   14.982  -5.422  1.00 20.70 ? 437 SER A C     1 
ATOM   1302 O O     . SER A 1 188 ? 4.742   14.908  -6.602  1.00 20.39 ? 437 SER A O     1 
ATOM   1303 C CB    . SER A 1 188 ? 5.764   13.740  -3.703  1.00 21.01 ? 437 SER A CB    1 
ATOM   1304 O OG    . SER A 1 188 ? 6.178   12.882  -4.738  1.00 22.68 ? 437 SER A OG    1 
ATOM   1305 N N     . MET A 1 189 ? 3.101   14.961  -5.065  1.00 20.20 ? 438 MET A N     1 
ATOM   1306 C CA    . MET A 1 189 ? 2.014   14.958  -6.054  1.00 20.81 ? 438 MET A CA    1 
ATOM   1307 C C     . MET A 1 189 ? 2.014   16.234  -6.895  1.00 21.30 ? 438 MET A C     1 
ATOM   1308 O O     . MET A 1 189 ? 1.883   16.180  -8.111  1.00 20.67 ? 438 MET A O     1 
ATOM   1309 C CB    . MET A 1 189 ? 0.642   14.852  -5.364  1.00 20.58 ? 438 MET A CB    1 
ATOM   1310 C CG    . MET A 1 189 ? 0.437   13.596  -4.578  1.00 19.83 ? 438 MET A CG    1 
ATOM   1311 S SD    . MET A 1 189 ? -1.038  13.683  -3.579  1.00 19.59 ? 438 MET A SD    1 
ATOM   1312 C CE    . MET A 1 189 ? -2.322  13.127  -4.682  1.00 22.27 ? 438 MET A CE    1 
ATOM   1313 N N     . LYS A 1 190 ? 2.162   17.376  -6.234  1.00 22.64 ? 439 LYS A N     1 
ATOM   1314 C CA    . LYS A 1 190 ? 2.022   18.646  -6.906  1.00 24.35 ? 439 LYS A CA    1 
ATOM   1315 C C     . LYS A 1 190 ? 3.067   18.883  -8.005  1.00 25.34 ? 439 LYS A C     1 
ATOM   1316 O O     . LYS A 1 190 ? 2.812   19.668  -8.912  1.00 23.27 ? 439 LYS A O     1 
ATOM   1317 C CB    . LYS A 1 190 ? 2.013   19.819  -5.926  1.00 25.00 ? 439 LYS A CB    1 
ATOM   1318 C CG    . LYS A 1 190 ? 3.395   20.332  -5.508  1.00 28.36 ? 439 LYS A CG    1 
ATOM   1319 C CD    . LYS A 1 190 ? 3.281   21.441  -4.446  1.00 31.80 ? 439 LYS A CD    1 
ATOM   1320 C CE    . LYS A 1 190 ? 4.668   21.812  -3.852  1.00 33.48 ? 439 LYS A CE    1 
ATOM   1321 N NZ    . LYS A 1 190 ? 4.495   22.427  -2.520  1.00 36.03 ? 439 LYS A NZ    1 
ATOM   1322 N N     . LYS A 1 191 ? 4.219   18.203  -7.914  1.00 26.49 ? 440 LYS A N     1 
ATOM   1323 C CA    . LYS A 1 191 ? 5.262   18.301  -8.937  1.00 27.52 ? 440 LYS A CA    1 
ATOM   1324 C C     . LYS A 1 191 ? 4.788   17.664  -10.232 1.00 28.28 ? 440 LYS A C     1 
ATOM   1325 O O     . LYS A 1 191 ? 5.342   17.924  -11.278 1.00 28.74 ? 440 LYS A O     1 
ATOM   1326 C CB    . LYS A 1 191 ? 6.572   17.592  -8.519  1.00 27.45 ? 440 LYS A CB    1 
ATOM   1327 C CG    . LYS A 1 191 ? 7.155   17.969  -7.185  1.00 28.08 ? 440 LYS A CG    1 
ATOM   1328 C CD    . LYS A 1 191 ? 7.576   19.395  -7.127  1.00 33.09 ? 440 LYS A CD    1 
ATOM   1329 C CE    . LYS A 1 191 ? 8.337   19.702  -5.803  1.00 36.17 ? 440 LYS A CE    1 
ATOM   1330 N NZ    . LYS A 1 191 ? 7.409   19.773  -4.601  1.00 39.91 ? 440 LYS A NZ    1 
ATOM   1331 N N     . ARG A 1 192 ? 3.776   16.821  -10.180 1.00 29.30 ? 441 ARG A N     1 
ATOM   1332 C CA    . ARG A 1 192 ? 3.248   16.225  -11.409 1.00 30.66 ? 441 ARG A CA    1 
ATOM   1333 C C     . ARG A 1 192 ? 2.090   16.981  -12.086 1.00 32.36 ? 441 ARG A C     1 
ATOM   1334 O O     . ARG A 1 192 ? 1.733   16.650  -13.224 1.00 32.32 ? 441 ARG A O     1 
ATOM   1335 C CB    . ARG A 1 192 ? 2.760   14.818  -11.112 1.00 30.10 ? 441 ARG A CB    1 
ATOM   1336 C CG    . ARG A 1 192 ? 3.776   13.932  -10.456 1.00 29.50 ? 441 ARG A CG    1 
ATOM   1337 C CD    . ARG A 1 192 ? 5.000   13.706  -11.323 1.00 28.76 ? 441 ARG A CD    1 
ATOM   1338 N NE    . ARG A 1 192 ? 5.920   12.774  -10.657 1.00 26.74 ? 441 ARG A NE    1 
ATOM   1339 C CZ    . ARG A 1 192 ? 6.731   11.924  -11.287 1.00 24.18 ? 441 ARG A CZ    1 
ATOM   1340 N NH1   . ARG A 1 192 ? 6.745   11.865  -12.610 1.00 20.44 ? 441 ARG A NH1   1 
ATOM   1341 N NH2   . ARG A 1 192 ? 7.518   11.107  -10.580 1.00 22.28 ? 441 ARG A NH2   1 
ATOM   1342 N N     . ASP A 1 193 ? 1.523   17.974  -11.396 1.00 34.83 ? 442 ASP A N     1 
ATOM   1343 C CA    . ASP A 1 193 ? 0.231   18.626  -11.741 1.00 37.04 ? 442 ASP A CA    1 
ATOM   1344 C C     . ASP A 1 193 ? 0.402   19.708  -12.818 1.00 39.48 ? 442 ASP A C     1 
ATOM   1345 O O     . ASP A 1 193 ? 1.406   20.435  -12.815 1.00 39.79 ? 442 ASP A O     1 
ATOM   1346 C CB    . ASP A 1 193 ? -0.373  19.233  -10.460 1.00 37.02 ? 442 ASP A CB    1 
ATOM   1347 C CG    . ASP A 1 193 ? -1.641  20.073  -10.701 1.00 38.42 ? 442 ASP A CG    1 
ATOM   1348 O OD1   . ASP A 1 193 ? -2.502  19.698  -11.527 1.00 36.48 ? 442 ASP A OD1   1 
ATOM   1349 O OD2   . ASP A 1 193 ? -1.783  21.115  -10.003 1.00 42.02 ? 442 ASP A OD2   1 
ATOM   1350 N N     . LEU A 1 194 ? -0.608  19.836  -13.699 1.00 41.92 ? 443 LEU A N     1 
ATOM   1351 C CA    . LEU A 1 194 ? -0.563  20.735  -14.902 1.00 43.18 ? 443 LEU A CA    1 
ATOM   1352 C C     . LEU A 1 194 ? -1.572  21.901  -14.900 1.00 43.59 ? 443 LEU A C     1 
ATOM   1353 O O     . LEU A 1 194 ? -2.590  21.855  -14.203 1.00 44.87 ? 443 LEU A O     1 
ATOM   1354 C CB    . LEU A 1 194 ? -0.784  19.888  -16.148 1.00 43.24 ? 443 LEU A CB    1 
ATOM   1355 C CG    . LEU A 1 194 ? 0.440   19.032  -16.503 1.00 44.19 ? 443 LEU A CG    1 
ATOM   1356 C CD1   . LEU A 1 194 ? 0.099   17.569  -16.801 1.00 43.54 ? 443 LEU A CD1   1 
ATOM   1357 C CD2   . LEU A 1 194 ? 1.127   19.688  -17.681 1.00 43.89 ? 443 LEU A CD2   1 
HETATM 1358 N N1    . AR6 B 2 .   ? -2.744  2.455   8.985   1.00 16.41 ? 800 AR6 A N1    1 
HETATM 1359 C C2    . AR6 B 2 .   ? -1.963  2.981   8.076   1.00 13.23 ? 800 AR6 A C2    1 
HETATM 1360 N N3    . AR6 B 2 .   ? -0.681  3.248   8.316   1.00 16.44 ? 800 AR6 A N3    1 
HETATM 1361 C C4    . AR6 B 2 .   ? -0.164  2.986   9.516   1.00 13.99 ? 800 AR6 A C4    1 
HETATM 1362 C C5    . AR6 B 2 .   ? -0.954  2.433   10.522  1.00 15.02 ? 800 AR6 A C5    1 
HETATM 1363 C C6    . AR6 B 2 .   ? -2.273  2.169   10.224  1.00 14.37 ? 800 AR6 A C6    1 
HETATM 1364 N N6    . AR6 B 2 .   ? -3.093  1.640   11.090  1.00 12.51 ? 800 AR6 A N6    1 
HETATM 1365 N N7    . AR6 B 2 .   ? -0.186  2.279   11.592  1.00 15.32 ? 800 AR6 A N7    1 
HETATM 1366 C C8    . AR6 B 2 .   ? 1.022   2.756   11.312  1.00 15.26 ? 800 AR6 A C8    1 
HETATM 1367 N N9    . AR6 B 2 .   ? 1.028   3.183   10.028  1.00 17.20 ? 800 AR6 A N9    1 
HETATM 1368 P PA    . AR6 B 2 .   ? 5.868   0.411   10.099  1.00 17.06 ? 800 AR6 A PA    1 
HETATM 1369 P PB    . AR6 B 2 .   ? 7.801   -0.016  8.003   1.00 19.07 ? 800 AR6 A PB    1 
HETATM 1370 C "C1'" . AR6 B 2 .   ? 2.178   3.763   9.304   1.00 17.09 ? 800 AR6 A "C1'" 1 
HETATM 1371 O O1A   . AR6 B 2 .   ? 4.679   -0.391  10.361  1.00 19.92 ? 800 AR6 A O1A   1 
HETATM 1372 O O1B   . AR6 B 2 .   ? 7.465   -0.394  6.574   1.00 18.06 ? 800 AR6 A O1B   1 
HETATM 1373 C C1D   . AR6 B 2 .   ? 11.729  -3.061  7.550   1.00 30.86 ? 800 AR6 A C1D   1 
HETATM 1374 O O1D   . AR6 B 2 .   ? 12.384  -4.283  7.219   1.00 35.08 ? 800 AR6 A O1D   1 
HETATM 1375 C "C2'" . AR6 B 2 .   ? 3.299   4.182   10.201  1.00 20.97 ? 800 AR6 A "C2'" 1 
HETATM 1376 O "O2'" . AR6 B 2 .   ? 2.961   5.393   10.894  1.00 23.91 ? 800 AR6 A "O2'" 1 
HETATM 1377 O O2A   . AR6 B 2 .   ? 6.910   0.701   11.129  1.00 17.16 ? 800 AR6 A O2A   1 
HETATM 1378 O O2B   . AR6 B 2 .   ? 8.432   1.245   8.342   1.00 16.12 ? 800 AR6 A O2B   1 
HETATM 1379 C C2D   . AR6 B 2 .   ? 11.982  -2.852  9.030   1.00 31.49 ? 800 AR6 A C2D   1 
HETATM 1380 O O2D   . AR6 B 2 .   ? 12.663  -3.993  9.503   1.00 35.81 ? 800 AR6 A O2D   1 
HETATM 1381 C "C3'" . AR6 B 2 .   ? 4.373   4.418   9.152   1.00 19.28 ? 800 AR6 A "C3'" 1 
HETATM 1382 O "O3'" . AR6 B 2 .   ? 4.187   5.696   8.543   1.00 21.79 ? 800 AR6 A "O3'" 1 
HETATM 1383 O O3A   . AR6 B 2 .   ? 6.440   -0.311  8.768   1.00 16.43 ? 800 AR6 A O3A   1 
HETATM 1384 C C3D   . AR6 B 2 .   ? 10.590  -2.810  9.645   1.00 28.92 ? 800 AR6 A C3D   1 
HETATM 1385 O O3D   . AR6 B 2 .   ? 10.569  -3.621  10.804  1.00 29.83 ? 800 AR6 A O3D   1 
HETATM 1386 C "C4'" . AR6 B 2 .   ? 4.065   3.316   8.151   1.00 17.51 ? 800 AR6 A "C4'" 1 
HETATM 1387 O "O4'" . AR6 B 2 .   ? 2.818   2.723   8.592   1.00 17.37 ? 800 AR6 A "O4'" 1 
HETATM 1388 C C4D   . AR6 B 2 .   ? 9.664   -3.411  8.599   1.00 24.80 ? 800 AR6 A C4D   1 
HETATM 1389 O O4D   . AR6 B 2 .   ? 10.320  -3.236  7.371   1.00 25.94 ? 800 AR6 A O4D   1 
HETATM 1390 C "C5'" . AR6 B 2 .   ? 5.081   2.153   8.189   1.00 18.04 ? 800 AR6 A "C5'" 1 
HETATM 1391 O "O5'" . AR6 B 2 .   ? 5.426   1.870   9.542   1.00 20.07 ? 800 AR6 A "O5'" 1 
HETATM 1392 C C5D   . AR6 B 2 .   ? 8.370   -2.535  8.507   1.00 22.08 ? 800 AR6 A C5D   1 
HETATM 1393 O O5D   . AR6 B 2 .   ? 8.740   -1.177  8.538   1.00 18.51 ? 800 AR6 A O5D   1 
HETATM 1394 O O     . HOH C 3 .   ? 1.625   6.956   7.978   1.00 14.17 ? 1   HOH A O     1 
HETATM 1395 O O     . HOH C 3 .   ? 0.689   4.921   6.386   1.00 17.13 ? 2   HOH A O     1 
HETATM 1396 O O     . HOH C 3 .   ? 6.838   13.634  -7.786  1.00 16.06 ? 3   HOH A O     1 
HETATM 1397 O O     . HOH C 3 .   ? 8.377   16.305  -2.902  1.00 26.51 ? 4   HOH A O     1 
HETATM 1398 O O     . HOH C 3 .   ? -12.817 2.261   2.293   1.00 26.69 ? 5   HOH A O     1 
HETATM 1399 O O     . HOH C 3 .   ? 15.811  -3.474  -2.499  1.00 25.02 ? 6   HOH A O     1 
HETATM 1400 O O     . HOH C 3 .   ? 2.273   -15.650 -1.743  1.00 19.13 ? 7   HOH A O     1 
HETATM 1401 O O     . HOH C 3 .   ? 4.656   -3.226  10.061  1.00 14.15 ? 8   HOH A O     1 
HETATM 1402 O O     . HOH C 3 .   ? 12.511  -17.932 -0.643  1.00 24.76 ? 9   HOH A O     1 
HETATM 1403 O O     . HOH C 3 .   ? 13.131  2.651   -0.995  1.00 24.34 ? 10  HOH A O     1 
HETATM 1404 O O     . HOH C 3 .   ? 11.119  7.714   8.451   1.00 27.21 ? 11  HOH A O     1 
HETATM 1405 O O     . HOH C 3 .   ? 14.647  5.531   -2.829  0.50 9.45  ? 12  HOH A O     1 
HETATM 1406 O O     . HOH C 3 .   ? 10.068  -6.167  -4.051  1.00 44.77 ? 13  HOH A O     1 
HETATM 1407 O O     . HOH C 3 .   ? -9.961  3.870   -2.485  1.00 25.12 ? 14  HOH A O     1 
HETATM 1408 O O     . HOH C 3 .   ? 13.420  -7.353  7.552   1.00 24.90 ? 15  HOH A O     1 
HETATM 1409 O O     . HOH C 3 .   ? -11.009 -3.459  6.064   1.00 22.71 ? 16  HOH A O     1 
HETATM 1410 O O     . HOH C 3 .   ? -9.819  5.162   9.004   1.00 29.06 ? 17  HOH A O     1 
HETATM 1411 O O     . HOH C 3 .   ? -8.419  4.290   5.970   1.00 22.19 ? 18  HOH A O     1 
HETATM 1412 O O     . HOH C 3 .   ? 1.867   -1.010  16.978  1.00 31.10 ? 19  HOH A O     1 
HETATM 1413 O O     . HOH C 3 .   ? 5.507   -19.214 0.141   1.00 24.65 ? 20  HOH A O     1 
HETATM 1414 O O     . HOH C 3 .   ? -12.942 -1.225  -5.648  1.00 37.52 ? 21  HOH A O     1 
HETATM 1415 O O     . HOH C 3 .   ? 17.211  0.576   -5.138  1.00 17.80 ? 22  HOH A O     1 
HETATM 1416 O O     . HOH C 3 .   ? -9.878  6.579   -12.394 1.00 30.58 ? 23  HOH A O     1 
HETATM 1417 O O     . HOH C 3 .   ? 9.609   -2.081  -0.056  1.00 22.01 ? 24  HOH A O     1 
HETATM 1418 O O     . HOH C 3 .   ? -10.713 3.727   0.051   1.00 20.40 ? 25  HOH A O     1 
HETATM 1419 O O     . HOH C 3 .   ? 10.072  -11.002 -5.949  1.00 48.86 ? 26  HOH A O     1 
HETATM 1420 O O     . HOH C 3 .   ? 10.780  6.052   10.484  1.00 34.45 ? 27  HOH A O     1 
HETATM 1421 O O     . HOH C 3 .   ? 11.538  -4.115  -3.909  1.00 34.20 ? 28  HOH A O     1 
HETATM 1422 O O     . HOH C 3 .   ? 10.794  -5.806  12.510  1.00 43.02 ? 29  HOH A O     1 
HETATM 1423 O O     . HOH C 3 .   ? -8.323  6.971   5.000   1.00 28.67 ? 30  HOH A O     1 
HETATM 1424 O O     . HOH C 3 .   ? 8.778   -4.563  -9.688  1.00 28.92 ? 31  HOH A O     1 
HETATM 1425 O O     . HOH C 3 .   ? 8.259   17.996  1.284   1.00 28.25 ? 32  HOH A O     1 
HETATM 1426 O O     . HOH C 3 .   ? -11.890 -10.966 3.428   1.00 39.12 ? 33  HOH A O     1 
HETATM 1427 O O     . HOH C 3 .   ? -9.380  2.583   13.215  1.00 30.83 ? 34  HOH A O     1 
HETATM 1428 O O     . HOH C 3 .   ? 0.725   17.270  6.775   1.00 21.94 ? 35  HOH A O     1 
HETATM 1429 O O     . HOH C 3 .   ? -0.616  -9.868  20.072  1.00 40.48 ? 36  HOH A O     1 
HETATM 1430 O O     . HOH C 3 .   ? 5.164   -0.232  -14.452 1.00 32.90 ? 37  HOH A O     1 
HETATM 1431 O O     . HOH C 3 .   ? 10.763  -10.470 1.666   1.00 40.43 ? 38  HOH A O     1 
HETATM 1432 O O     . HOH C 3 .   ? 8.120   7.794   11.677  1.00 42.81 ? 39  HOH A O     1 
HETATM 1433 O O     . HOH C 3 .   ? 8.557   1.953   -11.531 1.00 30.02 ? 40  HOH A O     1 
HETATM 1434 O O     . HOH C 3 .   ? -12.502 3.511   4.294   1.00 46.45 ? 41  HOH A O     1 
HETATM 1435 O O     . HOH C 3 .   ? -7.961  2.121   -2.938  1.00 28.42 ? 42  HOH A O     1 
HETATM 1436 O O     . HOH C 3 .   ? 0.447   23.304  -12.933 1.00 37.00 ? 43  HOH A O     1 
HETATM 1437 O O     . HOH C 3 .   ? -12.756 6.444   -4.568  1.00 36.52 ? 44  HOH A O     1 
HETATM 1438 O O     . HOH C 3 .   ? 5.819   1.686   13.518  1.00 27.04 ? 45  HOH A O     1 
HETATM 1439 O O     . HOH C 3 .   ? 3.395   2.948   13.616  1.00 28.43 ? 46  HOH A O     1 
HETATM 1440 O O     . HOH C 3 .   ? 16.155  0.160   0.070   1.00 29.30 ? 47  HOH A O     1 
HETATM 1441 O O     . HOH C 3 .   ? 6.809   -7.224  15.896  1.00 34.64 ? 48  HOH A O     1 
HETATM 1442 O O     . HOH C 3 .   ? -10.923 -10.615 -9.971  1.00 46.91 ? 49  HOH A O     1 
HETATM 1443 O O     . HOH C 3 .   ? -12.700 -7.041  -7.839  1.00 38.30 ? 50  HOH A O     1 
HETATM 1444 O O     . HOH C 3 .   ? 4.348   -21.979 -1.116  1.00 46.89 ? 51  HOH A O     1 
HETATM 1445 O O     . HOH C 3 .   ? -1.996  0.016   -22.525 1.00 37.77 ? 52  HOH A O     1 
HETATM 1446 O O     . HOH C 3 .   ? 8.352   11.306  -7.864  1.00 20.52 ? 53  HOH A O     1 
HETATM 1447 O O     . HOH C 3 .   ? 7.593   15.632  -0.588  1.00 23.04 ? 54  HOH A O     1 
HETATM 1448 O O     . HOH C 3 .   ? 11.081  15.445  -3.967  1.00 21.68 ? 55  HOH A O     1 
HETATM 1449 O O     . HOH C 3 .   ? 5.856   -15.754 -3.481  1.00 39.93 ? 56  HOH A O     1 
HETATM 1450 O O     . HOH C 3 .   ? 13.808  4.010   12.699  1.00 37.73 ? 57  HOH A O     1 
HETATM 1451 O O     . HOH C 3 .   ? 3.444   -8.740  9.361   1.00 20.96 ? 58  HOH A O     1 
HETATM 1452 O O     . HOH C 3 .   ? 4.974   -8.532  -9.781  1.00 31.17 ? 59  HOH A O     1 
HETATM 1453 O O     . HOH C 3 .   ? 5.576   0.817   -11.952 1.00 41.87 ? 60  HOH A O     1 
HETATM 1454 O O     . HOH C 3 .   ? 8.513   8.845   8.748   1.00 25.78 ? 61  HOH A O     1 
HETATM 1455 O O     . HOH C 3 .   ? -2.769  18.100  7.959   1.00 40.26 ? 62  HOH A O     1 
HETATM 1456 O O     . HOH C 3 .   ? -0.447  -0.468  15.522  1.00 21.73 ? 63  HOH A O     1 
HETATM 1457 O O     . HOH C 3 .   ? -5.840  2.307   14.538  1.00 24.64 ? 64  HOH A O     1 
HETATM 1458 O O     . HOH C 3 .   ? -8.982  11.078  5.686   1.00 28.67 ? 65  HOH A O     1 
HETATM 1459 O O     . HOH C 3 .   ? -10.170 8.557   3.083   1.00 40.60 ? 66  HOH A O     1 
HETATM 1460 O O     . HOH C 3 .   ? -6.658  -13.095 -6.443  1.00 36.66 ? 67  HOH A O     1 
HETATM 1461 O O     . HOH C 3 .   ? -3.990  -1.316  -20.232 1.00 38.37 ? 68  HOH A O     1 
HETATM 1462 O O     . HOH C 3 .   ? -1.053  1.876   14.468  1.00 25.05 ? 69  HOH A O     1 
HETATM 1463 O O     . HOH C 3 .   ? -3.357  1.347   13.941  1.00 29.85 ? 70  HOH A O     1 
HETATM 1464 O O     . HOH C 3 .   ? -4.313  -3.648  -18.618 1.00 38.57 ? 71  HOH A O     1 
HETATM 1465 O O     . HOH C 3 .   ? 0.092   -6.882  -14.699 1.00 51.61 ? 72  HOH A O     1 
HETATM 1466 O O     . HOH C 3 .   ? 11.940  -5.494  5.448   1.00 42.17 ? 73  HOH A O     1 
HETATM 1467 O O     . HOH C 3 .   ? -1.837  -2.535  -21.720 1.00 45.54 ? 74  HOH A O     1 
HETATM 1468 O O     . HOH C 3 .   ? 15.379  14.869  3.593   1.00 32.90 ? 75  HOH A O     1 
HETATM 1469 O O     . HOH C 3 .   ? 10.899  -2.538  -11.476 1.00 34.87 ? 76  HOH A O     1 
HETATM 1470 O O     . HOH C 3 .   ? 9.896   -1.384  -14.149 1.00 35.10 ? 77  HOH A O     1 
HETATM 1471 O O     . HOH C 3 .   ? -3.340  4.924   -17.537 1.00 35.24 ? 78  HOH A O     1 
HETATM 1472 O O     . HOH C 3 .   ? -13.850 -5.257  -0.636  1.00 32.36 ? 79  HOH A O     1 
HETATM 1473 O O     . HOH C 3 .   ? 5.946   -6.298  -3.898  1.00 36.12 ? 80  HOH A O     1 
HETATM 1474 O O     . HOH C 3 .   ? 3.863   5.768   13.299  1.00 29.02 ? 81  HOH A O     1 
HETATM 1475 O O     . HOH C 3 .   ? -4.840  -20.402 8.321   1.00 41.25 ? 82  HOH A O     1 
HETATM 1476 O O     . HOH C 3 .   ? -1.723  9.501   14.358  1.00 24.43 ? 83  HOH A O     1 
HETATM 1477 O O     . HOH C 3 .   ? -6.586  11.604  -17.025 1.00 35.30 ? 84  HOH A O     1 
HETATM 1478 O O     . HOH C 3 .   ? 10.907  -16.202 5.320   1.00 34.23 ? 85  HOH A O     1 
HETATM 1479 O O     . HOH C 3 .   ? -11.550 -6.947  11.505  1.00 36.73 ? 86  HOH A O     1 
HETATM 1480 O O     . HOH C 3 .   ? -5.605  13.830  -15.662 1.00 40.74 ? 87  HOH A O     1 
HETATM 1481 O O     . HOH C 3 .   ? 8.507   7.080   -13.218 1.00 37.94 ? 88  HOH A O     1 
HETATM 1482 O O     . HOH C 3 .   ? 12.936  -17.330 1.663   1.00 40.44 ? 89  HOH A O     1 
HETATM 1483 O O     . HOH C 3 .   ? 4.920   17.326  6.984   1.00 28.83 ? 90  HOH A O     1 
HETATM 1484 O O     . HOH C 3 .   ? -1.044  5.172   -21.132 1.00 38.24 ? 91  HOH A O     1 
HETATM 1485 O O     . HOH C 3 .   ? 14.726  -4.423  -4.100  1.00 29.46 ? 92  HOH A O     1 
HETATM 1486 O O     . HOH C 3 .   ? 13.388  -20.768 -0.099  1.00 31.58 ? 93  HOH A O     1 
HETATM 1487 O O     . HOH C 3 .   ? -13.652 -4.772  -3.005  1.00 44.35 ? 94  HOH A O     1 
HETATM 1488 O O     . HOH C 3 .   ? -9.553  11.844  -17.392 1.00 38.28 ? 95  HOH A O     1 
HETATM 1489 O O     . HOH C 3 .   ? 8.657   9.595   -12.920 1.00 33.40 ? 96  HOH A O     1 
# 
